data_2LCL
#
_entry.id   2LCL
#
_entity_poly.entity_id   1
_entity_poly.type   'polypeptide(L)'
_entity_poly.pdbx_seq_one_letter_code
;GAMGPKDIVDPATPYPGDKVIITEGAFEGFQAIFTEPDGEARSMLLLNLINKEIKHSVKNTEFRKL
;
_entity_poly.pdbx_strand_id   A
#
# COMPACT_ATOMS: atom_id res chain seq x y z
N GLY A 1 6.56 -19.14 7.82
CA GLY A 1 7.36 -20.35 7.48
C GLY A 1 8.37 -20.63 8.60
N ALA A 2 9.63 -20.67 8.26
CA ALA A 2 10.66 -20.93 9.31
C ALA A 2 10.63 -19.82 10.35
N MET A 3 10.87 -20.13 11.59
CA MET A 3 10.84 -19.09 12.65
C MET A 3 11.93 -18.05 12.35
N GLY A 4 13.06 -18.48 11.88
CA GLY A 4 14.16 -17.52 11.57
C GLY A 4 13.91 -16.89 10.20
N PRO A 5 14.33 -15.63 10.02
CA PRO A 5 14.15 -14.90 8.76
C PRO A 5 15.07 -15.45 7.66
N LYS A 6 14.55 -15.62 6.47
CA LYS A 6 15.39 -16.14 5.36
C LYS A 6 16.52 -15.16 5.06
N ASP A 7 16.26 -13.89 5.19
CA ASP A 7 17.32 -12.88 4.91
C ASP A 7 17.20 -11.73 5.91
N ILE A 8 18.05 -10.75 5.81
CA ILE A 8 17.97 -9.58 6.75
C ILE A 8 16.65 -8.86 6.55
N VAL A 9 16.25 -8.65 5.32
CA VAL A 9 14.96 -7.94 5.07
C VAL A 9 13.98 -8.90 4.38
N ASP A 10 12.79 -9.02 4.91
CA ASP A 10 11.79 -9.93 4.29
C ASP A 10 11.00 -9.18 3.21
N PRO A 11 10.29 -9.92 2.35
CA PRO A 11 9.50 -9.33 1.27
C PRO A 11 8.25 -8.60 1.81
N ALA A 12 8.45 -7.69 2.72
CA ALA A 12 7.29 -6.95 3.29
C ALA A 12 6.67 -6.07 2.20
N THR A 13 7.45 -5.67 1.23
CA THR A 13 6.90 -4.81 0.15
C THR A 13 5.70 -5.49 -0.49
N PRO A 14 4.52 -4.86 -0.41
CA PRO A 14 3.28 -5.41 -0.98
C PRO A 14 3.30 -5.38 -2.51
N TYR A 15 2.75 -6.39 -3.14
CA TYR A 15 2.73 -6.42 -4.63
C TYR A 15 1.65 -5.48 -5.15
N PRO A 16 1.74 -5.09 -6.42
CA PRO A 16 0.76 -4.18 -7.05
C PRO A 16 -0.59 -4.86 -7.23
N GLY A 17 -1.65 -4.23 -6.80
CA GLY A 17 -3.01 -4.84 -6.95
C GLY A 17 -3.47 -5.38 -5.60
N ASP A 18 -2.58 -5.48 -4.66
CA ASP A 18 -2.97 -6.00 -3.31
C ASP A 18 -3.86 -4.98 -2.60
N LYS A 19 -4.67 -5.42 -1.67
CA LYS A 19 -5.56 -4.47 -0.95
C LYS A 19 -4.80 -3.85 0.23
N VAL A 20 -4.98 -2.57 0.46
CA VAL A 20 -4.29 -1.92 1.60
C VAL A 20 -5.31 -1.19 2.48
N ILE A 21 -5.00 -1.01 3.73
CA ILE A 21 -5.96 -0.31 4.63
C ILE A 21 -5.27 0.91 5.25
N ILE A 22 -5.97 2.01 5.36
CA ILE A 22 -5.36 3.22 5.96
C ILE A 22 -5.65 3.26 7.46
N THR A 23 -4.69 3.64 8.25
CA THR A 23 -4.90 3.71 9.72
C THR A 23 -4.81 5.16 10.19
N GLU A 24 -4.37 6.04 9.35
CA GLU A 24 -4.26 7.47 9.75
C GLU A 24 -4.89 8.36 8.68
N GLY A 25 -5.30 9.54 9.04
CA GLY A 25 -5.92 10.45 8.03
C GLY A 25 -7.43 10.22 8.02
N ALA A 26 -8.18 11.14 7.48
CA ALA A 26 -9.66 10.99 7.43
C ALA A 26 -10.01 9.78 6.55
N PHE A 27 -9.06 9.29 5.80
CA PHE A 27 -9.34 8.12 4.92
C PHE A 27 -9.14 6.83 5.72
N GLU A 28 -9.02 6.92 7.01
CA GLU A 28 -8.82 5.70 7.84
C GLU A 28 -10.05 4.80 7.72
N GLY A 29 -9.84 3.51 7.60
CA GLY A 29 -10.99 2.59 7.48
C GLY A 29 -11.33 2.38 6.00
N PHE A 30 -10.62 3.04 5.11
CA PHE A 30 -10.91 2.88 3.66
C PHE A 30 -9.88 1.94 3.03
N GLN A 31 -10.30 1.08 2.16
CA GLN A 31 -9.34 0.14 1.50
C GLN A 31 -8.82 0.77 0.21
N ALA A 32 -7.59 0.50 -0.14
CA ALA A 32 -7.02 1.07 -1.39
C ALA A 32 -6.16 0.01 -2.08
N ILE A 33 -5.87 0.20 -3.35
CA ILE A 33 -5.03 -0.78 -4.07
C ILE A 33 -3.73 -0.11 -4.54
N PHE A 34 -2.62 -0.77 -4.36
CA PHE A 34 -1.33 -0.16 -4.79
C PHE A 34 -1.38 0.12 -6.29
N THR A 35 -1.54 1.36 -6.67
CA THR A 35 -1.60 1.70 -8.11
C THR A 35 -0.18 1.75 -8.69
N GLU A 36 0.78 2.13 -7.89
CA GLU A 36 2.18 2.19 -8.39
C GLU A 36 3.03 3.04 -7.43
N PRO A 37 3.69 2.38 -6.46
CA PRO A 37 4.53 3.07 -5.48
C PRO A 37 5.81 3.64 -6.11
N ASP A 38 6.07 4.90 -5.93
CA ASP A 38 7.29 5.50 -6.52
C ASP A 38 8.54 4.90 -5.86
N GLY A 39 8.40 4.42 -4.65
CA GLY A 39 9.58 3.83 -3.95
C GLY A 39 9.10 3.08 -2.70
N GLU A 40 10.01 2.51 -1.95
CA GLU A 40 9.60 1.78 -0.72
C GLU A 40 9.18 2.77 0.35
N ALA A 41 9.68 3.98 0.29
CA ALA A 41 9.30 4.99 1.31
C ALA A 41 7.88 5.49 1.04
N ARG A 42 7.60 5.90 -0.17
CA ARG A 42 6.23 6.39 -0.49
C ARG A 42 5.54 5.40 -1.42
N SER A 43 4.24 5.32 -1.36
CA SER A 43 3.50 4.37 -2.24
C SER A 43 2.23 5.04 -2.77
N MET A 44 1.73 4.58 -3.88
CA MET A 44 0.49 5.19 -4.45
C MET A 44 -0.69 4.23 -4.24
N LEU A 45 -1.69 4.66 -3.52
CA LEU A 45 -2.86 3.77 -3.29
C LEU A 45 -4.11 4.39 -3.92
N LEU A 46 -5.07 3.57 -4.27
CA LEU A 46 -6.31 4.11 -4.90
C LEU A 46 -7.45 4.06 -3.89
N LEU A 47 -8.09 5.18 -3.64
CA LEU A 47 -9.22 5.19 -2.66
C LEU A 47 -10.55 5.14 -3.42
N ASN A 48 -11.31 4.10 -3.22
CA ASN A 48 -12.61 3.99 -3.93
C ASN A 48 -13.67 4.78 -3.17
N LEU A 49 -14.40 5.63 -3.85
CA LEU A 49 -15.46 6.43 -3.17
C LEU A 49 -16.82 6.14 -3.81
N ILE A 50 -17.84 6.08 -3.03
CA ILE A 50 -19.19 5.80 -3.59
C ILE A 50 -19.46 6.73 -4.77
N ASN A 51 -18.90 7.91 -4.74
CA ASN A 51 -19.13 8.87 -5.86
C ASN A 51 -18.23 8.51 -7.04
N LYS A 52 -16.97 8.28 -6.79
CA LYS A 52 -16.04 7.92 -7.89
C LYS A 52 -14.71 7.42 -7.31
N GLU A 53 -13.87 6.85 -8.13
CA GLU A 53 -12.56 6.34 -7.62
C GLU A 53 -11.54 7.48 -7.68
N ILE A 54 -10.74 7.62 -6.66
CA ILE A 54 -9.72 8.71 -6.65
C ILE A 54 -8.33 8.11 -6.38
N LYS A 55 -7.31 8.72 -6.91
CA LYS A 55 -5.93 8.20 -6.68
C LYS A 55 -5.17 9.18 -5.79
N HIS A 56 -4.53 8.70 -4.77
CA HIS A 56 -3.77 9.61 -3.86
C HIS A 56 -2.47 8.94 -3.41
N SER A 57 -1.40 9.68 -3.34
CA SER A 57 -0.11 9.08 -2.90
C SER A 57 -0.01 9.16 -1.37
N VAL A 58 0.14 8.05 -0.71
CA VAL A 58 0.24 8.06 0.77
C VAL A 58 1.54 7.39 1.21
N LYS A 59 2.10 7.80 2.32
CA LYS A 59 3.36 7.18 2.80
C LYS A 59 3.06 5.81 3.42
N ASN A 60 3.99 4.90 3.36
CA ASN A 60 3.75 3.55 3.95
C ASN A 60 3.46 3.70 5.44
N THR A 61 3.91 4.77 6.04
CA THR A 61 3.67 4.98 7.50
C THR A 61 2.26 5.55 7.69
N GLU A 62 1.74 6.23 6.72
CA GLU A 62 0.37 6.81 6.85
C GLU A 62 -0.67 5.69 6.73
N PHE A 63 -0.34 4.62 6.06
CA PHE A 63 -1.31 3.50 5.91
C PHE A 63 -0.60 2.17 6.15
N ARG A 64 -1.33 1.10 6.23
CA ARG A 64 -0.70 -0.23 6.46
C ARG A 64 -1.30 -1.26 5.52
N LYS A 65 -0.61 -2.34 5.28
CA LYS A 65 -1.15 -3.39 4.37
C LYS A 65 -2.11 -4.30 5.13
N LEU A 66 -3.13 -4.79 4.48
CA LEU A 66 -4.09 -5.70 5.17
C LEU A 66 -3.33 -6.82 5.87
N GLY A 1 20.28 -15.81 -8.54
CA GLY A 1 20.42 -15.81 -7.06
C GLY A 1 19.04 -15.94 -6.42
N ALA A 2 18.21 -14.94 -6.56
CA ALA A 2 16.85 -15.00 -5.95
C ALA A 2 16.07 -16.16 -6.58
N MET A 3 16.32 -16.45 -7.84
CA MET A 3 15.59 -17.56 -8.51
C MET A 3 15.84 -18.86 -7.74
N GLY A 4 17.04 -19.05 -7.26
CA GLY A 4 17.35 -20.31 -6.51
C GLY A 4 16.60 -20.30 -5.17
N PRO A 5 16.17 -21.48 -4.72
CA PRO A 5 15.44 -21.63 -3.46
C PRO A 5 16.34 -21.38 -2.25
N LYS A 6 17.61 -21.62 -2.39
CA LYS A 6 18.54 -21.40 -1.25
C LYS A 6 18.41 -19.95 -0.75
N ASP A 7 18.29 -19.02 -1.65
CA ASP A 7 18.16 -17.60 -1.23
C ASP A 7 16.71 -17.32 -0.82
N ILE A 8 16.51 -16.57 0.22
CA ILE A 8 15.12 -16.26 0.68
C ILE A 8 14.98 -14.76 0.92
N VAL A 9 13.85 -14.20 0.60
CA VAL A 9 13.66 -12.74 0.82
C VAL A 9 12.30 -12.49 1.49
N ASP A 10 12.26 -11.62 2.46
CA ASP A 10 10.97 -11.33 3.16
C ASP A 10 10.11 -10.43 2.29
N PRO A 11 8.91 -10.91 1.90
CA PRO A 11 7.98 -10.14 1.07
C PRO A 11 7.34 -8.99 1.85
N ALA A 12 8.13 -8.19 2.50
CA ALA A 12 7.55 -7.04 3.28
C ALA A 12 7.06 -5.97 2.31
N THR A 13 7.75 -5.79 1.21
CA THR A 13 7.31 -4.75 0.23
C THR A 13 5.99 -5.17 -0.39
N PRO A 14 5.02 -4.25 -0.43
CA PRO A 14 3.69 -4.50 -0.99
C PRO A 14 3.73 -4.69 -2.52
N TYR A 15 2.85 -5.48 -3.06
CA TYR A 15 2.85 -5.69 -4.53
C TYR A 15 1.61 -5.01 -5.14
N PRO A 16 1.66 -4.77 -6.45
CA PRO A 16 0.54 -4.12 -7.17
C PRO A 16 -0.68 -5.03 -7.27
N GLY A 17 -1.85 -4.50 -7.01
CA GLY A 17 -3.08 -5.35 -7.08
C GLY A 17 -3.45 -5.84 -5.68
N ASP A 18 -2.59 -5.63 -4.73
CA ASP A 18 -2.90 -6.08 -3.34
C ASP A 18 -3.81 -5.07 -2.66
N LYS A 19 -4.68 -5.52 -1.80
CA LYS A 19 -5.60 -4.57 -1.10
C LYS A 19 -4.86 -3.93 0.08
N VAL A 20 -5.14 -2.68 0.34
CA VAL A 20 -4.46 -1.99 1.47
C VAL A 20 -5.49 -1.24 2.31
N ILE A 21 -5.21 -1.05 3.58
CA ILE A 21 -6.17 -0.32 4.46
C ILE A 21 -5.49 0.90 5.06
N ILE A 22 -6.17 2.01 5.14
CA ILE A 22 -5.55 3.23 5.72
C ILE A 22 -5.87 3.29 7.22
N THR A 23 -4.88 3.52 8.04
CA THR A 23 -5.13 3.60 9.50
C THR A 23 -4.78 5.01 10.01
N GLU A 24 -4.42 5.89 9.12
CA GLU A 24 -4.08 7.27 9.56
C GLU A 24 -4.70 8.29 8.58
N GLY A 25 -4.92 9.49 9.03
CA GLY A 25 -5.52 10.52 8.13
C GLY A 25 -7.05 10.43 8.20
N ALA A 26 -7.73 11.08 7.30
CA ALA A 26 -9.21 11.03 7.32
C ALA A 26 -9.69 9.88 6.42
N PHE A 27 -8.79 9.26 5.70
CA PHE A 27 -9.20 8.14 4.81
C PHE A 27 -9.16 6.83 5.59
N GLU A 28 -9.11 6.90 6.90
CA GLU A 28 -9.06 5.65 7.71
C GLU A 28 -10.33 4.83 7.46
N GLY A 29 -10.19 3.55 7.26
CA GLY A 29 -11.38 2.69 7.01
C GLY A 29 -11.62 2.57 5.50
N PHE A 30 -10.77 3.18 4.72
CA PHE A 30 -10.95 3.09 3.23
C PHE A 30 -9.95 2.11 2.66
N GLN A 31 -10.39 1.20 1.82
CA GLN A 31 -9.46 0.22 1.23
C GLN A 31 -8.94 0.74 -0.11
N ALA A 32 -7.68 0.53 -0.40
CA ALA A 32 -7.12 1.02 -1.68
C ALA A 32 -6.22 -0.05 -2.30
N ILE A 33 -5.86 0.10 -3.54
CA ILE A 33 -4.98 -0.92 -4.20
C ILE A 33 -3.67 -0.26 -4.62
N PHE A 34 -2.57 -0.94 -4.42
CA PHE A 34 -1.26 -0.36 -4.79
C PHE A 34 -1.26 -0.05 -6.29
N THR A 35 -1.42 1.20 -6.65
CA THR A 35 -1.43 1.57 -8.09
C THR A 35 0.01 1.54 -8.62
N GLU A 36 0.96 1.90 -7.80
CA GLU A 36 2.38 1.90 -8.25
C GLU A 36 3.22 2.73 -7.28
N PRO A 37 3.85 2.04 -6.30
CA PRO A 37 4.69 2.70 -5.30
C PRO A 37 5.99 3.25 -5.91
N ASP A 38 6.18 4.54 -5.87
CA ASP A 38 7.41 5.14 -6.44
C ASP A 38 8.63 4.69 -5.62
N GLY A 39 8.46 4.48 -4.35
CA GLY A 39 9.61 4.05 -3.50
C GLY A 39 9.08 3.30 -2.28
N GLU A 40 9.96 2.74 -1.50
CA GLU A 40 9.52 1.99 -0.29
C GLU A 40 8.99 2.97 0.75
N ALA A 41 9.49 4.18 0.75
CA ALA A 41 9.02 5.18 1.74
C ALA A 41 7.59 5.61 1.40
N ARG A 42 7.36 6.03 0.19
CA ARG A 42 5.98 6.46 -0.21
C ARG A 42 5.42 5.47 -1.23
N SER A 43 4.14 5.25 -1.19
CA SER A 43 3.51 4.29 -2.15
C SER A 43 2.25 4.91 -2.74
N MET A 44 1.82 4.45 -3.88
CA MET A 44 0.59 5.01 -4.50
C MET A 44 -0.58 4.05 -4.27
N LEU A 45 -1.65 4.53 -3.69
CA LEU A 45 -2.82 3.64 -3.44
C LEU A 45 -4.08 4.27 -4.02
N LEU A 46 -4.97 3.48 -4.54
CA LEU A 46 -6.22 4.04 -5.13
C LEU A 46 -7.33 4.03 -4.07
N LEU A 47 -7.87 5.17 -3.76
CA LEU A 47 -8.96 5.22 -2.74
C LEU A 47 -10.32 5.13 -3.43
N ASN A 48 -11.17 4.24 -2.98
CA ASN A 48 -12.51 4.11 -3.62
C ASN A 48 -13.57 4.77 -2.73
N LEU A 49 -14.07 5.90 -3.14
CA LEU A 49 -15.11 6.60 -2.31
C LEU A 49 -16.44 5.86 -2.47
N ILE A 50 -17.48 6.38 -1.89
CA ILE A 50 -18.82 5.72 -2.00
C ILE A 50 -19.22 5.65 -3.47
N ASN A 51 -19.07 6.73 -4.20
CA ASN A 51 -19.46 6.72 -5.63
C ASN A 51 -18.42 7.49 -6.45
N LYS A 52 -17.23 7.62 -5.95
CA LYS A 52 -16.18 8.37 -6.69
C LYS A 52 -14.83 7.64 -6.56
N GLU A 53 -13.98 7.77 -7.54
CA GLU A 53 -12.65 7.12 -7.47
C GLU A 53 -11.56 8.17 -7.56
N ILE A 54 -10.56 8.10 -6.72
CA ILE A 54 -9.48 9.13 -6.75
C ILE A 54 -8.11 8.43 -6.69
N LYS A 55 -7.10 9.06 -7.21
CA LYS A 55 -5.74 8.46 -7.17
C LYS A 55 -4.78 9.42 -6.47
N HIS A 56 -4.10 8.96 -5.46
CA HIS A 56 -3.15 9.85 -4.73
C HIS A 56 -2.06 9.01 -4.07
N SER A 57 -0.89 9.57 -3.92
CA SER A 57 0.23 8.81 -3.29
C SER A 57 0.06 8.83 -1.77
N VAL A 58 0.33 7.74 -1.11
CA VAL A 58 0.17 7.71 0.37
C VAL A 58 1.51 7.30 1.00
N LYS A 59 1.72 7.67 2.24
CA LYS A 59 3.01 7.31 2.92
C LYS A 59 2.84 5.97 3.64
N ASN A 60 3.86 5.17 3.66
CA ASN A 60 3.76 3.85 4.36
C ASN A 60 3.24 4.06 5.78
N THR A 61 3.52 5.21 6.36
CA THR A 61 3.04 5.47 7.74
C THR A 61 1.59 5.96 7.69
N GLU A 62 1.16 6.49 6.57
CA GLU A 62 -0.25 6.98 6.47
C GLU A 62 -1.19 5.80 6.25
N PHE A 63 -0.66 4.69 5.80
CA PHE A 63 -1.53 3.49 5.58
C PHE A 63 -0.75 2.23 5.91
N ARG A 64 -1.43 1.13 6.11
CA ARG A 64 -0.72 -0.13 6.44
C ARG A 64 -1.25 -1.27 5.55
N LYS A 65 -0.38 -2.08 5.02
CA LYS A 65 -0.84 -3.20 4.15
C LYS A 65 -1.75 -4.12 4.96
N LEU A 66 -2.86 -4.52 4.39
CA LEU A 66 -3.79 -5.43 5.12
C LEU A 66 -3.05 -6.69 5.55
N GLY A 1 22.42 -18.83 10.70
CA GLY A 1 22.14 -17.63 11.54
C GLY A 1 21.28 -18.04 12.74
N ALA A 2 21.08 -17.13 13.66
CA ALA A 2 20.26 -17.47 14.87
C ALA A 2 18.84 -17.84 14.42
N MET A 3 18.36 -17.24 13.37
CA MET A 3 16.98 -17.55 12.90
C MET A 3 17.04 -18.05 11.45
N GLY A 4 16.11 -18.87 11.05
CA GLY A 4 16.12 -19.39 9.66
C GLY A 4 15.80 -18.25 8.69
N PRO A 5 16.33 -18.34 7.46
CA PRO A 5 16.11 -17.32 6.43
C PRO A 5 14.66 -17.33 5.91
N LYS A 6 14.14 -16.20 5.52
CA LYS A 6 12.75 -16.15 5.01
C LYS A 6 12.73 -16.54 3.54
N ASP A 7 11.65 -17.11 3.08
CA ASP A 7 11.56 -17.51 1.64
C ASP A 7 11.87 -16.31 0.76
N ILE A 8 11.40 -15.15 1.12
CA ILE A 8 11.68 -13.94 0.29
C ILE A 8 12.56 -12.98 1.09
N VAL A 9 13.48 -12.32 0.43
CA VAL A 9 14.37 -11.37 1.14
C VAL A 9 13.71 -9.99 1.20
N ASP A 10 12.72 -9.76 0.40
CA ASP A 10 12.04 -8.44 0.42
C ASP A 10 11.48 -8.17 1.82
N PRO A 11 11.69 -6.94 2.33
CA PRO A 11 11.22 -6.55 3.66
C PRO A 11 9.70 -6.42 3.71
N ALA A 12 8.99 -7.44 3.31
CA ALA A 12 7.50 -7.38 3.35
C ALA A 12 7.03 -6.22 2.47
N THR A 13 7.74 -5.92 1.41
CA THR A 13 7.32 -4.80 0.52
C THR A 13 5.99 -5.15 -0.15
N PRO A 14 5.07 -4.18 -0.21
CA PRO A 14 3.75 -4.36 -0.82
C PRO A 14 3.84 -4.51 -2.34
N TYR A 15 2.97 -5.29 -2.92
CA TYR A 15 3.01 -5.46 -4.40
C TYR A 15 1.79 -4.80 -5.03
N PRO A 16 1.86 -4.51 -6.34
CA PRO A 16 0.75 -3.87 -7.07
C PRO A 16 -0.44 -4.81 -7.24
N GLY A 17 -1.64 -4.31 -7.05
CA GLY A 17 -2.84 -5.17 -7.20
C GLY A 17 -3.26 -5.70 -5.83
N ASP A 18 -2.44 -5.51 -4.82
CA ASP A 18 -2.79 -6.00 -3.47
C ASP A 18 -3.71 -4.98 -2.78
N LYS A 19 -4.65 -5.46 -1.99
CA LYS A 19 -5.58 -4.53 -1.29
C LYS A 19 -4.84 -3.85 -0.13
N VAL A 20 -5.12 -2.60 0.10
CA VAL A 20 -4.43 -1.89 1.22
C VAL A 20 -5.46 -1.12 2.04
N ILE A 21 -5.22 -0.93 3.31
CA ILE A 21 -6.18 -0.19 4.16
C ILE A 21 -5.48 1.00 4.82
N ILE A 22 -6.16 2.11 4.94
CA ILE A 22 -5.53 3.31 5.56
C ILE A 22 -5.85 3.32 7.06
N THR A 23 -4.85 3.51 7.88
CA THR A 23 -5.11 3.54 9.36
C THR A 23 -4.99 4.98 9.87
N GLU A 24 -4.54 5.88 9.04
CA GLU A 24 -4.41 7.29 9.49
C GLU A 24 -4.91 8.23 8.38
N GLY A 25 -5.29 9.42 8.74
CA GLY A 25 -5.79 10.38 7.71
C GLY A 25 -7.32 10.27 7.61
N ALA A 26 -7.95 11.23 6.98
CA ALA A 26 -9.43 11.19 6.86
C ALA A 26 -9.83 9.97 6.02
N PHE A 27 -8.92 9.44 5.26
CA PHE A 27 -9.26 8.25 4.43
C PHE A 27 -9.05 6.98 5.24
N GLU A 28 -8.91 7.11 6.53
CA GLU A 28 -8.72 5.91 7.40
C GLU A 28 -9.99 5.04 7.37
N GLY A 29 -9.84 3.75 7.27
CA GLY A 29 -11.04 2.87 7.25
C GLY A 29 -11.46 2.63 5.79
N PHE A 30 -10.76 3.20 4.86
CA PHE A 30 -11.12 3.00 3.43
C PHE A 30 -10.12 2.06 2.76
N GLN A 31 -10.60 1.10 2.01
CA GLN A 31 -9.67 0.16 1.34
C GLN A 31 -9.08 0.80 0.08
N ALA A 32 -7.87 0.48 -0.26
CA ALA A 32 -7.24 1.08 -1.47
C ALA A 32 -6.39 0.03 -2.19
N ILE A 33 -6.04 0.27 -3.42
CA ILE A 33 -5.22 -0.71 -4.16
C ILE A 33 -3.91 -0.06 -4.62
N PHE A 34 -2.81 -0.76 -4.53
CA PHE A 34 -1.52 -0.17 -4.96
C PHE A 34 -1.58 0.19 -6.44
N THR A 35 -1.52 1.46 -6.76
CA THR A 35 -1.57 1.87 -8.19
C THR A 35 -0.16 1.85 -8.79
N GLU A 36 0.84 2.11 -7.99
CA GLU A 36 2.23 2.10 -8.51
C GLU A 36 3.15 2.81 -7.51
N PRO A 37 3.58 2.09 -6.47
CA PRO A 37 4.47 2.64 -5.44
C PRO A 37 5.87 2.91 -5.98
N ASP A 38 6.40 4.08 -5.74
CA ASP A 38 7.77 4.39 -6.23
C ASP A 38 8.79 3.53 -5.49
N GLY A 39 8.54 3.24 -4.25
CA GLY A 39 9.49 2.40 -3.46
C GLY A 39 8.86 2.01 -2.13
N GLU A 40 9.58 1.31 -1.30
CA GLU A 40 9.02 0.90 0.01
C GLU A 40 8.71 2.12 0.86
N ALA A 41 9.46 3.19 0.68
CA ALA A 41 9.22 4.41 1.47
C ALA A 41 7.83 4.97 1.14
N ARG A 42 7.59 5.31 -0.08
CA ARG A 42 6.25 5.86 -0.46
C ARG A 42 5.54 4.87 -1.38
N SER A 43 4.23 4.92 -1.43
CA SER A 43 3.48 3.99 -2.29
C SER A 43 2.22 4.67 -2.83
N MET A 44 1.79 4.32 -4.00
CA MET A 44 0.58 4.96 -4.57
C MET A 44 -0.64 4.09 -4.27
N LEU A 45 -1.66 4.65 -3.66
CA LEU A 45 -2.87 3.86 -3.33
C LEU A 45 -4.11 4.55 -3.90
N LEU A 46 -5.03 3.79 -4.44
CA LEU A 46 -6.26 4.40 -5.02
C LEU A 46 -7.38 4.37 -3.97
N LEU A 47 -7.95 5.51 -3.66
CA LEU A 47 -9.03 5.54 -2.64
C LEU A 47 -10.39 5.59 -3.34
N ASN A 48 -11.17 4.56 -3.22
CA ASN A 48 -12.52 4.56 -3.88
C ASN A 48 -13.56 5.16 -2.94
N LEU A 49 -14.26 6.16 -3.37
CA LEU A 49 -15.30 6.79 -2.50
C LEU A 49 -16.61 6.02 -2.64
N ILE A 50 -17.60 6.37 -1.87
CA ILE A 50 -18.90 5.65 -1.96
C ILE A 50 -19.45 5.76 -3.38
N ASN A 51 -19.28 6.90 -4.00
CA ASN A 51 -19.79 7.07 -5.40
C ASN A 51 -18.77 7.84 -6.22
N LYS A 52 -17.54 7.86 -5.80
CA LYS A 52 -16.49 8.60 -6.56
C LYS A 52 -15.17 7.83 -6.48
N GLU A 53 -14.29 8.04 -7.42
CA GLU A 53 -12.98 7.34 -7.39
C GLU A 53 -11.86 8.37 -7.38
N ILE A 54 -10.98 8.29 -6.42
CA ILE A 54 -9.86 9.28 -6.35
C ILE A 54 -8.53 8.54 -6.21
N LYS A 55 -7.45 9.17 -6.61
CA LYS A 55 -6.12 8.51 -6.50
C LYS A 55 -5.13 9.47 -5.86
N HIS A 56 -4.40 9.02 -4.88
CA HIS A 56 -3.41 9.93 -4.20
C HIS A 56 -2.25 9.09 -3.65
N SER A 57 -1.06 9.62 -3.67
CA SER A 57 0.11 8.86 -3.15
C SER A 57 -0.02 8.73 -1.63
N VAL A 58 0.36 7.61 -1.08
CA VAL A 58 0.27 7.44 0.39
C VAL A 58 1.60 6.92 0.94
N LYS A 59 1.91 7.25 2.17
CA LYS A 59 3.19 6.79 2.76
C LYS A 59 2.96 5.48 3.52
N ASN A 60 3.87 4.55 3.41
CA ASN A 60 3.71 3.26 4.13
C ASN A 60 3.29 3.53 5.58
N THR A 61 3.69 4.65 6.13
CA THR A 61 3.31 4.97 7.53
C THR A 61 1.90 5.56 7.56
N GLU A 62 1.44 6.09 6.46
CA GLU A 62 0.07 6.69 6.43
C GLU A 62 -0.97 5.57 6.25
N PHE A 63 -0.56 4.44 5.75
CA PHE A 63 -1.52 3.33 5.55
C PHE A 63 -0.85 2.00 5.91
N ARG A 64 -1.60 0.94 5.95
CA ARG A 64 -1.02 -0.39 6.30
C ARG A 64 -1.44 -1.43 5.25
N LYS A 65 -0.60 -2.39 4.98
CA LYS A 65 -0.96 -3.44 3.98
C LYS A 65 -1.91 -4.45 4.62
N LEU A 66 -2.97 -4.80 3.94
CA LEU A 66 -3.93 -5.78 4.52
C LEU A 66 -3.34 -7.20 4.41
N GLY A 1 16.82 -22.30 -8.08
CA GLY A 1 15.97 -21.12 -8.38
C GLY A 1 16.71 -19.84 -7.99
N ALA A 2 16.13 -18.70 -8.27
CA ALA A 2 16.81 -17.43 -7.92
C ALA A 2 17.00 -17.34 -6.40
N MET A 3 16.09 -17.90 -5.66
CA MET A 3 16.22 -17.85 -4.18
C MET A 3 16.15 -19.28 -3.61
N GLY A 4 16.73 -19.50 -2.47
CA GLY A 4 16.69 -20.87 -1.88
C GLY A 4 15.26 -21.21 -1.45
N PRO A 5 14.91 -22.50 -1.46
CA PRO A 5 13.58 -22.96 -1.08
C PRO A 5 13.32 -22.80 0.42
N LYS A 6 14.33 -22.46 1.18
CA LYS A 6 14.14 -22.28 2.64
C LYS A 6 13.17 -21.12 2.89
N ASP A 7 13.17 -20.14 2.03
CA ASP A 7 12.24 -18.98 2.23
C ASP A 7 12.67 -18.20 3.47
N ILE A 8 13.93 -18.25 3.82
CA ILE A 8 14.41 -17.51 5.01
C ILE A 8 13.78 -16.12 5.03
N VAL A 9 13.64 -15.50 3.89
CA VAL A 9 13.03 -14.13 3.85
C VAL A 9 11.62 -14.22 3.26
N ASP A 10 10.67 -13.54 3.85
CA ASP A 10 9.29 -13.59 3.32
C ASP A 10 8.96 -12.25 2.63
N PRO A 11 7.99 -12.27 1.70
CA PRO A 11 7.57 -11.06 0.98
C PRO A 11 6.83 -10.08 1.88
N ALA A 12 7.49 -9.56 2.88
CA ALA A 12 6.83 -8.60 3.80
C ALA A 12 6.49 -7.31 3.04
N THR A 13 7.32 -6.93 2.11
CA THR A 13 7.06 -5.69 1.33
C THR A 13 5.78 -5.87 0.50
N PRO A 14 4.93 -4.84 0.45
CA PRO A 14 3.68 -4.86 -0.30
C PRO A 14 3.92 -4.86 -1.82
N TYR A 15 3.07 -5.52 -2.56
CA TYR A 15 3.26 -5.55 -4.05
C TYR A 15 2.14 -4.74 -4.71
N PRO A 16 2.36 -4.35 -5.97
CA PRO A 16 1.37 -3.57 -6.73
C PRO A 16 0.13 -4.39 -7.06
N GLY A 17 -1.04 -3.86 -6.82
CA GLY A 17 -2.29 -4.61 -7.12
C GLY A 17 -2.83 -5.22 -5.83
N ASP A 18 -2.06 -5.21 -4.78
CA ASP A 18 -2.54 -5.78 -3.49
C ASP A 18 -3.49 -4.79 -2.81
N LYS A 19 -4.34 -5.26 -1.94
CA LYS A 19 -5.29 -4.36 -1.25
C LYS A 19 -4.57 -3.65 -0.10
N VAL A 20 -4.88 -2.39 0.12
CA VAL A 20 -4.22 -1.65 1.22
C VAL A 20 -5.28 -1.01 2.12
N ILE A 21 -4.94 -0.67 3.33
CA ILE A 21 -5.93 -0.04 4.24
C ILE A 21 -5.40 1.31 4.73
N ILE A 22 -6.26 2.25 4.95
CA ILE A 22 -5.79 3.59 5.43
C ILE A 22 -5.79 3.62 6.96
N THR A 23 -4.72 4.06 7.56
CA THR A 23 -4.66 4.11 9.05
C THR A 23 -4.41 5.55 9.50
N GLU A 24 -4.40 6.48 8.59
CA GLU A 24 -4.16 7.89 8.97
C GLU A 24 -5.04 8.81 8.13
N GLY A 25 -5.41 9.95 8.66
CA GLY A 25 -6.27 10.88 7.89
C GLY A 25 -7.75 10.49 8.07
N ALA A 26 -8.62 11.08 7.31
CA ALA A 26 -10.07 10.74 7.45
C ALA A 26 -10.40 9.55 6.54
N PHE A 27 -9.44 9.06 5.80
CA PHE A 27 -9.70 7.90 4.90
C PHE A 27 -9.48 6.59 5.68
N GLU A 28 -9.21 6.68 6.95
CA GLU A 28 -8.97 5.45 7.75
C GLU A 28 -10.19 4.53 7.63
N GLY A 29 -9.96 3.24 7.56
CA GLY A 29 -11.11 2.30 7.44
C GLY A 29 -11.44 2.06 5.97
N PHE A 30 -10.76 2.74 5.08
CA PHE A 30 -11.05 2.56 3.63
C PHE A 30 -9.96 1.68 3.00
N GLN A 31 -10.30 0.90 2.02
CA GLN A 31 -9.30 0.02 1.37
C GLN A 31 -8.82 0.66 0.06
N ALA A 32 -7.61 0.40 -0.34
CA ALA A 32 -7.09 0.99 -1.60
C ALA A 32 -6.13 0.01 -2.28
N ILE A 33 -5.88 0.19 -3.54
CA ILE A 33 -4.96 -0.73 -4.26
C ILE A 33 -3.70 0.03 -4.69
N PHE A 34 -2.55 -0.58 -4.58
CA PHE A 34 -1.30 0.11 -4.98
C PHE A 34 -1.37 0.47 -6.46
N THR A 35 -1.42 1.73 -6.79
CA THR A 35 -1.49 2.14 -8.22
C THR A 35 -0.08 2.14 -8.81
N GLU A 36 0.91 2.45 -8.02
CA GLU A 36 2.31 2.47 -8.54
C GLU A 36 3.21 3.22 -7.56
N PRO A 37 3.83 2.48 -6.61
CA PRO A 37 4.72 3.07 -5.61
C PRO A 37 6.02 3.56 -6.23
N ASP A 38 6.34 4.82 -6.05
CA ASP A 38 7.61 5.35 -6.64
C ASP A 38 8.80 4.69 -5.94
N GLY A 39 8.66 4.34 -4.70
CA GLY A 39 9.79 3.69 -3.98
C GLY A 39 9.26 3.01 -2.71
N GLU A 40 10.12 2.39 -1.96
CA GLU A 40 9.67 1.70 -0.71
C GLU A 40 9.28 2.76 0.33
N ALA A 41 9.87 3.92 0.26
CA ALA A 41 9.54 4.99 1.25
C ALA A 41 8.12 5.49 0.99
N ARG A 42 7.83 5.90 -0.21
CA ARG A 42 6.47 6.41 -0.52
C ARG A 42 5.76 5.44 -1.47
N SER A 43 4.47 5.37 -1.41
CA SER A 43 3.73 4.44 -2.32
C SER A 43 2.43 5.11 -2.78
N MET A 44 1.97 4.77 -3.95
CA MET A 44 0.70 5.37 -4.45
C MET A 44 -0.46 4.40 -4.24
N LEU A 45 -1.52 4.84 -3.61
CA LEU A 45 -2.68 3.92 -3.38
C LEU A 45 -3.94 4.56 -3.94
N LEU A 46 -4.85 3.78 -4.44
CA LEU A 46 -6.11 4.34 -5.00
C LEU A 46 -7.21 4.25 -3.94
N LEU A 47 -7.86 5.35 -3.64
CA LEU A 47 -8.94 5.33 -2.62
C LEU A 47 -10.30 5.24 -3.32
N ASN A 48 -10.96 4.12 -3.21
CA ASN A 48 -12.29 3.96 -3.87
C ASN A 48 -13.39 4.54 -2.97
N LEU A 49 -14.14 5.48 -3.45
CA LEU A 49 -15.23 6.08 -2.62
C LEU A 49 -16.58 5.67 -3.19
N ILE A 50 -17.53 5.39 -2.35
CA ILE A 50 -18.88 4.99 -2.85
C ILE A 50 -19.36 6.00 -3.90
N ASN A 51 -19.04 7.25 -3.71
CA ASN A 51 -19.49 8.28 -4.69
C ASN A 51 -18.68 8.13 -5.98
N LYS A 52 -17.38 8.06 -5.88
CA LYS A 52 -16.55 7.92 -7.10
C LYS A 52 -15.19 7.32 -6.72
N GLU A 53 -14.38 7.01 -7.71
CA GLU A 53 -13.04 6.42 -7.40
C GLU A 53 -11.97 7.49 -7.58
N ILE A 54 -11.07 7.61 -6.64
CA ILE A 54 -10.01 8.65 -6.75
C ILE A 54 -8.65 8.02 -6.41
N LYS A 55 -7.58 8.64 -6.85
CA LYS A 55 -6.24 8.08 -6.54
C LYS A 55 -5.43 9.11 -5.75
N HIS A 56 -4.73 8.68 -4.74
CA HIS A 56 -3.94 9.64 -3.92
C HIS A 56 -2.64 8.97 -3.46
N SER A 57 -1.56 9.69 -3.47
CA SER A 57 -0.26 9.10 -3.04
C SER A 57 -0.13 9.20 -1.51
N VAL A 58 0.09 8.10 -0.85
CA VAL A 58 0.20 8.14 0.63
C VAL A 58 1.50 7.44 1.06
N LYS A 59 2.10 7.89 2.13
CA LYS A 59 3.36 7.26 2.60
C LYS A 59 3.05 5.93 3.29
N ASN A 60 3.99 5.02 3.30
CA ASN A 60 3.74 3.71 3.96
C ASN A 60 3.45 3.92 5.45
N THR A 61 3.98 4.97 6.02
CA THR A 61 3.74 5.24 7.46
C THR A 61 2.33 5.81 7.66
N GLU A 62 1.75 6.33 6.61
CA GLU A 62 0.37 6.89 6.74
C GLU A 62 -0.67 5.80 6.53
N PHE A 63 -0.28 4.72 5.91
CA PHE A 63 -1.24 3.60 5.68
C PHE A 63 -0.56 2.26 5.96
N ARG A 64 -1.33 1.23 6.17
CA ARG A 64 -0.73 -0.10 6.44
C ARG A 64 -1.36 -1.16 5.52
N LYS A 65 -0.61 -2.15 5.14
CA LYS A 65 -1.17 -3.20 4.24
C LYS A 65 -2.12 -4.09 5.04
N LEU A 66 -3.34 -4.22 4.61
CA LEU A 66 -4.32 -5.07 5.35
C LEU A 66 -4.00 -6.54 5.08
N GLY A 1 12.47 -36.36 -8.57
CA GLY A 1 12.33 -35.77 -7.20
C GLY A 1 12.82 -34.32 -7.22
N ALA A 2 12.34 -33.53 -8.13
CA ALA A 2 12.79 -32.11 -8.21
C ALA A 2 12.39 -31.39 -6.91
N MET A 3 13.19 -30.46 -6.47
CA MET A 3 12.86 -29.73 -5.22
C MET A 3 12.53 -28.27 -5.56
N GLY A 4 11.57 -27.69 -4.87
CA GLY A 4 11.20 -26.28 -5.15
C GLY A 4 12.28 -25.35 -4.59
N PRO A 5 12.46 -24.18 -5.23
CA PRO A 5 13.45 -23.19 -4.80
C PRO A 5 13.08 -22.53 -3.47
N LYS A 6 14.04 -22.17 -2.67
CA LYS A 6 13.72 -21.53 -1.37
C LYS A 6 13.52 -20.02 -1.57
N ASP A 7 12.49 -19.47 -1.00
CA ASP A 7 12.24 -18.01 -1.18
C ASP A 7 13.33 -17.22 -0.44
N ILE A 8 13.69 -16.08 -0.97
CA ILE A 8 14.74 -15.27 -0.30
C ILE A 8 14.15 -13.93 0.15
N VAL A 9 14.50 -13.48 1.32
CA VAL A 9 13.95 -12.19 1.82
C VAL A 9 12.42 -12.27 1.88
N ASP A 10 11.86 -12.20 3.06
CA ASP A 10 10.38 -12.27 3.18
C ASP A 10 9.75 -11.09 2.45
N PRO A 11 8.65 -11.34 1.72
CA PRO A 11 7.94 -10.29 0.97
C PRO A 11 7.21 -9.32 1.91
N ALA A 12 7.92 -8.75 2.84
CA ALA A 12 7.28 -7.78 3.78
C ALA A 12 6.87 -6.52 3.02
N THR A 13 7.62 -6.15 2.02
CA THR A 13 7.28 -4.93 1.23
C THR A 13 5.98 -5.17 0.46
N PRO A 14 5.12 -4.15 0.40
CA PRO A 14 3.83 -4.23 -0.31
C PRO A 14 4.02 -4.31 -1.83
N TYR A 15 3.20 -5.06 -2.50
CA TYR A 15 3.32 -5.16 -3.98
C TYR A 15 2.13 -4.48 -4.65
N PRO A 16 2.27 -4.14 -5.94
CA PRO A 16 1.21 -3.47 -6.71
C PRO A 16 0.04 -4.41 -6.99
N GLY A 17 -1.16 -3.94 -6.81
CA GLY A 17 -2.34 -4.81 -7.05
C GLY A 17 -2.82 -5.43 -5.74
N ASP A 18 -2.05 -5.29 -4.70
CA ASP A 18 -2.46 -5.87 -3.38
C ASP A 18 -3.39 -4.89 -2.66
N LYS A 19 -4.31 -5.40 -1.91
CA LYS A 19 -5.26 -4.51 -1.18
C LYS A 19 -4.53 -3.83 -0.02
N VAL A 20 -4.86 -2.60 0.28
CA VAL A 20 -4.18 -1.89 1.39
C VAL A 20 -5.23 -1.19 2.26
N ILE A 21 -4.94 -1.04 3.53
CA ILE A 21 -5.93 -0.37 4.44
C ILE A 21 -5.28 0.88 5.05
N ILE A 22 -6.03 1.95 5.15
CA ILE A 22 -5.46 3.20 5.73
C ILE A 22 -5.75 3.23 7.24
N THR A 23 -4.75 3.48 8.04
CA THR A 23 -4.96 3.53 9.51
C THR A 23 -4.90 4.98 10.00
N GLU A 24 -4.48 5.88 9.14
CA GLU A 24 -4.39 7.30 9.55
C GLU A 24 -5.01 8.18 8.47
N GLY A 25 -5.44 9.37 8.82
CA GLY A 25 -6.05 10.27 7.81
C GLY A 25 -7.58 10.11 7.84
N ALA A 26 -8.29 11.00 7.22
CA ALA A 26 -9.78 10.90 7.22
C ALA A 26 -10.21 9.69 6.39
N PHE A 27 -9.37 9.24 5.50
CA PHE A 27 -9.72 8.06 4.66
C PHE A 27 -9.44 6.77 5.45
N GLU A 28 -9.11 6.89 6.71
CA GLU A 28 -8.82 5.68 7.52
C GLU A 28 -10.03 4.75 7.49
N GLY A 29 -9.82 3.47 7.40
CA GLY A 29 -10.96 2.51 7.37
C GLY A 29 -11.35 2.21 5.92
N PHE A 30 -10.73 2.88 4.98
CA PHE A 30 -11.06 2.63 3.55
C PHE A 30 -10.01 1.71 2.93
N GLN A 31 -10.41 0.87 2.02
CA GLN A 31 -9.42 -0.05 1.39
C GLN A 31 -8.92 0.57 0.08
N ALA A 32 -7.68 0.33 -0.26
CA ALA A 32 -7.13 0.91 -1.52
C ALA A 32 -6.20 -0.11 -2.18
N ILE A 33 -5.95 0.05 -3.46
CA ILE A 33 -5.05 -0.91 -4.16
C ILE A 33 -3.78 -0.18 -4.62
N PHE A 34 -2.65 -0.82 -4.50
CA PHE A 34 -1.39 -0.17 -4.93
C PHE A 34 -1.46 0.15 -6.43
N THR A 35 -1.54 1.40 -6.78
CA THR A 35 -1.61 1.77 -8.22
C THR A 35 -0.21 1.75 -8.82
N GLU A 36 0.78 2.09 -8.04
CA GLU A 36 2.18 2.10 -8.57
C GLU A 36 3.08 2.88 -7.61
N PRO A 37 3.61 2.20 -6.59
CA PRO A 37 4.49 2.82 -5.59
C PRO A 37 5.86 3.19 -6.20
N ASP A 38 6.28 4.40 -6.01
CA ASP A 38 7.59 4.83 -6.57
C ASP A 38 8.72 4.12 -5.81
N GLY A 39 8.50 3.81 -4.56
CA GLY A 39 9.56 3.12 -3.78
C GLY A 39 8.97 2.60 -2.46
N GLU A 40 9.73 1.88 -1.70
CA GLU A 40 9.21 1.34 -0.41
C GLU A 40 8.83 2.50 0.51
N ALA A 41 9.46 3.62 0.35
CA ALA A 41 9.14 4.80 1.22
C ALA A 41 7.72 5.28 0.90
N ARG A 42 7.50 5.77 -0.29
CA ARG A 42 6.14 6.26 -0.65
C ARG A 42 5.47 5.24 -1.58
N SER A 43 4.16 5.19 -1.56
CA SER A 43 3.45 4.23 -2.44
C SER A 43 2.15 4.86 -2.96
N MET A 44 1.70 4.46 -4.12
CA MET A 44 0.46 5.04 -4.69
C MET A 44 -0.73 4.15 -4.35
N LEU A 45 -1.73 4.68 -3.71
CA LEU A 45 -2.92 3.86 -3.34
C LEU A 45 -4.18 4.49 -3.94
N LEU A 46 -5.10 3.67 -4.39
CA LEU A 46 -6.35 4.21 -4.99
C LEU A 46 -7.49 4.07 -3.98
N LEU A 47 -8.09 5.16 -3.58
CA LEU A 47 -9.21 5.09 -2.61
C LEU A 47 -10.54 5.22 -3.35
N ASN A 48 -11.28 4.15 -3.44
CA ASN A 48 -12.59 4.21 -4.15
C ASN A 48 -13.67 4.74 -3.22
N LEU A 49 -14.27 5.86 -3.55
CA LEU A 49 -15.32 6.43 -2.67
C LEU A 49 -16.65 5.72 -2.95
N ILE A 50 -17.63 5.93 -2.12
CA ILE A 50 -18.95 5.26 -2.34
C ILE A 50 -19.45 5.57 -3.76
N ASN A 51 -19.24 6.76 -4.23
CA ASN A 51 -19.70 7.12 -5.60
C ASN A 51 -18.64 7.97 -6.31
N LYS A 52 -17.40 7.84 -5.91
CA LYS A 52 -16.33 8.65 -6.57
C LYS A 52 -14.99 7.90 -6.48
N GLU A 53 -14.08 8.21 -7.35
CA GLU A 53 -12.76 7.53 -7.33
C GLU A 53 -11.64 8.59 -7.32
N ILE A 54 -10.70 8.47 -6.43
CA ILE A 54 -9.60 9.48 -6.37
C ILE A 54 -8.25 8.77 -6.31
N LYS A 55 -7.26 9.35 -6.93
CA LYS A 55 -5.90 8.71 -6.91
C LYS A 55 -4.91 9.65 -6.23
N HIS A 56 -4.20 9.18 -5.24
CA HIS A 56 -3.23 10.06 -4.53
C HIS A 56 -2.13 9.19 -3.92
N SER A 57 -0.92 9.70 -3.88
CA SER A 57 0.20 8.91 -3.29
C SER A 57 0.06 8.91 -1.76
N VAL A 58 0.37 7.80 -1.13
CA VAL A 58 0.25 7.75 0.35
C VAL A 58 1.58 7.30 0.95
N LYS A 59 1.89 7.73 2.14
CA LYS A 59 3.17 7.33 2.78
C LYS A 59 3.00 5.99 3.49
N ASN A 60 3.96 5.11 3.38
CA ASN A 60 3.84 3.79 4.05
C ASN A 60 3.45 4.00 5.52
N THR A 61 3.74 5.15 6.06
CA THR A 61 3.38 5.41 7.49
C THR A 61 1.94 5.92 7.57
N GLU A 62 1.45 6.52 6.52
CA GLU A 62 0.06 7.04 6.55
C GLU A 62 -0.93 5.87 6.39
N PHE A 63 -0.49 4.79 5.81
CA PHE A 63 -1.40 3.63 5.62
C PHE A 63 -0.63 2.33 5.88
N ARG A 64 -1.33 1.26 6.14
CA ARG A 64 -0.64 -0.04 6.40
C ARG A 64 -1.24 -1.13 5.51
N LYS A 65 -0.42 -2.01 5.01
CA LYS A 65 -0.94 -3.11 4.14
C LYS A 65 -1.76 -4.08 4.98
N LEU A 66 -2.99 -4.32 4.60
CA LEU A 66 -3.84 -5.27 5.38
C LEU A 66 -3.40 -6.71 5.09
N GLY A 1 28.31 -4.34 -0.81
CA GLY A 1 28.66 -5.65 -0.18
C GLY A 1 28.04 -6.79 -0.99
N ALA A 2 27.81 -7.91 -0.38
CA ALA A 2 27.21 -9.06 -1.13
C ALA A 2 25.82 -8.67 -1.62
N MET A 3 25.44 -9.14 -2.78
CA MET A 3 24.09 -8.79 -3.32
C MET A 3 23.03 -9.21 -2.32
N GLY A 4 23.23 -10.32 -1.65
CA GLY A 4 22.22 -10.79 -0.66
C GLY A 4 22.70 -10.46 0.75
N PRO A 5 21.83 -9.85 1.57
CA PRO A 5 22.16 -9.48 2.95
C PRO A 5 22.30 -10.71 3.85
N LYS A 6 23.24 -10.68 4.76
CA LYS A 6 23.44 -11.85 5.66
C LYS A 6 22.13 -12.12 6.44
N ASP A 7 21.47 -11.09 6.85
CA ASP A 7 20.19 -11.28 7.62
C ASP A 7 19.04 -11.46 6.63
N ILE A 8 18.14 -12.36 6.91
CA ILE A 8 16.99 -12.59 6.00
C ILE A 8 15.70 -12.06 6.66
N VAL A 9 14.84 -11.46 5.88
CA VAL A 9 13.58 -10.93 6.46
C VAL A 9 12.41 -11.25 5.52
N ASP A 10 11.21 -11.32 6.04
CA ASP A 10 10.04 -11.63 5.17
C ASP A 10 9.81 -10.47 4.20
N PRO A 11 9.07 -10.73 3.10
CA PRO A 11 8.78 -9.72 2.08
C PRO A 11 7.80 -8.66 2.61
N ALA A 12 8.23 -7.87 3.57
CA ALA A 12 7.33 -6.82 4.11
C ALA A 12 6.95 -5.84 3.00
N THR A 13 7.83 -5.62 2.07
CA THR A 13 7.53 -4.67 0.96
C THR A 13 6.23 -5.10 0.27
N PRO A 14 5.29 -4.15 0.11
CA PRO A 14 3.99 -4.43 -0.53
C PRO A 14 4.14 -4.67 -2.03
N TYR A 15 3.30 -5.49 -2.59
CA TYR A 15 3.39 -5.77 -4.05
C TYR A 15 2.21 -5.13 -4.77
N PRO A 16 2.32 -4.95 -6.09
CA PRO A 16 1.27 -4.34 -6.91
C PRO A 16 0.04 -5.26 -7.04
N GLY A 17 -1.13 -4.73 -6.83
CA GLY A 17 -2.36 -5.58 -6.93
C GLY A 17 -2.80 -6.00 -5.53
N ASP A 18 -1.99 -5.78 -4.54
CA ASP A 18 -2.37 -6.16 -3.15
C ASP A 18 -3.35 -5.14 -2.59
N LYS A 19 -4.22 -5.56 -1.71
CA LYS A 19 -5.20 -4.62 -1.13
C LYS A 19 -4.56 -3.89 0.06
N VAL A 20 -4.85 -2.62 0.22
CA VAL A 20 -4.27 -1.86 1.35
C VAL A 20 -5.37 -1.13 2.11
N ILE A 21 -5.12 -0.76 3.33
CA ILE A 21 -6.17 -0.05 4.12
C ILE A 21 -5.59 1.25 4.69
N ILE A 22 -6.40 2.26 4.84
CA ILE A 22 -5.89 3.55 5.38
C ILE A 22 -6.03 3.56 6.90
N THR A 23 -4.96 3.85 7.60
CA THR A 23 -5.04 3.86 9.09
C THR A 23 -4.85 5.30 9.59
N GLU A 24 -4.56 6.22 8.71
CA GLU A 24 -4.37 7.64 9.14
C GLU A 24 -5.04 8.56 8.13
N GLY A 25 -5.40 9.75 8.55
CA GLY A 25 -6.05 10.71 7.61
C GLY A 25 -7.56 10.46 7.61
N ALA A 26 -8.31 11.33 7.00
CA ALA A 26 -9.79 11.14 6.96
C ALA A 26 -10.13 9.94 6.09
N PHE A 27 -9.19 9.48 5.30
CA PHE A 27 -9.46 8.31 4.43
C PHE A 27 -9.29 7.01 5.23
N GLU A 28 -9.09 7.12 6.52
CA GLU A 28 -8.92 5.91 7.35
C GLU A 28 -10.16 5.02 7.24
N GLY A 29 -9.99 3.75 7.03
CA GLY A 29 -11.16 2.84 6.90
C GLY A 29 -11.45 2.58 5.42
N PHE A 30 -10.67 3.14 4.54
CA PHE A 30 -10.91 2.91 3.09
C PHE A 30 -9.90 1.90 2.55
N GLN A 31 -10.33 1.00 1.71
CA GLN A 31 -9.40 -0.01 1.14
C GLN A 31 -8.87 0.48 -0.20
N ALA A 32 -7.57 0.59 -0.34
CA ALA A 32 -7.00 1.08 -1.63
C ALA A 32 -6.10 -0.01 -2.22
N ILE A 33 -5.75 0.13 -3.47
CA ILE A 33 -4.88 -0.91 -4.12
C ILE A 33 -3.59 -0.23 -4.60
N PHE A 34 -2.47 -0.89 -4.44
CA PHE A 34 -1.19 -0.29 -4.90
C PHE A 34 -1.26 -0.01 -6.40
N THR A 35 -1.48 1.21 -6.77
CA THR A 35 -1.55 1.54 -8.22
C THR A 35 -0.14 1.59 -8.81
N GLU A 36 0.83 1.97 -8.01
CA GLU A 36 2.21 2.03 -8.52
C GLU A 36 3.08 2.86 -7.55
N PRO A 37 3.80 2.18 -6.65
CA PRO A 37 4.66 2.84 -5.66
C PRO A 37 5.88 3.48 -6.32
N ASP A 38 5.98 4.79 -6.28
CA ASP A 38 7.14 5.47 -6.89
C ASP A 38 8.41 5.11 -6.12
N GLY A 39 8.31 4.92 -4.83
CA GLY A 39 9.51 4.57 -4.03
C GLY A 39 9.11 3.61 -2.91
N GLU A 40 10.08 2.94 -2.33
CA GLU A 40 9.75 1.99 -1.22
C GLU A 40 9.15 2.75 -0.06
N ALA A 41 9.55 3.98 0.13
CA ALA A 41 9.01 4.79 1.25
C ALA A 41 7.54 5.14 0.96
N ARG A 42 7.32 6.05 0.05
CA ARG A 42 5.92 6.44 -0.28
C ARG A 42 5.35 5.48 -1.32
N SER A 43 4.06 5.39 -1.42
CA SER A 43 3.44 4.47 -2.41
C SER A 43 2.14 5.08 -2.94
N MET A 44 1.85 4.87 -4.20
CA MET A 44 0.60 5.44 -4.77
C MET A 44 -0.56 4.47 -4.52
N LEU A 45 -1.57 4.89 -3.80
CA LEU A 45 -2.72 4.00 -3.52
C LEU A 45 -4.01 4.65 -4.02
N LEU A 46 -4.94 3.87 -4.50
CA LEU A 46 -6.22 4.45 -5.00
C LEU A 46 -7.30 4.32 -3.91
N LEU A 47 -7.95 5.40 -3.57
CA LEU A 47 -9.00 5.33 -2.53
C LEU A 47 -10.38 5.21 -3.20
N ASN A 48 -11.05 4.10 -3.00
CA ASN A 48 -12.39 3.93 -3.62
C ASN A 48 -13.47 4.52 -2.71
N LEU A 49 -14.29 5.40 -3.25
CA LEU A 49 -15.37 6.01 -2.42
C LEU A 49 -16.70 5.87 -3.13
N ILE A 50 -17.74 5.51 -2.43
CA ILE A 50 -19.07 5.36 -3.08
C ILE A 50 -19.39 6.62 -3.89
N ASN A 51 -18.97 7.77 -3.42
CA ASN A 51 -19.26 9.03 -4.15
C ASN A 51 -18.44 9.05 -5.46
N LYS A 52 -17.18 8.75 -5.39
CA LYS A 52 -16.34 8.76 -6.62
C LYS A 52 -14.99 8.10 -6.32
N GLU A 53 -14.31 7.63 -7.34
CA GLU A 53 -12.99 6.98 -7.12
C GLU A 53 -11.88 8.00 -7.27
N ILE A 54 -11.04 8.14 -6.28
CA ILE A 54 -9.93 9.13 -6.37
C ILE A 54 -8.59 8.42 -6.10
N LYS A 55 -7.51 9.00 -6.55
CA LYS A 55 -6.18 8.36 -6.32
C LYS A 55 -5.25 9.34 -5.61
N HIS A 56 -4.60 8.91 -4.56
CA HIS A 56 -3.68 9.83 -3.83
C HIS A 56 -2.45 9.05 -3.35
N SER A 57 -1.32 9.68 -3.30
CA SER A 57 -0.09 8.97 -2.85
C SER A 57 -0.16 8.72 -1.35
N VAL A 58 0.26 7.57 -0.91
CA VAL A 58 0.22 7.26 0.55
C VAL A 58 1.58 6.72 1.00
N LYS A 59 1.94 6.94 2.23
CA LYS A 59 3.25 6.43 2.72
C LYS A 59 3.04 5.11 3.46
N ASN A 60 3.91 4.16 3.25
CA ASN A 60 3.76 2.84 3.93
C ASN A 60 3.43 3.08 5.41
N THR A 61 3.90 4.16 5.97
CA THR A 61 3.61 4.45 7.41
C THR A 61 2.21 5.06 7.53
N GLU A 62 1.75 5.70 6.49
CA GLU A 62 0.40 6.33 6.55
C GLU A 62 -0.68 5.25 6.43
N PHE A 63 -0.35 4.12 5.84
CA PHE A 63 -1.36 3.04 5.70
C PHE A 63 -0.70 1.70 6.02
N ARG A 64 -1.49 0.67 6.20
CA ARG A 64 -0.91 -0.67 6.51
C ARG A 64 -1.51 -1.72 5.57
N LYS A 65 -0.75 -2.71 5.22
CA LYS A 65 -1.28 -3.76 4.30
C LYS A 65 -2.26 -4.65 5.06
N LEU A 66 -3.51 -4.66 4.65
CA LEU A 66 -4.52 -5.50 5.35
C LEU A 66 -4.29 -6.97 5.00
N GLY A 1 27.58 -11.38 -6.82
CA GLY A 1 26.85 -11.05 -5.57
C GLY A 1 26.52 -9.56 -5.53
N ALA A 2 25.50 -9.14 -6.24
CA ALA A 2 25.14 -7.69 -6.23
C ALA A 2 24.81 -7.25 -4.80
N MET A 3 24.27 -8.13 -4.01
CA MET A 3 23.93 -7.76 -2.61
C MET A 3 24.76 -8.60 -1.64
N GLY A 4 24.98 -8.10 -0.46
CA GLY A 4 25.78 -8.87 0.55
C GLY A 4 24.86 -9.36 1.66
N PRO A 5 25.30 -10.40 2.39
CA PRO A 5 24.52 -10.99 3.48
C PRO A 5 24.45 -10.05 4.69
N LYS A 6 25.38 -9.13 4.79
CA LYS A 6 25.36 -8.19 5.95
C LYS A 6 24.03 -7.44 5.98
N ASP A 7 23.52 -7.07 4.83
CA ASP A 7 22.22 -6.34 4.80
C ASP A 7 21.07 -7.34 4.71
N ILE A 8 20.06 -7.17 5.52
CA ILE A 8 18.90 -8.11 5.47
C ILE A 8 17.61 -7.33 5.24
N VAL A 9 16.72 -7.85 4.43
CA VAL A 9 15.44 -7.14 4.17
C VAL A 9 14.29 -8.15 4.16
N ASP A 10 13.13 -7.75 4.61
CA ASP A 10 11.98 -8.69 4.63
C ASP A 10 11.00 -8.33 3.51
N PRO A 11 10.08 -9.25 3.17
CA PRO A 11 9.09 -9.03 2.11
C PRO A 11 7.96 -8.10 2.58
N ALA A 12 8.29 -7.01 3.23
CA ALA A 12 7.23 -6.08 3.70
C ALA A 12 6.84 -5.15 2.56
N THR A 13 7.75 -4.90 1.65
CA THR A 13 7.43 -3.99 0.51
C THR A 13 6.11 -4.43 -0.13
N PRO A 14 5.16 -3.51 -0.25
CA PRO A 14 3.84 -3.78 -0.84
C PRO A 14 3.93 -4.02 -2.35
N TYR A 15 3.00 -4.74 -2.90
CA TYR A 15 3.04 -5.01 -4.37
C TYR A 15 1.77 -4.46 -5.02
N PRO A 16 1.81 -4.22 -6.33
CA PRO A 16 0.66 -3.70 -7.08
C PRO A 16 -0.46 -4.73 -7.20
N GLY A 17 -1.68 -4.32 -6.95
CA GLY A 17 -2.82 -5.28 -7.05
C GLY A 17 -3.19 -5.79 -5.66
N ASP A 18 -2.37 -5.51 -4.68
CA ASP A 18 -2.67 -5.97 -3.30
C ASP A 18 -3.58 -4.96 -2.61
N LYS A 19 -4.49 -5.42 -1.78
CA LYS A 19 -5.41 -4.48 -1.08
C LYS A 19 -4.66 -3.78 0.05
N VAL A 20 -5.00 -2.56 0.33
CA VAL A 20 -4.31 -1.81 1.41
C VAL A 20 -5.34 -1.09 2.29
N ILE A 21 -5.03 -0.89 3.54
CA ILE A 21 -6.00 -0.19 4.44
C ILE A 21 -5.32 1.03 5.07
N ILE A 22 -6.04 2.11 5.20
CA ILE A 22 -5.43 3.33 5.80
C ILE A 22 -5.70 3.33 7.31
N THR A 23 -4.68 3.54 8.10
CA THR A 23 -4.87 3.55 9.58
C THR A 23 -4.80 4.98 10.09
N GLU A 24 -4.44 5.92 9.24
CA GLU A 24 -4.35 7.33 9.69
C GLU A 24 -4.94 8.24 8.61
N GLY A 25 -5.34 9.43 8.97
CA GLY A 25 -5.92 10.36 7.96
C GLY A 25 -7.45 10.21 7.96
N ALA A 26 -8.14 11.11 7.32
CA ALA A 26 -9.63 11.02 7.27
C ALA A 26 -10.04 9.79 6.43
N PHE A 27 -9.17 9.34 5.57
CA PHE A 27 -9.51 8.15 4.73
C PHE A 27 -9.23 6.87 5.52
N GLU A 28 -8.94 7.00 6.79
CA GLU A 28 -8.65 5.78 7.61
C GLU A 28 -9.89 4.87 7.63
N GLY A 29 -9.69 3.59 7.56
CA GLY A 29 -10.84 2.66 7.58
C GLY A 29 -11.27 2.34 6.15
N PHE A 30 -10.67 2.99 5.19
CA PHE A 30 -11.05 2.72 3.77
C PHE A 30 -10.01 1.79 3.13
N GLN A 31 -10.42 0.99 2.18
CA GLN A 31 -9.46 0.06 1.54
C GLN A 31 -9.00 0.66 0.21
N ALA A 32 -7.78 0.40 -0.18
CA ALA A 32 -7.27 0.96 -1.46
C ALA A 32 -6.36 -0.07 -2.15
N ILE A 33 -6.10 0.10 -3.42
CA ILE A 33 -5.23 -0.87 -4.14
C ILE A 33 -3.93 -0.17 -4.56
N PHE A 34 -2.83 -0.87 -4.51
CA PHE A 34 -1.54 -0.24 -4.91
C PHE A 34 -1.57 0.10 -6.40
N THR A 35 -1.56 1.35 -6.74
CA THR A 35 -1.59 1.74 -8.18
C THR A 35 -0.17 1.67 -8.74
N GLU A 36 0.82 1.96 -7.95
CA GLU A 36 2.22 1.91 -8.46
C GLU A 36 3.15 2.65 -7.49
N PRO A 37 3.70 1.94 -6.50
CA PRO A 37 4.60 2.53 -5.50
C PRO A 37 5.95 2.92 -6.11
N ASP A 38 6.33 4.16 -6.01
CA ASP A 38 7.63 4.60 -6.59
C ASP A 38 8.77 3.92 -5.84
N GLY A 39 8.59 3.65 -4.57
CA GLY A 39 9.68 2.99 -3.79
C GLY A 39 9.11 2.45 -2.48
N GLU A 40 9.93 1.81 -1.69
CA GLU A 40 9.42 1.25 -0.40
C GLU A 40 9.05 2.39 0.54
N ALA A 41 9.68 3.53 0.38
CA ALA A 41 9.35 4.68 1.27
C ALA A 41 7.91 5.14 1.01
N ARG A 42 7.63 5.60 -0.17
CA ARG A 42 6.24 6.06 -0.48
C ARG A 42 5.57 5.06 -1.42
N SER A 43 4.26 5.06 -1.45
CA SER A 43 3.55 4.11 -2.35
C SER A 43 2.28 4.77 -2.89
N MET A 44 1.79 4.33 -4.02
CA MET A 44 0.56 4.94 -4.59
C MET A 44 -0.62 4.02 -4.32
N LEU A 45 -1.65 4.53 -3.70
CA LEU A 45 -2.85 3.69 -3.41
C LEU A 45 -4.08 4.33 -4.04
N LEU A 46 -5.02 3.54 -4.49
CA LEU A 46 -6.24 4.10 -5.12
C LEU A 46 -7.42 3.96 -4.14
N LEU A 47 -8.02 5.05 -3.77
CA LEU A 47 -9.18 4.98 -2.83
C LEU A 47 -10.49 4.99 -3.62
N ASN A 48 -11.42 4.15 -3.26
CA ASN A 48 -12.71 4.11 -3.99
C ASN A 48 -13.80 4.76 -3.13
N LEU A 49 -14.31 5.89 -3.54
CA LEU A 49 -15.37 6.55 -2.74
C LEU A 49 -16.74 6.26 -3.37
N ILE A 50 -17.77 6.18 -2.57
CA ILE A 50 -19.12 5.89 -3.13
C ILE A 50 -19.41 6.87 -4.28
N ASN A 51 -19.04 8.10 -4.12
CA ASN A 51 -19.30 9.10 -5.20
C ASN A 51 -18.43 8.77 -6.42
N LYS A 52 -17.16 8.54 -6.21
CA LYS A 52 -16.26 8.21 -7.36
C LYS A 52 -14.92 7.72 -6.82
N GLU A 53 -14.13 7.11 -7.67
CA GLU A 53 -12.81 6.59 -7.20
C GLU A 53 -11.76 7.70 -7.35
N ILE A 54 -10.89 7.82 -6.39
CA ILE A 54 -9.84 8.88 -6.47
C ILE A 54 -8.45 8.23 -6.32
N LYS A 55 -7.44 8.90 -6.79
CA LYS A 55 -6.06 8.32 -6.68
C LYS A 55 -5.14 9.32 -5.99
N HIS A 56 -4.42 8.90 -5.00
CA HIS A 56 -3.50 9.83 -4.28
C HIS A 56 -2.34 9.04 -3.68
N SER A 57 -1.15 9.59 -3.72
CA SER A 57 0.02 8.86 -3.15
C SER A 57 -0.13 8.77 -1.63
N VAL A 58 0.27 7.66 -1.05
CA VAL A 58 0.15 7.51 0.43
C VAL A 58 1.48 7.01 1.00
N LYS A 59 1.77 7.35 2.23
CA LYS A 59 3.04 6.90 2.84
C LYS A 59 2.83 5.56 3.56
N ASN A 60 3.73 4.64 3.42
CA ASN A 60 3.58 3.33 4.10
C ASN A 60 3.28 3.56 5.59
N THR A 61 3.67 4.69 6.11
CA THR A 61 3.42 4.99 7.55
C THR A 61 2.00 5.57 7.70
N GLU A 62 1.47 6.13 6.65
CA GLU A 62 0.10 6.72 6.73
C GLU A 62 -0.93 5.61 6.59
N PHE A 63 -0.56 4.50 6.02
CA PHE A 63 -1.53 3.38 5.84
C PHE A 63 -0.84 2.05 6.16
N ARG A 64 -1.57 0.97 6.09
CA ARG A 64 -0.95 -0.36 6.38
C ARG A 64 -1.38 -1.37 5.30
N LYS A 65 -0.53 -2.29 4.97
CA LYS A 65 -0.88 -3.29 3.93
C LYS A 65 -1.66 -4.44 4.58
N LEU A 66 -2.73 -4.88 3.96
CA LEU A 66 -3.52 -6.00 4.54
C LEU A 66 -2.98 -7.33 4.03
N GLY A 1 17.98 -21.11 -5.54
CA GLY A 1 16.60 -21.05 -6.09
C GLY A 1 16.30 -19.63 -6.57
N ALA A 2 15.85 -18.78 -5.68
CA ALA A 2 15.55 -17.38 -6.10
C ALA A 2 14.41 -17.37 -7.13
N MET A 3 14.75 -17.45 -8.38
CA MET A 3 13.69 -17.46 -9.43
C MET A 3 12.77 -18.67 -9.23
N GLY A 4 13.32 -19.77 -8.82
CA GLY A 4 12.48 -20.98 -8.60
C GLY A 4 11.57 -20.76 -7.39
N PRO A 5 10.35 -21.32 -7.44
CA PRO A 5 9.38 -21.19 -6.35
C PRO A 5 9.80 -21.97 -5.12
N LYS A 6 10.74 -22.87 -5.26
CA LYS A 6 11.20 -23.67 -4.09
C LYS A 6 11.66 -22.73 -2.98
N ASP A 7 12.28 -21.63 -3.33
CA ASP A 7 12.78 -20.69 -2.30
C ASP A 7 11.61 -19.82 -1.82
N ILE A 8 11.49 -19.62 -0.54
CA ILE A 8 10.39 -18.79 0.00
C ILE A 8 10.96 -17.60 0.78
N VAL A 9 10.34 -16.46 0.68
CA VAL A 9 10.86 -15.27 1.41
C VAL A 9 9.70 -14.54 2.09
N ASP A 10 9.96 -13.81 3.14
CA ASP A 10 8.88 -13.08 3.84
C ASP A 10 8.46 -11.87 3.01
N PRO A 11 7.17 -11.79 2.64
CA PRO A 11 6.63 -10.68 1.85
C PRO A 11 6.59 -9.37 2.65
N ALA A 12 7.70 -8.94 3.15
CA ALA A 12 7.72 -7.68 3.94
C ALA A 12 7.18 -6.54 3.08
N THR A 13 7.50 -6.51 1.82
CA THR A 13 7.01 -5.42 0.94
C THR A 13 5.80 -5.92 0.14
N PRO A 14 4.68 -5.19 0.20
CA PRO A 14 3.45 -5.55 -0.52
C PRO A 14 3.60 -5.37 -2.02
N TYR A 15 3.14 -6.33 -2.79
CA TYR A 15 3.26 -6.22 -4.27
C TYR A 15 2.18 -5.27 -4.80
N PRO A 16 2.36 -4.76 -6.03
CA PRO A 16 1.41 -3.84 -6.66
C PRO A 16 0.10 -4.54 -7.02
N GLY A 17 -1.01 -3.93 -6.71
CA GLY A 17 -2.32 -4.57 -7.03
C GLY A 17 -2.91 -5.19 -5.77
N ASP A 18 -2.11 -5.40 -4.77
CA ASP A 18 -2.62 -6.01 -3.51
C ASP A 18 -3.56 -5.02 -2.81
N LYS A 19 -4.37 -5.48 -1.90
CA LYS A 19 -5.30 -4.58 -1.19
C LYS A 19 -4.60 -3.97 0.03
N VAL A 20 -4.81 -2.71 0.29
CA VAL A 20 -4.16 -2.07 1.47
C VAL A 20 -5.21 -1.25 2.23
N ILE A 21 -5.06 -1.14 3.52
CA ILE A 21 -6.04 -0.35 4.32
C ILE A 21 -5.34 0.85 4.96
N ILE A 22 -6.00 1.98 5.00
CA ILE A 22 -5.38 3.18 5.62
C ILE A 22 -5.76 3.26 7.09
N THR A 23 -4.80 3.45 7.96
CA THR A 23 -5.11 3.54 9.41
C THR A 23 -4.97 4.99 9.88
N GLU A 24 -4.53 5.86 9.02
CA GLU A 24 -4.38 7.29 9.42
C GLU A 24 -4.79 8.20 8.26
N GLY A 25 -5.18 9.40 8.55
CA GLY A 25 -5.60 10.33 7.46
C GLY A 25 -7.13 10.36 7.38
N ALA A 26 -7.68 11.31 6.66
CA ALA A 26 -9.16 11.40 6.54
C ALA A 26 -9.67 10.21 5.73
N PHE A 27 -8.82 9.62 4.92
CA PHE A 27 -9.26 8.45 4.11
C PHE A 27 -9.09 7.16 4.92
N GLU A 28 -8.86 7.28 6.20
CA GLU A 28 -8.69 6.07 7.04
C GLU A 28 -9.94 5.21 6.95
N GLY A 29 -9.78 3.92 6.83
CA GLY A 29 -10.96 3.01 6.72
C GLY A 29 -11.32 2.77 5.26
N PHE A 30 -10.56 3.34 4.35
CA PHE A 30 -10.85 3.14 2.91
C PHE A 30 -9.82 2.18 2.31
N GLN A 31 -10.27 1.10 1.73
CA GLN A 31 -9.32 0.13 1.12
C GLN A 31 -8.73 0.73 -0.16
N ALA A 32 -7.46 0.57 -0.36
CA ALA A 32 -6.83 1.14 -1.58
C ALA A 32 -5.92 0.09 -2.23
N ILE A 33 -5.63 0.23 -3.50
CA ILE A 33 -4.75 -0.76 -4.17
C ILE A 33 -3.48 -0.06 -4.65
N PHE A 34 -2.34 -0.68 -4.44
CA PHE A 34 -1.06 -0.05 -4.88
C PHE A 34 -1.11 0.20 -6.39
N THR A 35 -1.35 1.41 -6.79
CA THR A 35 -1.41 1.73 -8.24
C THR A 35 0.02 1.74 -8.81
N GLU A 36 0.95 2.27 -8.08
CA GLU A 36 2.36 2.32 -8.56
C GLU A 36 3.21 3.14 -7.59
N PRO A 37 3.90 2.46 -6.67
CA PRO A 37 4.75 3.11 -5.68
C PRO A 37 6.01 3.71 -6.32
N ASP A 38 6.10 5.01 -6.36
CA ASP A 38 7.31 5.65 -6.96
C ASP A 38 8.55 5.27 -6.15
N GLY A 39 8.41 5.12 -4.86
CA GLY A 39 9.59 4.75 -4.02
C GLY A 39 9.14 3.79 -2.93
N GLU A 40 10.06 3.33 -2.12
CA GLU A 40 9.70 2.38 -1.03
C GLU A 40 9.04 3.15 0.11
N ALA A 41 9.40 4.39 0.30
CA ALA A 41 8.79 5.19 1.40
C ALA A 41 7.33 5.48 1.05
N ARG A 42 7.08 6.42 0.19
CA ARG A 42 5.67 6.76 -0.17
C ARG A 42 5.23 5.89 -1.36
N SER A 43 3.97 5.56 -1.42
CA SER A 43 3.48 4.73 -2.57
C SER A 43 2.17 5.31 -3.09
N MET A 44 1.84 5.06 -4.32
CA MET A 44 0.57 5.59 -4.88
C MET A 44 -0.55 4.58 -4.65
N LEU A 45 -1.54 4.94 -3.88
CA LEU A 45 -2.66 4.01 -3.61
C LEU A 45 -3.98 4.63 -4.08
N LEU A 46 -4.83 3.85 -4.69
CA LEU A 46 -6.13 4.40 -5.17
C LEU A 46 -7.23 4.12 -4.15
N LEU A 47 -7.87 5.15 -3.65
CA LEU A 47 -8.95 4.94 -2.66
C LEU A 47 -10.28 4.71 -3.39
N ASN A 48 -11.14 3.90 -2.84
CA ASN A 48 -12.45 3.64 -3.51
C ASN A 48 -13.58 4.15 -2.63
N LEU A 49 -14.21 5.23 -3.02
CA LEU A 49 -15.33 5.78 -2.20
C LEU A 49 -16.66 5.45 -2.89
N ILE A 50 -17.67 5.12 -2.13
CA ILE A 50 -18.99 4.80 -2.75
C ILE A 50 -19.38 5.92 -3.71
N ASN A 51 -19.01 7.13 -3.41
CA ASN A 51 -19.37 8.25 -4.33
C ASN A 51 -18.53 8.19 -5.60
N LYS A 52 -17.23 8.18 -5.47
CA LYS A 52 -16.36 8.11 -6.68
C LYS A 52 -14.97 7.61 -6.28
N GLU A 53 -14.14 7.32 -7.24
CA GLU A 53 -12.76 6.83 -6.92
C GLU A 53 -11.76 7.98 -7.10
N ILE A 54 -10.81 8.10 -6.21
CA ILE A 54 -9.81 9.20 -6.34
C ILE A 54 -8.41 8.64 -6.14
N LYS A 55 -7.45 9.12 -6.88
CA LYS A 55 -6.06 8.61 -6.73
C LYS A 55 -5.27 9.53 -5.80
N HIS A 56 -4.61 8.98 -4.82
CA HIS A 56 -3.83 9.83 -3.88
C HIS A 56 -2.60 9.06 -3.40
N SER A 57 -1.47 9.72 -3.31
CA SER A 57 -0.24 9.02 -2.85
C SER A 57 -0.33 8.77 -1.34
N VAL A 58 0.13 7.64 -0.89
CA VAL A 58 0.07 7.34 0.57
C VAL A 58 1.45 6.92 1.06
N LYS A 59 1.74 7.15 2.31
CA LYS A 59 3.07 6.76 2.86
C LYS A 59 2.92 5.45 3.66
N ASN A 60 3.86 4.55 3.51
CA ASN A 60 3.77 3.27 4.26
C ASN A 60 3.41 3.55 5.72
N THR A 61 3.79 4.70 6.21
CA THR A 61 3.48 5.04 7.64
C THR A 61 2.07 5.63 7.73
N GLU A 62 1.54 6.10 6.64
CA GLU A 62 0.17 6.69 6.66
C GLU A 62 -0.86 5.57 6.53
N PHE A 63 -0.47 4.45 6.01
CA PHE A 63 -1.45 3.32 5.87
C PHE A 63 -0.76 2.01 6.27
N ARG A 64 -1.51 0.94 6.34
CA ARG A 64 -0.90 -0.37 6.73
C ARG A 64 -1.41 -1.46 5.78
N LYS A 65 -0.58 -2.42 5.47
CA LYS A 65 -1.02 -3.52 4.56
C LYS A 65 -2.05 -4.39 5.29
N LEU A 66 -3.26 -4.38 4.82
CA LEU A 66 -4.32 -5.22 5.47
C LEU A 66 -4.07 -6.70 5.14
N GLY A 1 6.98 -9.36 12.32
CA GLY A 1 6.34 -9.05 11.01
C GLY A 1 6.45 -10.27 10.09
N ALA A 2 7.64 -10.67 9.76
CA ALA A 2 7.81 -11.85 8.86
C ALA A 2 7.30 -13.11 9.58
N MET A 3 6.64 -13.97 8.87
CA MET A 3 6.12 -15.22 9.51
C MET A 3 7.29 -16.03 10.09
N GLY A 4 8.40 -16.03 9.41
CA GLY A 4 9.57 -16.80 9.91
C GLY A 4 10.86 -16.22 9.31
N PRO A 5 11.87 -15.95 10.17
CA PRO A 5 13.15 -15.39 9.73
C PRO A 5 13.98 -16.42 8.95
N LYS A 6 13.54 -17.64 8.93
CA LYS A 6 14.30 -18.69 8.20
C LYS A 6 14.44 -18.28 6.72
N ASP A 7 13.46 -17.59 6.20
CA ASP A 7 13.53 -17.17 4.77
C ASP A 7 14.70 -16.18 4.60
N ILE A 8 15.40 -16.27 3.51
CA ILE A 8 16.54 -15.34 3.28
C ILE A 8 16.04 -13.89 3.27
N VAL A 9 14.91 -13.66 2.63
CA VAL A 9 14.37 -12.27 2.59
C VAL A 9 12.89 -12.29 2.98
N ASP A 10 12.40 -11.24 3.56
CA ASP A 10 10.97 -11.20 3.97
C ASP A 10 10.21 -10.25 3.03
N PRO A 11 9.02 -10.68 2.58
CA PRO A 11 8.18 -9.88 1.68
C PRO A 11 7.61 -8.64 2.39
N ALA A 12 8.45 -7.84 2.98
CA ALA A 12 7.95 -6.63 3.69
C ALA A 12 7.38 -5.64 2.67
N THR A 13 7.97 -5.58 1.51
CA THR A 13 7.46 -4.63 0.47
C THR A 13 6.19 -5.20 -0.16
N PRO A 14 5.09 -4.43 -0.11
CA PRO A 14 3.81 -4.85 -0.67
C PRO A 14 3.83 -4.88 -2.21
N TYR A 15 3.22 -5.87 -2.81
CA TYR A 15 3.22 -5.96 -4.28
C TYR A 15 2.03 -5.19 -4.84
N PRO A 16 2.07 -4.84 -6.13
CA PRO A 16 0.99 -4.09 -6.79
C PRO A 16 -0.27 -4.94 -6.96
N GLY A 17 -1.42 -4.38 -6.72
CA GLY A 17 -2.68 -5.16 -6.87
C GLY A 17 -3.11 -5.70 -5.50
N ASP A 18 -2.25 -5.61 -4.52
CA ASP A 18 -2.62 -6.11 -3.17
C ASP A 18 -3.60 -5.13 -2.52
N LYS A 19 -4.44 -5.63 -1.64
CA LYS A 19 -5.42 -4.73 -0.97
C LYS A 19 -4.74 -3.99 0.18
N VAL A 20 -5.04 -2.73 0.34
CA VAL A 20 -4.40 -1.95 1.44
C VAL A 20 -5.48 -1.25 2.26
N ILE A 21 -5.20 -0.93 3.50
CA ILE A 21 -6.21 -0.23 4.34
C ILE A 21 -5.64 1.09 4.86
N ILE A 22 -6.46 2.10 5.00
CA ILE A 22 -5.95 3.40 5.50
C ILE A 22 -6.06 3.43 7.03
N THR A 23 -4.95 3.61 7.71
CA THR A 23 -4.99 3.64 9.19
C THR A 23 -4.88 5.09 9.67
N GLU A 24 -4.45 5.97 8.81
CA GLU A 24 -4.31 7.40 9.21
C GLU A 24 -4.88 8.30 8.12
N GLY A 25 -5.29 9.49 8.46
CA GLY A 25 -5.86 10.40 7.43
C GLY A 25 -7.39 10.28 7.42
N ALA A 26 -8.07 11.20 6.81
CA ALA A 26 -9.56 11.13 6.76
C ALA A 26 -9.98 9.92 5.93
N PHE A 27 -9.07 9.36 5.18
CA PHE A 27 -9.43 8.17 4.36
C PHE A 27 -9.26 6.90 5.18
N GLU A 28 -9.10 7.04 6.46
CA GLU A 28 -8.93 5.85 7.34
C GLU A 28 -10.16 4.94 7.21
N GLY A 29 -9.96 3.66 7.06
CA GLY A 29 -11.12 2.73 6.94
C GLY A 29 -11.45 2.52 5.46
N PHE A 30 -10.70 3.12 4.57
CA PHE A 30 -10.96 2.94 3.11
C PHE A 30 -10.01 1.90 2.54
N GLN A 31 -10.50 1.03 1.71
CA GLN A 31 -9.61 -0.02 1.11
C GLN A 31 -9.04 0.50 -0.21
N ALA A 32 -7.75 0.41 -0.37
CA ALA A 32 -7.13 0.91 -1.63
C ALA A 32 -6.20 -0.17 -2.20
N ILE A 33 -5.83 -0.05 -3.44
CA ILE A 33 -4.93 -1.07 -4.06
C ILE A 33 -3.64 -0.38 -4.52
N PHE A 34 -2.52 -1.03 -4.32
CA PHE A 34 -1.22 -0.41 -4.75
C PHE A 34 -1.27 -0.14 -6.25
N THR A 35 -1.50 1.09 -6.64
CA THR A 35 -1.55 1.42 -8.09
C THR A 35 -0.12 1.50 -8.65
N GLU A 36 0.83 1.84 -7.83
CA GLU A 36 2.24 1.92 -8.31
C GLU A 36 3.08 2.68 -7.29
N PRO A 37 3.80 1.95 -6.42
CA PRO A 37 4.66 2.56 -5.39
C PRO A 37 5.88 3.24 -6.00
N ASP A 38 5.97 4.53 -5.86
CA ASP A 38 7.14 5.26 -6.43
C ASP A 38 8.43 4.75 -5.78
N GLY A 39 8.35 4.33 -4.54
CA GLY A 39 9.57 3.83 -3.85
C GLY A 39 9.17 3.08 -2.58
N GLU A 40 10.11 2.48 -1.91
CA GLU A 40 9.78 1.74 -0.66
C GLU A 40 9.33 2.73 0.42
N ALA A 41 9.73 3.97 0.30
CA ALA A 41 9.34 4.98 1.32
C ALA A 41 7.87 5.36 1.12
N ARG A 42 7.54 5.96 0.00
CA ARG A 42 6.13 6.35 -0.25
C ARG A 42 5.52 5.43 -1.31
N SER A 43 4.23 5.35 -1.37
CA SER A 43 3.58 4.47 -2.38
C SER A 43 2.27 5.12 -2.85
N MET A 44 1.81 4.75 -4.02
CA MET A 44 0.54 5.34 -4.54
C MET A 44 -0.61 4.35 -4.34
N LEU A 45 -1.62 4.73 -3.61
CA LEU A 45 -2.77 3.81 -3.38
C LEU A 45 -4.05 4.43 -3.92
N LEU A 46 -4.96 3.64 -4.40
CA LEU A 46 -6.23 4.19 -4.94
C LEU A 46 -7.34 4.04 -3.89
N LEU A 47 -7.97 5.11 -3.54
CA LEU A 47 -9.06 5.03 -2.52
C LEU A 47 -10.42 5.06 -3.22
N ASN A 48 -11.12 3.97 -3.22
CA ASN A 48 -12.44 3.92 -3.89
C ASN A 48 -13.51 4.46 -2.93
N LEU A 49 -14.27 5.44 -3.35
CA LEU A 49 -15.32 6.00 -2.47
C LEU A 49 -16.69 5.80 -3.12
N ILE A 50 -17.68 5.51 -2.34
CA ILE A 50 -19.05 5.29 -2.92
C ILE A 50 -19.42 6.49 -3.80
N ASN A 51 -18.92 7.65 -3.46
CA ASN A 51 -19.25 8.85 -4.28
C ASN A 51 -18.45 8.82 -5.59
N LYS A 52 -17.16 8.71 -5.50
CA LYS A 52 -16.32 8.66 -6.73
C LYS A 52 -14.98 8.01 -6.43
N GLU A 53 -14.19 7.75 -7.44
CA GLU A 53 -12.86 7.12 -7.20
C GLU A 53 -11.77 8.20 -7.28
N ILE A 54 -10.90 8.24 -6.31
CA ILE A 54 -9.83 9.28 -6.33
C ILE A 54 -8.46 8.62 -6.11
N LYS A 55 -7.44 9.12 -6.75
CA LYS A 55 -6.08 8.53 -6.57
C LYS A 55 -5.22 9.48 -5.76
N HIS A 56 -4.48 8.98 -4.81
CA HIS A 56 -3.62 9.87 -3.98
C HIS A 56 -2.39 9.11 -3.49
N SER A 57 -1.25 9.75 -3.49
CA SER A 57 -0.02 9.07 -3.03
C SER A 57 0.08 9.18 -1.50
N VAL A 58 0.13 8.08 -0.81
CA VAL A 58 0.22 8.13 0.68
C VAL A 58 1.50 7.43 1.15
N LYS A 59 2.03 7.85 2.26
CA LYS A 59 3.27 7.21 2.78
C LYS A 59 2.93 5.84 3.38
N ASN A 60 3.85 4.91 3.32
CA ASN A 60 3.59 3.56 3.88
C ASN A 60 3.30 3.68 5.37
N THR A 61 3.82 4.70 6.01
CA THR A 61 3.57 4.87 7.46
C THR A 61 2.17 5.45 7.69
N GLU A 62 1.61 6.07 6.69
CA GLU A 62 0.24 6.65 6.84
C GLU A 62 -0.80 5.57 6.62
N PHE A 63 -0.44 4.51 5.93
CA PHE A 63 -1.42 3.41 5.67
C PHE A 63 -0.72 2.06 5.85
N ARG A 64 -1.47 1.03 6.14
CA ARG A 64 -0.86 -0.31 6.32
C ARG A 64 -1.58 -1.32 5.44
N LYS A 65 -0.85 -2.19 4.79
CA LYS A 65 -1.50 -3.20 3.90
C LYS A 65 -2.19 -4.25 4.77
N LEU A 66 -3.10 -4.99 4.20
CA LEU A 66 -3.81 -6.04 5.00
C LEU A 66 -3.01 -7.33 4.96
N GLY A 1 20.75 -24.71 -5.90
CA GLY A 1 21.01 -23.90 -4.68
C GLY A 1 20.80 -24.77 -3.43
N ALA A 2 21.73 -25.65 -3.16
CA ALA A 2 21.61 -26.53 -1.97
C ALA A 2 21.57 -25.66 -0.70
N MET A 3 22.23 -24.54 -0.72
CA MET A 3 22.23 -23.66 0.49
C MET A 3 21.59 -22.32 0.13
N GLY A 4 20.96 -21.69 1.07
CA GLY A 4 20.31 -20.37 0.79
C GLY A 4 21.39 -19.34 0.46
N PRO A 5 21.01 -18.28 -0.29
CA PRO A 5 21.94 -17.22 -0.68
C PRO A 5 22.34 -16.35 0.51
N LYS A 6 23.58 -15.94 0.56
CA LYS A 6 24.03 -15.09 1.69
C LYS A 6 23.17 -13.82 1.76
N ASP A 7 22.85 -13.26 0.63
CA ASP A 7 22.02 -12.03 0.62
C ASP A 7 20.58 -12.38 1.00
N ILE A 8 19.95 -11.58 1.81
CA ILE A 8 18.55 -11.88 2.22
C ILE A 8 17.61 -10.81 1.65
N VAL A 9 16.45 -11.19 1.21
CA VAL A 9 15.49 -10.20 0.66
C VAL A 9 14.21 -10.20 1.50
N ASP A 10 13.79 -9.06 1.97
CA ASP A 10 12.55 -9.01 2.80
C ASP A 10 11.38 -8.56 1.93
N PRO A 11 10.34 -9.41 1.81
CA PRO A 11 9.15 -9.10 1.00
C PRO A 11 8.21 -8.13 1.72
N ALA A 12 8.75 -7.12 2.34
CA ALA A 12 7.87 -6.13 3.05
C ALA A 12 7.29 -5.15 2.04
N THR A 13 8.02 -4.85 1.01
CA THR A 13 7.52 -3.89 -0.01
C THR A 13 6.20 -4.40 -0.59
N PRO A 14 5.17 -3.55 -0.62
CA PRO A 14 3.84 -3.91 -1.14
C PRO A 14 3.86 -4.09 -2.66
N TYR A 15 3.09 -5.02 -3.17
CA TYR A 15 3.07 -5.23 -4.64
C TYR A 15 1.73 -4.74 -5.21
N PRO A 16 1.69 -4.52 -6.53
CA PRO A 16 0.48 -4.04 -7.21
C PRO A 16 -0.62 -5.11 -7.23
N GLY A 17 -1.82 -4.74 -6.88
CA GLY A 17 -2.94 -5.74 -6.88
C GLY A 17 -3.29 -6.10 -5.43
N ASP A 18 -2.45 -5.76 -4.50
CA ASP A 18 -2.73 -6.08 -3.08
C ASP A 18 -3.70 -5.04 -2.50
N LYS A 19 -4.38 -5.37 -1.45
CA LYS A 19 -5.34 -4.39 -0.85
C LYS A 19 -4.63 -3.60 0.25
N VAL A 20 -4.98 -2.35 0.42
CA VAL A 20 -4.33 -1.52 1.47
C VAL A 20 -5.41 -0.85 2.33
N ILE A 21 -5.10 -0.56 3.56
CA ILE A 21 -6.09 0.09 4.45
C ILE A 21 -5.52 1.40 4.99
N ILE A 22 -6.35 2.37 5.23
CA ILE A 22 -5.85 3.67 5.77
C ILE A 22 -5.91 3.65 7.30
N THR A 23 -4.85 4.04 7.94
CA THR A 23 -4.86 4.06 9.44
C THR A 23 -4.59 5.47 9.95
N GLU A 24 -4.52 6.43 9.06
CA GLU A 24 -4.26 7.83 9.50
C GLU A 24 -5.09 8.79 8.64
N GLY A 25 -5.44 9.92 9.19
CA GLY A 25 -6.25 10.91 8.42
C GLY A 25 -7.73 10.55 8.53
N ALA A 26 -8.57 11.21 7.79
CA ALA A 26 -10.03 10.91 7.86
C ALA A 26 -10.36 9.74 6.92
N PHE A 27 -9.39 9.28 6.17
CA PHE A 27 -9.66 8.15 5.23
C PHE A 27 -9.49 6.83 5.98
N GLU A 28 -9.30 6.88 7.27
CA GLU A 28 -9.12 5.63 8.05
C GLU A 28 -10.35 4.72 7.87
N GLY A 29 -10.14 3.44 7.76
CA GLY A 29 -11.30 2.52 7.59
C GLY A 29 -11.56 2.31 6.09
N PHE A 30 -10.88 3.03 5.25
CA PHE A 30 -11.10 2.87 3.78
C PHE A 30 -10.03 1.93 3.21
N GLN A 31 -10.38 1.18 2.20
CA GLN A 31 -9.39 0.24 1.59
C GLN A 31 -8.90 0.82 0.26
N ALA A 32 -7.72 0.45 -0.16
CA ALA A 32 -7.19 0.98 -1.44
C ALA A 32 -6.29 -0.08 -2.10
N ILE A 33 -6.04 0.06 -3.37
CA ILE A 33 -5.17 -0.93 -4.06
C ILE A 33 -3.86 -0.26 -4.48
N PHE A 34 -2.77 -0.99 -4.43
CA PHE A 34 -1.47 -0.39 -4.83
C PHE A 34 -1.48 -0.08 -6.33
N THR A 35 -1.65 1.17 -6.68
CA THR A 35 -1.67 1.54 -8.12
C THR A 35 -0.25 1.53 -8.68
N GLU A 36 0.72 1.89 -7.89
CA GLU A 36 2.12 1.89 -8.38
C GLU A 36 3.01 2.69 -7.43
N PRO A 37 3.58 2.01 -6.41
CA PRO A 37 4.45 2.65 -5.42
C PRO A 37 5.79 3.07 -6.03
N ASP A 38 6.21 4.29 -5.81
CA ASP A 38 7.49 4.76 -6.38
C ASP A 38 8.65 4.02 -5.70
N GLY A 39 8.49 3.66 -4.46
CA GLY A 39 9.57 2.94 -3.75
C GLY A 39 9.05 2.43 -2.40
N GLU A 40 9.87 1.74 -1.66
CA GLU A 40 9.43 1.21 -0.33
C GLU A 40 9.09 2.39 0.59
N ALA A 41 9.68 3.52 0.36
CA ALA A 41 9.41 4.70 1.23
C ALA A 41 7.96 5.15 1.02
N ARG A 42 7.62 5.56 -0.17
CA ARG A 42 6.23 6.01 -0.44
C ARG A 42 5.52 4.99 -1.33
N SER A 43 4.22 4.98 -1.32
CA SER A 43 3.48 4.01 -2.18
C SER A 43 2.21 4.68 -2.73
N MET A 44 1.74 4.23 -3.86
CA MET A 44 0.52 4.83 -4.44
C MET A 44 -0.69 3.95 -4.13
N LEU A 45 -1.70 4.50 -3.51
CA LEU A 45 -2.90 3.69 -3.18
C LEU A 45 -4.14 4.33 -3.81
N LEU A 46 -5.08 3.54 -4.23
CA LEU A 46 -6.32 4.11 -4.85
C LEU A 46 -7.46 4.11 -3.83
N LEU A 47 -8.07 5.23 -3.60
CA LEU A 47 -9.19 5.30 -2.62
C LEU A 47 -10.51 5.25 -3.37
N ASN A 48 -11.18 4.12 -3.36
CA ASN A 48 -12.48 4.02 -4.08
C ASN A 48 -13.58 4.70 -3.25
N LEU A 49 -14.28 5.63 -3.85
CA LEU A 49 -15.36 6.34 -3.09
C LEU A 49 -16.71 6.07 -3.76
N ILE A 50 -17.74 5.89 -2.98
CA ILE A 50 -19.08 5.62 -3.57
C ILE A 50 -19.39 6.69 -4.62
N ASN A 51 -18.87 7.87 -4.46
CA ASN A 51 -19.15 8.95 -5.46
C ASN A 51 -18.28 8.73 -6.69
N LYS A 52 -17.00 8.59 -6.53
CA LYS A 52 -16.10 8.38 -7.69
C LYS A 52 -14.80 7.73 -7.23
N GLU A 53 -13.96 7.34 -8.15
CA GLU A 53 -12.67 6.70 -7.76
C GLU A 53 -11.54 7.73 -7.87
N ILE A 54 -10.81 7.92 -6.80
CA ILE A 54 -9.69 8.91 -6.85
C ILE A 54 -8.37 8.20 -6.53
N LYS A 55 -7.27 8.77 -6.93
CA LYS A 55 -5.95 8.13 -6.64
C LYS A 55 -5.05 9.13 -5.92
N HIS A 56 -4.42 8.71 -4.85
CA HIS A 56 -3.53 9.64 -4.10
C HIS A 56 -2.34 8.85 -3.54
N SER A 57 -1.17 9.45 -3.58
CA SER A 57 0.03 8.74 -3.05
C SER A 57 -0.04 8.70 -1.52
N VAL A 58 0.37 7.60 -0.93
CA VAL A 58 0.33 7.50 0.55
C VAL A 58 1.66 6.95 1.07
N LYS A 59 2.03 7.28 2.28
CA LYS A 59 3.30 6.77 2.84
C LYS A 59 3.05 5.46 3.60
N ASN A 60 3.94 4.52 3.49
CA ASN A 60 3.75 3.23 4.20
C ASN A 60 3.43 3.50 5.67
N THR A 61 3.88 4.62 6.18
CA THR A 61 3.60 4.94 7.61
C THR A 61 2.22 5.59 7.72
N GLU A 62 1.69 6.09 6.64
CA GLU A 62 0.35 6.73 6.69
C GLU A 62 -0.73 5.65 6.53
N PHE A 63 -0.35 4.47 6.12
CA PHE A 63 -1.35 3.38 5.96
C PHE A 63 -0.69 2.03 6.25
N ARG A 64 -1.45 0.97 6.28
CA ARG A 64 -0.87 -0.36 6.56
C ARG A 64 -1.35 -1.37 5.51
N LYS A 65 -0.51 -2.29 5.12
CA LYS A 65 -0.92 -3.30 4.11
C LYS A 65 -1.72 -4.40 4.79
N LEU A 66 -2.83 -4.80 4.20
CA LEU A 66 -3.65 -5.87 4.81
C LEU A 66 -2.98 -7.23 4.59
N GLY A 1 19.05 -29.85 -2.50
CA GLY A 1 18.15 -28.94 -1.74
C GLY A 1 18.19 -27.54 -2.36
N ALA A 2 17.90 -27.44 -3.64
CA ALA A 2 17.91 -26.11 -4.30
C ALA A 2 16.88 -25.20 -3.65
N MET A 3 17.17 -23.93 -3.53
CA MET A 3 16.20 -23.00 -2.92
C MET A 3 15.91 -21.85 -3.88
N GLY A 4 14.73 -21.29 -3.82
CA GLY A 4 14.38 -20.17 -4.74
C GLY A 4 15.02 -18.88 -4.22
N PRO A 5 15.14 -17.87 -5.11
CA PRO A 5 15.73 -16.58 -4.75
C PRO A 5 14.82 -15.78 -3.81
N LYS A 6 13.57 -16.14 -3.73
CA LYS A 6 12.63 -15.41 -2.82
C LYS A 6 13.11 -15.53 -1.39
N ASP A 7 13.72 -16.63 -1.04
CA ASP A 7 14.21 -16.81 0.36
C ASP A 7 15.23 -15.72 0.68
N ILE A 8 15.90 -15.22 -0.32
CA ILE A 8 16.92 -14.15 -0.08
C ILE A 8 16.26 -12.97 0.66
N VAL A 9 15.09 -12.58 0.23
CA VAL A 9 14.39 -11.45 0.90
C VAL A 9 12.96 -11.85 1.23
N ASP A 10 12.40 -11.33 2.29
CA ASP A 10 11.01 -11.69 2.66
C ASP A 10 10.03 -10.81 1.88
N PRO A 11 8.92 -11.41 1.43
CA PRO A 11 7.89 -10.69 0.66
C PRO A 11 7.02 -9.81 1.57
N ALA A 12 7.62 -9.10 2.48
CA ALA A 12 6.82 -8.22 3.38
C ALA A 12 6.48 -6.93 2.63
N THR A 13 7.35 -6.49 1.76
CA THR A 13 7.07 -5.24 1.00
C THR A 13 5.77 -5.40 0.21
N PRO A 14 4.94 -4.35 0.19
CA PRO A 14 3.65 -4.36 -0.52
C PRO A 14 3.83 -4.40 -2.04
N TYR A 15 2.94 -5.02 -2.75
CA TYR A 15 3.05 -5.08 -4.22
C TYR A 15 1.85 -4.40 -4.87
N PRO A 16 1.97 -4.02 -6.14
CA PRO A 16 0.88 -3.35 -6.88
C PRO A 16 -0.29 -4.29 -7.15
N GLY A 17 -1.49 -3.86 -6.84
CA GLY A 17 -2.67 -4.74 -7.07
C GLY A 17 -3.12 -5.34 -5.75
N ASP A 18 -2.36 -5.17 -4.71
CA ASP A 18 -2.75 -5.75 -3.40
C ASP A 18 -3.73 -4.81 -2.70
N LYS A 19 -4.39 -5.28 -1.67
CA LYS A 19 -5.36 -4.40 -0.94
C LYS A 19 -4.64 -3.67 0.20
N VAL A 20 -4.96 -2.43 0.40
CA VAL A 20 -4.30 -1.66 1.49
C VAL A 20 -5.35 -0.97 2.36
N ILE A 21 -5.02 -0.68 3.59
CA ILE A 21 -6.00 -0.01 4.49
C ILE A 21 -5.45 1.33 4.96
N ILE A 22 -6.29 2.31 5.12
CA ILE A 22 -5.80 3.65 5.58
C ILE A 22 -5.83 3.70 7.10
N THR A 23 -4.79 4.19 7.71
CA THR A 23 -4.75 4.27 9.20
C THR A 23 -4.56 5.73 9.62
N GLU A 24 -4.45 6.63 8.67
CA GLU A 24 -4.26 8.06 9.03
C GLU A 24 -5.12 8.94 8.12
N GLY A 25 -5.50 10.09 8.57
CA GLY A 25 -6.35 10.99 7.72
C GLY A 25 -7.82 10.62 7.91
N ALA A 26 -8.69 11.20 7.12
CA ALA A 26 -10.13 10.88 7.24
C ALA A 26 -10.48 9.65 6.40
N PHE A 27 -9.52 9.15 5.66
CA PHE A 27 -9.80 7.95 4.80
C PHE A 27 -9.53 6.68 5.61
N GLU A 28 -9.32 6.80 6.89
CA GLU A 28 -9.07 5.60 7.73
C GLU A 28 -10.26 4.64 7.62
N GLY A 29 -9.99 3.35 7.59
CA GLY A 29 -11.11 2.37 7.49
C GLY A 29 -11.44 2.11 6.03
N PHE A 30 -10.79 2.80 5.13
CA PHE A 30 -11.07 2.60 3.68
C PHE A 30 -10.00 1.70 3.07
N GLN A 31 -10.37 0.84 2.15
CA GLN A 31 -9.36 -0.06 1.52
C GLN A 31 -8.85 0.58 0.24
N ALA A 32 -7.62 0.31 -0.12
CA ALA A 32 -7.05 0.92 -1.37
C ALA A 32 -6.17 -0.12 -2.07
N ILE A 33 -5.91 0.08 -3.33
CA ILE A 33 -5.05 -0.89 -4.08
C ILE A 33 -3.76 -0.20 -4.52
N PHE A 34 -2.65 -0.86 -4.36
CA PHE A 34 -1.35 -0.23 -4.76
C PHE A 34 -1.39 0.10 -6.26
N THR A 35 -1.44 1.36 -6.60
CA THR A 35 -1.47 1.74 -8.04
C THR A 35 -0.06 1.67 -8.61
N GLU A 36 0.93 2.00 -7.82
CA GLU A 36 2.34 1.96 -8.32
C GLU A 36 3.25 2.73 -7.36
N PRO A 37 3.91 2.02 -6.44
CA PRO A 37 4.82 2.62 -5.47
C PRO A 37 6.10 3.13 -6.13
N ASP A 38 6.26 4.43 -6.23
CA ASP A 38 7.48 4.99 -6.86
C ASP A 38 8.67 4.87 -5.90
N GLY A 39 8.45 4.32 -4.73
CA GLY A 39 9.57 4.18 -3.75
C GLY A 39 9.10 3.35 -2.55
N GLU A 40 10.02 2.81 -1.80
CA GLU A 40 9.62 1.98 -0.62
C GLU A 40 8.96 2.90 0.42
N ALA A 41 9.49 4.06 0.63
CA ALA A 41 8.89 4.99 1.63
C ALA A 41 7.51 5.42 1.15
N ARG A 42 7.45 6.33 0.22
CA ARG A 42 6.12 6.79 -0.28
C ARG A 42 5.58 5.79 -1.30
N SER A 43 4.29 5.68 -1.42
CA SER A 43 3.70 4.72 -2.40
C SER A 43 2.42 5.31 -2.98
N MET A 44 2.02 4.86 -4.14
CA MET A 44 0.78 5.39 -4.76
C MET A 44 -0.37 4.40 -4.53
N LEU A 45 -1.40 4.83 -3.86
CA LEU A 45 -2.55 3.91 -3.60
C LEU A 45 -3.83 4.55 -4.13
N LEU A 46 -4.77 3.75 -4.57
CA LEU A 46 -6.04 4.30 -5.09
C LEU A 46 -7.11 4.26 -4.00
N LEU A 47 -7.73 5.36 -3.71
CA LEU A 47 -8.78 5.38 -2.65
C LEU A 47 -10.15 5.23 -3.29
N ASN A 48 -10.79 4.11 -3.10
CA ASN A 48 -12.14 3.90 -3.70
C ASN A 48 -13.20 4.56 -2.81
N LEU A 49 -13.99 5.44 -3.36
CA LEU A 49 -15.04 6.11 -2.55
C LEU A 49 -16.43 5.76 -3.11
N ILE A 50 -17.40 5.60 -2.26
CA ILE A 50 -18.76 5.26 -2.74
C ILE A 50 -19.16 6.22 -3.86
N ASN A 51 -18.76 7.46 -3.76
CA ASN A 51 -19.12 8.44 -4.81
C ASN A 51 -18.33 8.14 -6.09
N LYS A 52 -17.03 8.09 -5.98
CA LYS A 52 -16.21 7.80 -7.20
C LYS A 52 -14.85 7.26 -6.76
N GLU A 53 -14.04 6.82 -7.70
CA GLU A 53 -12.71 6.27 -7.34
C GLU A 53 -11.64 7.35 -7.56
N ILE A 54 -10.82 7.60 -6.57
CA ILE A 54 -9.77 8.63 -6.72
C ILE A 54 -8.40 8.02 -6.41
N LYS A 55 -7.35 8.61 -6.90
CA LYS A 55 -5.99 8.07 -6.62
C LYS A 55 -5.16 9.11 -5.88
N HIS A 56 -4.45 8.71 -4.86
CA HIS A 56 -3.64 9.68 -4.09
C HIS A 56 -2.35 9.00 -3.62
N SER A 57 -1.27 9.73 -3.56
CA SER A 57 0.02 9.12 -3.09
C SER A 57 0.09 9.19 -1.57
N VAL A 58 0.22 8.06 -0.92
CA VAL A 58 0.30 8.06 0.56
C VAL A 58 1.57 7.34 1.02
N LYS A 59 2.13 7.75 2.12
CA LYS A 59 3.38 7.09 2.61
C LYS A 59 3.03 5.75 3.24
N ASN A 60 3.93 4.81 3.19
CA ASN A 60 3.66 3.47 3.80
C ASN A 60 3.40 3.64 5.29
N THR A 61 3.92 4.68 5.89
CA THR A 61 3.71 4.89 7.34
C THR A 61 2.31 5.48 7.58
N GLU A 62 1.74 6.07 6.58
CA GLU A 62 0.39 6.67 6.75
C GLU A 62 -0.68 5.57 6.63
N PHE A 63 -0.35 4.49 5.97
CA PHE A 63 -1.33 3.39 5.82
C PHE A 63 -0.64 2.04 6.02
N ARG A 64 -1.38 0.98 6.10
CA ARG A 64 -0.76 -0.36 6.30
C ARG A 64 -1.40 -1.38 5.35
N LYS A 65 -0.73 -2.46 5.08
CA LYS A 65 -1.30 -3.48 4.16
C LYS A 65 -2.13 -4.48 4.97
N LEU A 66 -3.27 -4.88 4.45
CA LEU A 66 -4.12 -5.85 5.19
C LEU A 66 -3.60 -7.27 4.96
N GLY A 1 20.43 -3.62 -5.38
CA GLY A 1 21.37 -2.53 -5.73
C GLY A 1 22.76 -3.12 -6.04
N ALA A 2 22.84 -3.96 -7.02
CA ALA A 2 24.15 -4.58 -7.36
C ALA A 2 24.64 -5.44 -6.21
N MET A 3 25.36 -4.85 -5.28
CA MET A 3 25.86 -5.64 -4.12
C MET A 3 24.67 -6.18 -3.32
N GLY A 4 23.62 -5.41 -3.21
CA GLY A 4 22.44 -5.88 -2.44
C GLY A 4 21.60 -6.82 -3.31
N PRO A 5 20.75 -7.63 -2.68
CA PRO A 5 19.89 -8.59 -3.39
C PRO A 5 18.78 -7.88 -4.18
N LYS A 6 18.44 -8.40 -5.33
CA LYS A 6 17.37 -7.76 -6.14
C LYS A 6 16.08 -7.67 -5.33
N ASP A 7 15.80 -8.67 -4.53
CA ASP A 7 14.57 -8.64 -3.71
C ASP A 7 14.70 -9.63 -2.55
N ILE A 8 13.81 -9.58 -1.60
CA ILE A 8 13.89 -10.52 -0.45
C ILE A 8 12.74 -11.53 -0.53
N VAL A 9 12.98 -12.74 -0.10
CA VAL A 9 11.91 -13.77 -0.16
C VAL A 9 10.76 -13.36 0.77
N ASP A 10 11.07 -12.77 1.89
CA ASP A 10 9.99 -12.35 2.84
C ASP A 10 9.10 -11.30 2.16
N PRO A 11 7.80 -11.59 2.05
CA PRO A 11 6.84 -10.68 1.43
C PRO A 11 6.58 -9.43 2.30
N ALA A 12 7.61 -8.77 2.72
CA ALA A 12 7.42 -7.56 3.58
C ALA A 12 6.88 -6.42 2.71
N THR A 13 7.31 -6.34 1.47
CA THR A 13 6.83 -5.26 0.58
C THR A 13 5.53 -5.70 -0.10
N PRO A 14 4.50 -4.84 -0.06
CA PRO A 14 3.20 -5.14 -0.67
C PRO A 14 3.28 -5.17 -2.19
N TYR A 15 2.64 -6.13 -2.81
CA TYR A 15 2.67 -6.21 -4.30
C TYR A 15 1.72 -5.18 -4.90
N PRO A 16 1.96 -4.79 -6.16
CA PRO A 16 1.12 -3.80 -6.86
C PRO A 16 -0.27 -4.35 -7.17
N GLY A 17 -1.29 -3.59 -6.91
CA GLY A 17 -2.67 -4.07 -7.19
C GLY A 17 -3.23 -4.80 -5.97
N ASP A 18 -2.40 -5.05 -4.99
CA ASP A 18 -2.88 -5.76 -3.77
C ASP A 18 -3.85 -4.85 -3.01
N LYS A 19 -4.35 -5.30 -1.89
CA LYS A 19 -5.30 -4.46 -1.10
C LYS A 19 -4.56 -3.86 0.10
N VAL A 20 -4.83 -2.62 0.41
CA VAL A 20 -4.16 -1.98 1.57
C VAL A 20 -5.19 -1.22 2.40
N ILE A 21 -4.92 -1.04 3.67
CA ILE A 21 -5.89 -0.32 4.54
C ILE A 21 -5.22 0.92 5.16
N ILE A 22 -5.91 2.02 5.23
CA ILE A 22 -5.31 3.24 5.81
C ILE A 22 -5.65 3.31 7.30
N THR A 23 -4.64 3.46 8.14
CA THR A 23 -4.90 3.54 9.61
C THR A 23 -4.85 4.99 10.06
N GLU A 24 -4.38 5.87 9.22
CA GLU A 24 -4.29 7.31 9.60
C GLU A 24 -4.90 8.17 8.49
N GLY A 25 -5.30 9.37 8.81
CA GLY A 25 -5.90 10.25 7.77
C GLY A 25 -7.42 10.12 7.81
N ALA A 26 -8.12 11.02 7.18
CA ALA A 26 -9.62 10.92 7.17
C ALA A 26 -10.05 9.68 6.40
N PHE A 27 -9.25 9.24 5.47
CA PHE A 27 -9.63 8.02 4.69
C PHE A 27 -9.25 6.76 5.48
N GLU A 28 -8.74 6.93 6.68
CA GLU A 28 -8.35 5.75 7.49
C GLU A 28 -9.53 4.78 7.59
N GLY A 29 -9.27 3.51 7.53
CA GLY A 29 -10.39 2.52 7.62
C GLY A 29 -10.84 2.14 6.21
N PHE A 30 -10.37 2.83 5.22
CA PHE A 30 -10.78 2.50 3.82
C PHE A 30 -9.70 1.64 3.16
N GLN A 31 -10.09 0.77 2.26
CA GLN A 31 -9.08 -0.10 1.59
C GLN A 31 -8.60 0.57 0.31
N ALA A 32 -7.35 0.43 -0.02
CA ALA A 32 -6.82 1.06 -1.25
C ALA A 32 -5.94 0.06 -2.01
N ILE A 33 -5.72 0.28 -3.28
CA ILE A 33 -4.88 -0.66 -4.06
C ILE A 33 -3.63 0.07 -4.57
N PHE A 34 -2.49 -0.55 -4.49
CA PHE A 34 -1.25 0.10 -4.98
C PHE A 34 -1.31 0.27 -6.49
N THR A 35 -1.35 1.49 -6.98
CA THR A 35 -1.42 1.71 -8.44
C THR A 35 0.00 1.82 -9.00
N GLU A 36 0.92 2.31 -8.21
CA GLU A 36 2.32 2.44 -8.69
C GLU A 36 3.16 3.13 -7.61
N PRO A 37 3.72 2.34 -6.68
CA PRO A 37 4.54 2.87 -5.58
C PRO A 37 5.87 3.44 -6.09
N ASP A 38 6.10 4.70 -5.91
CA ASP A 38 7.37 5.31 -6.38
C ASP A 38 8.56 4.63 -5.70
N GLY A 39 8.40 4.23 -4.47
CA GLY A 39 9.52 3.56 -3.76
C GLY A 39 8.98 2.87 -2.49
N GLU A 40 9.84 2.58 -1.55
CA GLU A 40 9.37 1.92 -0.30
C GLU A 40 8.83 2.96 0.66
N ALA A 41 9.30 4.18 0.57
CA ALA A 41 8.81 5.25 1.47
C ALA A 41 7.40 5.67 1.06
N ARG A 42 7.30 6.51 0.06
CA ARG A 42 5.95 6.96 -0.39
C ARG A 42 5.42 5.99 -1.46
N SER A 43 4.14 5.82 -1.53
CA SER A 43 3.56 4.89 -2.54
C SER A 43 2.22 5.45 -3.04
N MET A 44 1.84 5.12 -4.24
CA MET A 44 0.55 5.64 -4.78
C MET A 44 -0.54 4.57 -4.59
N LEU A 45 -1.59 4.91 -3.91
CA LEU A 45 -2.68 3.92 -3.69
C LEU A 45 -4.01 4.50 -4.20
N LEU A 46 -4.90 3.65 -4.64
CA LEU A 46 -6.21 4.15 -5.15
C LEU A 46 -7.27 3.97 -4.07
N LEU A 47 -7.93 5.04 -3.70
CA LEU A 47 -8.99 4.94 -2.66
C LEU A 47 -10.35 4.75 -3.32
N ASN A 48 -11.00 3.65 -3.05
CA ASN A 48 -12.34 3.40 -3.66
C ASN A 48 -13.42 4.11 -2.85
N LEU A 49 -14.07 5.08 -3.42
CA LEU A 49 -15.14 5.81 -2.67
C LEU A 49 -16.49 5.54 -3.33
N ILE A 50 -17.53 5.43 -2.55
CA ILE A 50 -18.88 5.18 -3.14
C ILE A 50 -19.19 6.24 -4.18
N ASN A 51 -18.65 7.43 -4.02
CA ASN A 51 -18.92 8.50 -5.00
C ASN A 51 -18.10 8.25 -6.27
N LYS A 52 -16.81 8.09 -6.14
CA LYS A 52 -15.96 7.84 -7.33
C LYS A 52 -14.56 7.41 -6.89
N GLU A 53 -13.79 6.87 -7.79
CA GLU A 53 -12.42 6.42 -7.43
C GLU A 53 -11.43 7.58 -7.59
N ILE A 54 -10.66 7.87 -6.58
CA ILE A 54 -9.69 9.00 -6.69
C ILE A 54 -8.28 8.48 -6.42
N LYS A 55 -7.33 8.88 -7.22
CA LYS A 55 -5.93 8.41 -7.01
C LYS A 55 -5.19 9.40 -6.10
N HIS A 56 -4.60 8.91 -5.05
CA HIS A 56 -3.86 9.83 -4.13
C HIS A 56 -2.56 9.16 -3.68
N SER A 57 -1.50 9.93 -3.56
CA SER A 57 -0.20 9.35 -3.13
C SER A 57 -0.13 9.35 -1.60
N VAL A 58 0.00 8.21 -0.99
CA VAL A 58 0.08 8.15 0.49
C VAL A 58 1.37 7.48 0.91
N LYS A 59 1.91 7.84 2.04
CA LYS A 59 3.19 7.22 2.51
C LYS A 59 2.88 5.92 3.23
N ASN A 60 3.80 4.99 3.21
CA ASN A 60 3.56 3.68 3.89
C ASN A 60 3.29 3.93 5.37
N THR A 61 3.80 5.01 5.90
CA THR A 61 3.57 5.30 7.35
C THR A 61 2.16 5.86 7.54
N GLU A 62 1.56 6.37 6.50
CA GLU A 62 0.19 6.94 6.64
C GLU A 62 -0.83 5.80 6.56
N PHE A 63 -0.47 4.69 5.98
CA PHE A 63 -1.42 3.55 5.89
C PHE A 63 -0.69 2.24 6.15
N ARG A 64 -1.41 1.17 6.36
CA ARG A 64 -0.75 -0.14 6.63
C ARG A 64 -1.38 -1.21 5.74
N LYS A 65 -0.62 -2.22 5.39
CA LYS A 65 -1.18 -3.30 4.54
C LYS A 65 -2.11 -4.18 5.37
N LEU A 66 -3.35 -4.31 4.96
CA LEU A 66 -4.30 -5.16 5.74
C LEU A 66 -3.97 -6.63 5.52
N GLY A 1 21.00 -9.10 15.61
CA GLY A 1 22.39 -8.87 15.14
C GLY A 1 23.32 -9.91 15.77
N ALA A 2 23.77 -9.66 16.97
CA ALA A 2 24.68 -10.64 17.64
C ALA A 2 23.95 -11.97 17.83
N MET A 3 22.67 -11.92 18.06
CA MET A 3 21.91 -13.18 18.25
C MET A 3 22.07 -14.08 17.02
N GLY A 4 22.14 -13.49 15.85
CA GLY A 4 22.31 -14.30 14.62
C GLY A 4 21.70 -13.56 13.43
N PRO A 5 22.26 -13.76 12.24
CA PRO A 5 21.79 -13.11 11.01
C PRO A 5 20.41 -13.62 10.58
N LYS A 6 20.18 -14.89 10.76
CA LYS A 6 18.85 -15.46 10.37
C LYS A 6 18.60 -15.21 8.88
N ASP A 7 19.60 -15.40 8.06
CA ASP A 7 19.42 -15.18 6.60
C ASP A 7 18.68 -13.85 6.38
N ILE A 8 18.19 -13.63 5.18
CA ILE A 8 17.46 -12.37 4.90
C ILE A 8 15.97 -12.66 4.73
N VAL A 9 15.12 -11.80 5.22
CA VAL A 9 13.66 -12.03 5.09
C VAL A 9 12.98 -10.75 4.58
N ASP A 10 12.09 -10.88 3.63
CA ASP A 10 11.40 -9.68 3.08
C ASP A 10 10.56 -9.03 4.19
N PRO A 11 10.60 -7.69 4.26
CA PRO A 11 9.85 -6.92 5.27
C PRO A 11 8.35 -6.89 4.95
N ALA A 12 7.76 -8.03 4.69
CA ALA A 12 6.31 -8.06 4.37
C ALA A 12 5.97 -6.92 3.40
N THR A 13 6.85 -6.64 2.48
CA THR A 13 6.58 -5.54 1.51
C THR A 13 5.37 -5.91 0.65
N PRO A 14 4.40 -4.98 0.54
CA PRO A 14 3.19 -5.19 -0.25
C PRO A 14 3.48 -5.22 -1.75
N TYR A 15 2.73 -5.99 -2.50
CA TYR A 15 2.97 -6.06 -3.97
C TYR A 15 1.96 -5.17 -4.69
N PRO A 16 2.26 -4.79 -5.94
CA PRO A 16 1.38 -3.93 -6.75
C PRO A 16 0.11 -4.66 -7.16
N GLY A 17 -1.03 -4.06 -6.93
CA GLY A 17 -2.31 -4.72 -7.30
C GLY A 17 -2.94 -5.35 -6.06
N ASP A 18 -2.22 -5.42 -4.98
CA ASP A 18 -2.77 -6.01 -3.74
C ASP A 18 -3.68 -4.99 -3.04
N LYS A 19 -4.66 -5.45 -2.31
CA LYS A 19 -5.56 -4.51 -1.59
C LYS A 19 -4.89 -4.02 -0.32
N VAL A 20 -5.07 -2.77 0.01
CA VAL A 20 -4.45 -2.23 1.26
C VAL A 20 -5.50 -1.45 2.06
N ILE A 21 -5.24 -1.25 3.32
CA ILE A 21 -6.22 -0.51 4.16
C ILE A 21 -5.53 0.69 4.83
N ILE A 22 -6.21 1.80 4.94
CA ILE A 22 -5.59 2.99 5.58
C ILE A 22 -5.92 2.99 7.07
N THR A 23 -4.93 3.07 7.92
CA THR A 23 -5.19 3.09 9.38
C THR A 23 -5.05 4.52 9.91
N GLU A 24 -4.55 5.41 9.11
CA GLU A 24 -4.39 6.82 9.57
C GLU A 24 -4.96 7.77 8.51
N GLY A 25 -5.30 8.97 8.89
CA GLY A 25 -5.85 9.94 7.91
C GLY A 25 -7.38 9.84 7.90
N ALA A 26 -8.04 10.80 7.30
CA ALA A 26 -9.53 10.76 7.27
C ALA A 26 -9.99 9.62 6.36
N PHE A 27 -9.13 9.15 5.49
CA PHE A 27 -9.51 8.03 4.59
C PHE A 27 -9.33 6.70 5.31
N GLU A 28 -9.08 6.74 6.60
CA GLU A 28 -8.90 5.47 7.35
C GLU A 28 -10.16 4.60 7.21
N GLY A 29 -10.00 3.32 7.07
CA GLY A 29 -11.18 2.43 6.93
C GLY A 29 -11.48 2.22 5.43
N PHE A 30 -10.78 2.90 4.58
CA PHE A 30 -11.03 2.73 3.12
C PHE A 30 -9.98 1.78 2.53
N GLN A 31 -10.38 0.95 1.61
CA GLN A 31 -9.40 0.00 1.00
C GLN A 31 -8.69 0.68 -0.18
N ALA A 32 -7.40 0.70 -0.17
CA ALA A 32 -6.65 1.35 -1.28
C ALA A 32 -5.94 0.28 -2.11
N ILE A 33 -5.71 0.55 -3.37
CA ILE A 33 -5.02 -0.45 -4.23
C ILE A 33 -3.70 0.12 -4.74
N PHE A 34 -2.63 -0.61 -4.61
CA PHE A 34 -1.31 -0.09 -5.08
C PHE A 34 -1.37 0.12 -6.60
N THR A 35 -1.52 1.35 -7.01
CA THR A 35 -1.59 1.64 -8.48
C THR A 35 -0.16 1.62 -9.06
N GLU A 36 0.80 2.08 -8.31
CA GLU A 36 2.20 2.08 -8.82
C GLU A 36 3.09 2.87 -7.86
N PRO A 37 3.81 2.17 -6.98
CA PRO A 37 4.71 2.79 -6.00
C PRO A 37 5.93 3.41 -6.67
N ASP A 38 6.04 4.72 -6.63
CA ASP A 38 7.21 5.38 -7.27
C ASP A 38 8.46 5.17 -6.41
N GLY A 39 8.31 4.60 -5.25
CA GLY A 39 9.48 4.37 -4.38
C GLY A 39 9.10 3.44 -3.23
N GLU A 40 10.06 2.97 -2.49
CA GLU A 40 9.75 2.05 -1.35
C GLU A 40 9.16 2.86 -0.19
N ALA A 41 9.49 4.12 -0.12
CA ALA A 41 8.95 4.97 1.00
C ALA A 41 7.49 5.31 0.69
N ARG A 42 7.26 6.20 -0.23
CA ARG A 42 5.86 6.59 -0.57
C ARG A 42 5.33 5.66 -1.67
N SER A 43 4.07 5.39 -1.66
CA SER A 43 3.49 4.49 -2.71
C SER A 43 2.19 5.09 -3.24
N MET A 44 1.92 4.93 -4.51
CA MET A 44 0.68 5.49 -5.10
C MET A 44 -0.46 4.49 -4.94
N LEU A 45 -1.40 4.78 -4.09
CA LEU A 45 -2.55 3.83 -3.89
C LEU A 45 -3.85 4.50 -4.34
N LEU A 46 -4.80 3.73 -4.78
CA LEU A 46 -6.09 4.33 -5.24
C LEU A 46 -7.08 4.34 -4.06
N LEU A 47 -7.67 5.47 -3.79
CA LEU A 47 -8.64 5.55 -2.65
C LEU A 47 -10.05 5.27 -3.18
N ASN A 48 -10.82 4.49 -2.47
CA ASN A 48 -12.20 4.18 -2.92
C ASN A 48 -13.20 4.99 -2.10
N LEU A 49 -13.78 6.00 -2.69
CA LEU A 49 -14.77 6.83 -1.94
C LEU A 49 -16.18 6.48 -2.40
N ILE A 50 -17.12 6.43 -1.49
CA ILE A 50 -18.51 6.09 -1.89
C ILE A 50 -18.95 6.99 -3.06
N ASN A 51 -18.44 8.19 -3.10
CA ASN A 51 -18.82 9.12 -4.21
C ASN A 51 -18.13 8.68 -5.50
N LYS A 52 -16.83 8.59 -5.50
CA LYS A 52 -16.10 8.16 -6.72
C LYS A 52 -14.73 7.62 -6.34
N GLU A 53 -14.06 6.98 -7.25
CA GLU A 53 -12.70 6.43 -6.94
C GLU A 53 -11.64 7.46 -7.34
N ILE A 54 -10.71 7.73 -6.45
CA ILE A 54 -9.65 8.72 -6.79
C ILE A 54 -8.28 8.15 -6.43
N LYS A 55 -7.25 8.63 -7.06
CA LYS A 55 -5.88 8.13 -6.75
C LYS A 55 -5.11 9.16 -5.93
N HIS A 56 -4.51 8.75 -4.86
CA HIS A 56 -3.73 9.71 -4.02
C HIS A 56 -2.45 9.05 -3.53
N SER A 57 -1.33 9.70 -3.70
CA SER A 57 -0.05 9.11 -3.24
C SER A 57 -0.01 9.10 -1.70
N VAL A 58 0.08 7.94 -1.11
CA VAL A 58 0.12 7.87 0.38
C VAL A 58 1.40 7.17 0.82
N LYS A 59 1.93 7.53 1.95
CA LYS A 59 3.18 6.89 2.44
C LYS A 59 2.84 5.56 3.12
N ASN A 60 3.74 4.62 3.11
CA ASN A 60 3.45 3.31 3.76
C ASN A 60 3.20 3.52 5.25
N THR A 61 3.66 4.63 5.78
CA THR A 61 3.43 4.90 7.23
C THR A 61 2.02 5.47 7.44
N GLU A 62 1.44 6.02 6.41
CA GLU A 62 0.08 6.59 6.54
C GLU A 62 -0.96 5.47 6.44
N PHE A 63 -0.61 4.38 5.82
CA PHE A 63 -1.57 3.26 5.69
C PHE A 63 -0.85 1.93 5.93
N ARG A 64 -1.58 0.87 6.09
CA ARG A 64 -0.94 -0.46 6.32
C ARG A 64 -1.54 -1.50 5.38
N LYS A 65 -0.81 -2.54 5.09
CA LYS A 65 -1.33 -3.59 4.17
C LYS A 65 -2.33 -4.47 4.93
N LEU A 66 -3.53 -4.60 4.43
CA LEU A 66 -4.54 -5.45 5.12
C LEU A 66 -4.17 -6.93 4.95
N GLY A 1 25.47 -11.45 11.46
CA GLY A 1 24.90 -12.33 10.40
C GLY A 1 23.48 -12.72 10.78
N ALA A 2 22.87 -13.60 10.03
CA ALA A 2 21.48 -14.03 10.36
C ALA A 2 21.31 -15.52 10.03
N MET A 3 20.42 -16.17 10.72
CA MET A 3 20.21 -17.63 10.46
C MET A 3 19.80 -17.83 8.99
N GLY A 4 19.05 -16.92 8.45
CA GLY A 4 18.62 -17.05 7.03
C GLY A 4 17.30 -16.31 6.83
N PRO A 5 17.22 -15.48 5.78
CA PRO A 5 16.01 -14.70 5.47
C PRO A 5 14.88 -15.60 4.96
N LYS A 6 13.66 -15.23 5.22
CA LYS A 6 12.51 -16.07 4.75
C LYS A 6 12.62 -16.27 3.23
N ASP A 7 13.07 -15.26 2.52
CA ASP A 7 13.19 -15.39 1.05
C ASP A 7 14.36 -14.53 0.56
N ILE A 8 14.69 -14.62 -0.71
CA ILE A 8 15.83 -13.82 -1.23
C ILE A 8 15.53 -12.33 -1.04
N VAL A 9 14.31 -11.92 -1.28
CA VAL A 9 13.97 -10.48 -1.10
C VAL A 9 12.91 -10.34 0.00
N ASP A 10 13.17 -9.52 0.97
CA ASP A 10 12.18 -9.34 2.07
C ASP A 10 10.85 -8.85 1.50
N PRO A 11 9.74 -9.45 1.96
CA PRO A 11 8.40 -9.08 1.51
C PRO A 11 7.89 -7.78 2.16
N ALA A 12 8.75 -6.81 2.35
CA ALA A 12 8.32 -5.55 2.98
C ALA A 12 7.64 -4.67 1.93
N THR A 13 8.13 -4.69 0.72
CA THR A 13 7.52 -3.85 -0.35
C THR A 13 6.21 -4.50 -0.80
N PRO A 14 5.12 -3.72 -0.84
CA PRO A 14 3.80 -4.21 -1.26
C PRO A 14 3.76 -4.51 -2.76
N TYR A 15 3.14 -5.61 -3.13
CA TYR A 15 3.06 -5.96 -4.57
C TYR A 15 1.82 -5.30 -5.19
N PRO A 16 1.79 -5.19 -6.52
CA PRO A 16 0.66 -4.58 -7.24
C PRO A 16 -0.58 -5.47 -7.19
N GLY A 17 -1.71 -4.91 -6.84
CA GLY A 17 -2.96 -5.72 -6.76
C GLY A 17 -3.27 -6.05 -5.31
N ASP A 18 -2.31 -5.88 -4.43
CA ASP A 18 -2.55 -6.18 -2.99
C ASP A 18 -3.53 -5.16 -2.40
N LYS A 19 -4.23 -5.52 -1.38
CA LYS A 19 -5.21 -4.57 -0.77
C LYS A 19 -4.51 -3.77 0.33
N VAL A 20 -4.89 -2.55 0.53
CA VAL A 20 -4.26 -1.72 1.59
C VAL A 20 -5.35 -1.04 2.43
N ILE A 21 -5.04 -0.72 3.66
CA ILE A 21 -6.04 -0.06 4.52
C ILE A 21 -5.49 1.27 5.06
N ILE A 22 -6.33 2.24 5.25
CA ILE A 22 -5.84 3.56 5.76
C ILE A 22 -5.91 3.56 7.30
N THR A 23 -4.83 3.83 7.95
CA THR A 23 -4.84 3.86 9.45
C THR A 23 -4.71 5.30 9.94
N GLU A 24 -4.44 6.22 9.05
CA GLU A 24 -4.30 7.64 9.47
C GLU A 24 -4.96 8.55 8.43
N GLY A 25 -5.33 9.74 8.82
CA GLY A 25 -5.97 10.67 7.85
C GLY A 25 -7.49 10.43 7.86
N ALA A 26 -8.23 11.34 7.28
CA ALA A 26 -9.72 11.17 7.25
C ALA A 26 -10.08 9.93 6.44
N PHE A 27 -9.17 9.47 5.62
CA PHE A 27 -9.46 8.26 4.79
C PHE A 27 -9.22 7.00 5.63
N GLU A 28 -8.93 7.15 6.89
CA GLU A 28 -8.69 5.96 7.75
C GLU A 28 -9.92 5.06 7.74
N GLY A 29 -9.71 3.77 7.63
CA GLY A 29 -10.88 2.84 7.61
C GLY A 29 -11.27 2.53 6.16
N PHE A 30 -10.61 3.13 5.21
CA PHE A 30 -10.95 2.88 3.78
C PHE A 30 -9.91 1.91 3.20
N GLN A 31 -10.31 1.12 2.24
CA GLN A 31 -9.35 0.16 1.62
C GLN A 31 -8.88 0.70 0.26
N ALA A 32 -7.68 0.38 -0.13
CA ALA A 32 -7.17 0.89 -1.43
C ALA A 32 -6.30 -0.19 -2.09
N ILE A 33 -6.00 -0.03 -3.35
CA ILE A 33 -5.16 -1.06 -4.04
C ILE A 33 -3.85 -0.41 -4.49
N PHE A 34 -2.75 -1.10 -4.31
CA PHE A 34 -1.44 -0.52 -4.73
C PHE A 34 -1.47 -0.23 -6.24
N THR A 35 -1.60 1.01 -6.61
CA THR A 35 -1.65 1.36 -8.06
C THR A 35 -0.22 1.35 -8.61
N GLU A 36 0.73 1.84 -7.86
CA GLU A 36 2.14 1.86 -8.34
C GLU A 36 3.00 2.65 -7.36
N PRO A 37 3.65 1.95 -6.42
CA PRO A 37 4.52 2.58 -5.41
C PRO A 37 5.79 3.15 -6.03
N ASP A 38 5.97 4.44 -5.98
CA ASP A 38 7.19 5.05 -6.56
C ASP A 38 8.43 4.50 -5.85
N GLY A 39 8.33 4.27 -4.57
CA GLY A 39 9.50 3.74 -3.81
C GLY A 39 9.01 2.85 -2.68
N GLU A 40 9.91 2.23 -1.96
CA GLU A 40 9.50 1.34 -0.84
C GLU A 40 8.93 2.20 0.30
N ALA A 41 9.36 3.42 0.41
CA ALA A 41 8.84 4.30 1.50
C ALA A 41 7.45 4.79 1.13
N ARG A 42 7.35 5.71 0.20
CA ARG A 42 6.03 6.24 -0.19
C ARG A 42 5.39 5.30 -1.22
N SER A 43 4.09 5.19 -1.22
CA SER A 43 3.41 4.29 -2.21
C SER A 43 2.14 4.96 -2.72
N MET A 44 1.72 4.62 -3.91
CA MET A 44 0.49 5.24 -4.48
C MET A 44 -0.69 4.29 -4.29
N LEU A 45 -1.70 4.70 -3.57
CA LEU A 45 -2.88 3.82 -3.36
C LEU A 45 -4.12 4.47 -3.96
N LEU A 46 -5.04 3.68 -4.45
CA LEU A 46 -6.28 4.26 -5.06
C LEU A 46 -7.40 4.25 -4.02
N LEU A 47 -8.01 5.37 -3.78
CA LEU A 47 -9.12 5.42 -2.78
C LEU A 47 -10.47 5.33 -3.51
N ASN A 48 -11.19 4.27 -3.30
CA ASN A 48 -12.51 4.12 -3.99
C ASN A 48 -13.59 4.86 -3.19
N LEU A 49 -14.24 5.81 -3.81
CA LEU A 49 -15.31 6.57 -3.09
C LEU A 49 -16.65 6.36 -3.81
N ILE A 50 -17.69 6.12 -3.06
CA ILE A 50 -19.02 5.90 -3.69
C ILE A 50 -19.31 7.03 -4.69
N ASN A 51 -18.84 8.22 -4.40
CA ASN A 51 -19.08 9.35 -5.34
C ASN A 51 -18.26 9.14 -6.62
N LYS A 52 -17.01 8.81 -6.49
CA LYS A 52 -16.16 8.60 -7.69
C LYS A 52 -14.85 7.94 -7.29
N GLU A 53 -14.15 7.33 -8.22
CA GLU A 53 -12.86 6.67 -7.87
C GLU A 53 -11.73 7.69 -7.99
N ILE A 54 -10.94 7.82 -6.95
CA ILE A 54 -9.82 8.79 -7.00
C ILE A 54 -8.51 8.09 -6.61
N LYS A 55 -7.39 8.68 -6.94
CA LYS A 55 -6.10 8.04 -6.60
C LYS A 55 -5.24 9.02 -5.79
N HIS A 56 -4.70 8.60 -4.68
CA HIS A 56 -3.86 9.52 -3.87
C HIS A 56 -2.65 8.76 -3.34
N SER A 57 -1.54 9.43 -3.17
CA SER A 57 -0.32 8.74 -2.66
C SER A 57 -0.39 8.67 -1.14
N VAL A 58 0.06 7.59 -0.56
CA VAL A 58 0.02 7.46 0.92
C VAL A 58 1.38 6.99 1.43
N LYS A 59 1.72 7.31 2.65
CA LYS A 59 3.04 6.89 3.19
C LYS A 59 2.89 5.53 3.89
N ASN A 60 3.83 4.65 3.70
CA ASN A 60 3.75 3.31 4.35
C ASN A 60 3.40 3.49 5.83
N THR A 61 3.82 4.58 6.42
CA THR A 61 3.52 4.82 7.86
C THR A 61 2.09 5.36 8.00
N GLU A 62 1.56 5.94 6.96
CA GLU A 62 0.19 6.49 7.04
C GLU A 62 -0.83 5.36 6.82
N PHE A 63 -0.41 4.27 6.25
CA PHE A 63 -1.34 3.13 6.02
C PHE A 63 -0.62 1.82 6.30
N ARG A 64 -1.34 0.73 6.36
CA ARG A 64 -0.69 -0.58 6.62
C ARG A 64 -1.16 -1.60 5.57
N LYS A 65 -0.28 -2.47 5.15
CA LYS A 65 -0.67 -3.48 4.13
C LYS A 65 -1.47 -4.60 4.81
N LEU A 66 -2.58 -4.98 4.23
CA LEU A 66 -3.40 -6.07 4.84
C LEU A 66 -2.78 -7.42 4.49
N GLY A 1 23.80 -20.69 -3.65
CA GLY A 1 25.23 -20.45 -3.97
C GLY A 1 26.11 -21.00 -2.83
N ALA A 2 26.40 -22.27 -2.87
CA ALA A 2 27.25 -22.86 -1.80
C ALA A 2 28.64 -22.21 -1.81
N MET A 3 29.09 -21.82 -2.97
CA MET A 3 30.44 -21.19 -3.06
C MET A 3 30.48 -19.94 -2.18
N GLY A 4 29.40 -19.21 -2.11
CA GLY A 4 29.36 -18.00 -1.27
C GLY A 4 27.93 -17.74 -0.79
N PRO A 5 27.78 -17.33 0.48
CA PRO A 5 26.46 -17.05 1.06
C PRO A 5 25.84 -15.78 0.48
N LYS A 6 24.54 -15.77 0.30
CA LYS A 6 23.88 -14.56 -0.27
C LYS A 6 23.00 -13.91 0.80
N ASP A 7 22.90 -12.61 0.80
CA ASP A 7 22.06 -11.93 1.83
C ASP A 7 20.59 -12.10 1.46
N ILE A 8 19.72 -12.09 2.43
CA ILE A 8 18.27 -12.26 2.14
C ILE A 8 17.50 -11.06 2.69
N VAL A 9 16.48 -10.62 2.00
CA VAL A 9 15.69 -9.47 2.49
C VAL A 9 14.26 -9.91 2.80
N ASP A 10 13.73 -9.50 3.91
CA ASP A 10 12.35 -9.91 4.28
C ASP A 10 11.35 -9.26 3.32
N PRO A 11 10.44 -10.06 2.76
CA PRO A 11 9.41 -9.57 1.83
C PRO A 11 8.35 -8.72 2.52
N ALA A 12 8.76 -7.75 3.30
CA ALA A 12 7.77 -6.90 4.01
C ALA A 12 7.14 -5.92 3.02
N THR A 13 7.86 -5.57 1.99
CA THR A 13 7.30 -4.61 0.98
C THR A 13 6.08 -5.25 0.30
N PRO A 14 4.95 -4.54 0.29
CA PRO A 14 3.71 -5.02 -0.33
C PRO A 14 3.81 -5.07 -1.85
N TYR A 15 3.27 -6.09 -2.47
CA TYR A 15 3.33 -6.18 -3.95
C TYR A 15 2.24 -5.31 -4.57
N PRO A 16 2.40 -4.97 -5.86
CA PRO A 16 1.43 -4.14 -6.59
C PRO A 16 0.12 -4.88 -6.83
N GLY A 17 -1.00 -4.25 -6.60
CA GLY A 17 -2.30 -4.92 -6.83
C GLY A 17 -2.83 -5.48 -5.50
N ASP A 18 -2.00 -5.53 -4.50
CA ASP A 18 -2.46 -6.05 -3.18
C ASP A 18 -3.43 -5.07 -2.55
N LYS A 19 -4.38 -5.56 -1.80
CA LYS A 19 -5.37 -4.66 -1.15
C LYS A 19 -4.71 -3.95 0.03
N VAL A 20 -4.99 -2.69 0.21
CA VAL A 20 -4.37 -1.94 1.36
C VAL A 20 -5.47 -1.25 2.16
N ILE A 21 -5.22 -0.98 3.41
CA ILE A 21 -6.25 -0.32 4.26
C ILE A 21 -5.67 0.98 4.85
N ILE A 22 -6.49 1.97 5.04
CA ILE A 22 -5.98 3.25 5.62
C ILE A 22 -6.13 3.22 7.14
N THR A 23 -5.08 3.52 7.85
CA THR A 23 -5.16 3.51 9.34
C THR A 23 -4.98 4.93 9.87
N GLU A 24 -4.65 5.87 9.01
CA GLU A 24 -4.47 7.26 9.48
C GLU A 24 -5.03 8.23 8.43
N GLY A 25 -5.45 9.39 8.85
CA GLY A 25 -6.02 10.37 7.88
C GLY A 25 -7.53 10.19 7.81
N ALA A 26 -8.22 11.11 7.18
CA ALA A 26 -9.71 10.99 7.07
C ALA A 26 -10.06 9.80 6.19
N PHE A 27 -9.12 9.30 5.43
CA PHE A 27 -9.41 8.13 4.55
C PHE A 27 -9.26 6.84 5.34
N GLU A 28 -9.14 6.94 6.64
CA GLU A 28 -8.98 5.71 7.47
C GLU A 28 -10.20 4.82 7.30
N GLY A 29 -10.00 3.55 7.10
CA GLY A 29 -11.16 2.62 6.93
C GLY A 29 -11.48 2.46 5.44
N PHE A 30 -10.72 3.09 4.59
CA PHE A 30 -10.97 2.97 3.13
C PHE A 30 -10.02 1.94 2.53
N GLN A 31 -10.50 1.13 1.62
CA GLN A 31 -9.63 0.10 1.00
C GLN A 31 -9.02 0.65 -0.30
N ALA A 32 -7.73 0.60 -0.43
CA ALA A 32 -7.08 1.12 -1.67
C ALA A 32 -6.19 0.04 -2.27
N ILE A 33 -5.83 0.18 -3.52
CA ILE A 33 -4.96 -0.85 -4.17
C ILE A 33 -3.68 -0.16 -4.66
N PHE A 34 -2.55 -0.79 -4.46
CA PHE A 34 -1.27 -0.19 -4.91
C PHE A 34 -1.32 0.04 -6.43
N THR A 35 -1.53 1.26 -6.84
CA THR A 35 -1.59 1.55 -8.30
C THR A 35 -0.18 1.55 -8.88
N GLU A 36 0.79 1.96 -8.11
CA GLU A 36 2.19 2.00 -8.62
C GLU A 36 3.06 2.84 -7.68
N PRO A 37 3.67 2.19 -6.69
CA PRO A 37 4.53 2.88 -5.71
C PRO A 37 5.85 3.36 -6.35
N ASP A 38 6.15 4.61 -6.22
CA ASP A 38 7.41 5.15 -6.82
C ASP A 38 8.62 4.58 -6.07
N GLY A 39 8.43 4.20 -4.83
CA GLY A 39 9.57 3.64 -4.05
C GLY A 39 9.04 2.97 -2.78
N GLU A 40 9.88 2.26 -2.07
CA GLU A 40 9.42 1.59 -0.83
C GLU A 40 9.01 2.65 0.20
N ALA A 41 9.58 3.81 0.12
CA ALA A 41 9.22 4.88 1.09
C ALA A 41 7.78 5.31 0.87
N ARG A 42 7.48 5.86 -0.28
CA ARG A 42 6.09 6.29 -0.57
C ARG A 42 5.45 5.33 -1.57
N SER A 43 4.15 5.20 -1.55
CA SER A 43 3.47 4.29 -2.52
C SER A 43 2.21 4.95 -3.04
N MET A 44 1.74 4.54 -4.19
CA MET A 44 0.51 5.15 -4.76
C MET A 44 -0.68 4.22 -4.52
N LEU A 45 -1.65 4.67 -3.77
CA LEU A 45 -2.84 3.80 -3.49
C LEU A 45 -4.10 4.48 -4.04
N LEU A 46 -5.02 3.71 -4.54
CA LEU A 46 -6.27 4.31 -5.10
C LEU A 46 -7.41 4.15 -4.08
N LEU A 47 -8.02 5.24 -3.69
CA LEU A 47 -9.13 5.15 -2.71
C LEU A 47 -10.46 5.01 -3.45
N ASN A 48 -11.33 4.16 -2.97
CA ASN A 48 -12.65 3.98 -3.65
C ASN A 48 -13.76 4.54 -2.77
N LEU A 49 -14.40 5.59 -3.20
CA LEU A 49 -15.49 6.18 -2.39
C LEU A 49 -16.82 6.05 -3.12
N ILE A 50 -17.87 5.73 -2.41
CA ILE A 50 -19.20 5.57 -3.06
C ILE A 50 -19.48 6.79 -3.94
N ASN A 51 -19.07 7.95 -3.51
CA ASN A 51 -19.31 9.18 -4.31
C ASN A 51 -18.48 9.13 -5.59
N LYS A 52 -17.20 8.91 -5.46
CA LYS A 52 -16.33 8.86 -6.67
C LYS A 52 -14.97 8.27 -6.29
N GLU A 53 -14.27 7.69 -7.24
CA GLU A 53 -12.94 7.10 -6.93
C GLU A 53 -11.86 8.16 -7.12
N ILE A 54 -10.88 8.20 -6.26
CA ILE A 54 -9.80 9.21 -6.42
C ILE A 54 -8.44 8.52 -6.28
N LYS A 55 -7.40 9.12 -6.80
CA LYS A 55 -6.05 8.50 -6.70
C LYS A 55 -5.07 9.48 -6.07
N HIS A 56 -4.28 9.02 -5.13
CA HIS A 56 -3.29 9.93 -4.48
C HIS A 56 -2.18 9.10 -3.85
N SER A 57 -0.98 9.61 -3.84
CA SER A 57 0.15 8.85 -3.25
C SER A 57 -0.03 8.77 -1.72
N VAL A 58 0.29 7.65 -1.14
CA VAL A 58 0.14 7.51 0.34
C VAL A 58 1.46 7.06 0.95
N LYS A 59 1.71 7.40 2.18
CA LYS A 59 2.98 6.99 2.85
C LYS A 59 2.78 5.65 3.55
N ASN A 60 3.67 4.71 3.34
CA ASN A 60 3.52 3.39 4.01
C ASN A 60 3.37 3.58 5.51
N THR A 61 3.74 4.72 6.03
CA THR A 61 3.61 4.97 7.49
C THR A 61 2.20 5.46 7.83
N GLU A 62 1.56 6.14 6.93
CA GLU A 62 0.18 6.64 7.21
C GLU A 62 -0.84 5.53 6.96
N PHE A 63 -0.46 4.52 6.22
CA PHE A 63 -1.41 3.40 5.94
C PHE A 63 -0.70 2.07 6.11
N ARG A 64 -1.43 1.02 6.35
CA ARG A 64 -0.80 -0.32 6.52
C ARG A 64 -1.41 -1.32 5.54
N LYS A 65 -0.61 -2.17 4.97
CA LYS A 65 -1.16 -3.16 3.99
C LYS A 65 -1.93 -4.25 4.74
N LEU A 66 -3.17 -4.46 4.40
CA LEU A 66 -3.97 -5.51 5.10
C LEU A 66 -3.56 -6.89 4.59
N GLY A 1 20.26 -20.69 -13.98
CA GLY A 1 19.90 -20.98 -12.56
C GLY A 1 18.73 -20.11 -12.13
N ALA A 2 17.52 -20.54 -12.36
CA ALA A 2 16.34 -19.73 -11.97
C ALA A 2 16.35 -19.53 -10.45
N MET A 3 16.86 -20.48 -9.72
CA MET A 3 16.89 -20.34 -8.23
C MET A 3 18.33 -20.43 -7.75
N GLY A 4 18.62 -19.87 -6.61
CA GLY A 4 20.01 -19.92 -6.07
C GLY A 4 20.01 -20.60 -4.70
N PRO A 5 21.20 -20.96 -4.20
CA PRO A 5 21.35 -21.61 -2.89
C PRO A 5 21.05 -20.65 -1.74
N LYS A 6 21.18 -19.37 -1.97
CA LYS A 6 20.89 -18.38 -0.88
C LYS A 6 19.38 -18.22 -0.72
N ASP A 7 18.90 -18.26 0.50
CA ASP A 7 17.43 -18.12 0.71
C ASP A 7 17.06 -16.63 0.66
N ILE A 8 15.99 -16.29 -0.02
CA ILE A 8 15.58 -14.86 -0.10
C ILE A 8 14.12 -14.73 0.35
N VAL A 9 13.80 -13.66 1.03
CA VAL A 9 12.39 -13.48 1.49
C VAL A 9 11.89 -12.11 1.02
N ASP A 10 10.60 -11.92 0.99
CA ASP A 10 10.05 -10.61 0.55
C ASP A 10 10.46 -9.53 1.53
N PRO A 11 11.00 -8.41 1.01
CA PRO A 11 11.46 -7.28 1.84
C PRO A 11 10.27 -6.54 2.48
N ALA A 12 9.41 -7.25 3.16
CA ALA A 12 8.24 -6.59 3.79
C ALA A 12 7.59 -5.63 2.80
N THR A 13 7.74 -5.88 1.53
CA THR A 13 7.13 -4.98 0.52
C THR A 13 5.93 -5.68 -0.12
N PRO A 14 4.76 -5.02 -0.09
CA PRO A 14 3.52 -5.57 -0.65
C PRO A 14 3.56 -5.60 -2.20
N TYR A 15 2.99 -6.60 -2.79
CA TYR A 15 3.01 -6.69 -4.28
C TYR A 15 1.97 -5.70 -4.85
N PRO A 16 2.11 -5.36 -6.14
CA PRO A 16 1.20 -4.43 -6.82
C PRO A 16 -0.19 -5.05 -7.02
N GLY A 17 -1.22 -4.33 -6.67
CA GLY A 17 -2.60 -4.86 -6.83
C GLY A 17 -3.09 -5.42 -5.50
N ASP A 18 -2.21 -5.56 -4.54
CA ASP A 18 -2.64 -6.10 -3.21
C ASP A 18 -3.59 -5.11 -2.54
N LYS A 19 -4.50 -5.59 -1.74
CA LYS A 19 -5.45 -4.68 -1.05
C LYS A 19 -4.76 -4.00 0.12
N VAL A 20 -5.02 -2.73 0.33
CA VAL A 20 -4.37 -2.02 1.46
C VAL A 20 -5.43 -1.26 2.27
N ILE A 21 -5.19 -1.02 3.53
CA ILE A 21 -6.18 -0.30 4.35
C ILE A 21 -5.53 0.95 4.96
N ILE A 22 -6.25 2.05 5.01
CA ILE A 22 -5.67 3.29 5.58
C ILE A 22 -6.00 3.36 7.07
N THR A 23 -5.02 3.63 7.90
CA THR A 23 -5.29 3.71 9.36
C THR A 23 -4.96 5.12 9.86
N GLU A 24 -4.62 6.01 8.98
CA GLU A 24 -4.27 7.40 9.40
C GLU A 24 -4.93 8.40 8.44
N GLY A 25 -5.19 9.60 8.91
CA GLY A 25 -5.82 10.62 8.02
C GLY A 25 -7.35 10.45 8.07
N ALA A 26 -8.05 11.15 7.22
CA ALA A 26 -9.54 11.03 7.21
C ALA A 26 -9.96 9.90 6.28
N PHE A 27 -9.03 9.31 5.58
CA PHE A 27 -9.37 8.19 4.65
C PHE A 27 -9.32 6.87 5.40
N GLU A 28 -9.30 6.92 6.70
CA GLU A 28 -9.25 5.65 7.50
C GLU A 28 -10.51 4.83 7.23
N GLY A 29 -10.37 3.55 7.05
CA GLY A 29 -11.56 2.70 6.79
C GLY A 29 -11.79 2.58 5.28
N PHE A 30 -10.94 3.18 4.49
CA PHE A 30 -11.12 3.09 3.01
C PHE A 30 -10.12 2.08 2.45
N GLN A 31 -10.58 1.18 1.61
CA GLN A 31 -9.66 0.16 1.03
C GLN A 31 -9.02 0.73 -0.23
N ALA A 32 -7.74 0.56 -0.39
CA ALA A 32 -7.05 1.10 -1.59
C ALA A 32 -6.15 0.01 -2.19
N ILE A 33 -5.80 0.14 -3.45
CA ILE A 33 -4.92 -0.89 -4.07
C ILE A 33 -3.63 -0.23 -4.55
N PHE A 34 -2.51 -0.88 -4.38
CA PHE A 34 -1.22 -0.29 -4.81
C PHE A 34 -1.28 0.01 -6.31
N THR A 35 -1.48 1.26 -6.66
CA THR A 35 -1.54 1.61 -8.11
C THR A 35 -0.13 1.61 -8.70
N GLU A 36 0.85 1.99 -7.92
CA GLU A 36 2.24 2.01 -8.43
C GLU A 36 3.12 2.85 -7.50
N PRO A 37 3.69 2.23 -6.47
CA PRO A 37 4.56 2.91 -5.50
C PRO A 37 5.89 3.34 -6.13
N ASP A 38 6.30 4.56 -5.92
CA ASP A 38 7.58 5.02 -6.51
C ASP A 38 8.74 4.30 -5.83
N GLY A 39 8.57 3.93 -4.59
CA GLY A 39 9.68 3.21 -3.87
C GLY A 39 9.12 2.57 -2.60
N GLU A 40 9.98 2.01 -1.79
CA GLU A 40 9.50 1.36 -0.53
C GLU A 40 9.09 2.45 0.47
N ALA A 41 9.69 3.61 0.38
CA ALA A 41 9.34 4.70 1.32
C ALA A 41 7.90 5.17 1.07
N ARG A 42 7.61 5.61 -0.12
CA ARG A 42 6.23 6.07 -0.42
C ARG A 42 5.56 5.07 -1.37
N SER A 43 4.26 5.10 -1.45
CA SER A 43 3.54 4.16 -2.35
C SER A 43 2.28 4.83 -2.89
N MET A 44 1.81 4.39 -4.02
CA MET A 44 0.58 5.00 -4.61
C MET A 44 -0.61 4.07 -4.37
N LEU A 45 -1.65 4.57 -3.75
CA LEU A 45 -2.84 3.71 -3.48
C LEU A 45 -4.09 4.39 -4.02
N LEU A 46 -4.99 3.63 -4.60
CA LEU A 46 -6.23 4.23 -5.16
C LEU A 46 -7.36 4.11 -4.13
N LEU A 47 -7.99 5.19 -3.79
CA LEU A 47 -9.10 5.13 -2.79
C LEU A 47 -10.44 4.99 -3.53
N ASN A 48 -11.29 4.13 -3.04
CA ASN A 48 -12.61 3.94 -3.70
C ASN A 48 -13.71 4.56 -2.83
N LEU A 49 -14.22 5.69 -3.20
CA LEU A 49 -15.29 6.34 -2.40
C LEU A 49 -16.64 6.16 -3.11
N ILE A 50 -17.67 5.89 -2.36
CA ILE A 50 -19.01 5.71 -3.00
C ILE A 50 -19.35 6.94 -3.84
N ASN A 51 -18.93 8.09 -3.41
CA ASN A 51 -19.23 9.33 -4.19
C ASN A 51 -18.48 9.28 -5.53
N LYS A 52 -17.22 8.93 -5.50
CA LYS A 52 -16.45 8.86 -6.77
C LYS A 52 -15.11 8.17 -6.51
N GLU A 53 -14.39 7.83 -7.55
CA GLU A 53 -13.08 7.17 -7.36
C GLU A 53 -11.96 8.20 -7.46
N ILE A 54 -11.03 8.18 -6.53
CA ILE A 54 -9.92 9.16 -6.58
C ILE A 54 -8.59 8.44 -6.38
N LYS A 55 -7.50 9.02 -6.82
CA LYS A 55 -6.18 8.35 -6.65
C LYS A 55 -5.23 9.31 -5.91
N HIS A 56 -4.52 8.80 -4.94
CA HIS A 56 -3.58 9.68 -4.19
C HIS A 56 -2.43 8.83 -3.63
N SER A 57 -1.25 9.37 -3.61
CA SER A 57 -0.09 8.61 -3.07
C SER A 57 -0.08 8.69 -1.54
N VAL A 58 0.17 7.59 -0.89
CA VAL A 58 0.19 7.61 0.61
C VAL A 58 1.50 7.00 1.10
N LYS A 59 1.97 7.42 2.24
CA LYS A 59 3.24 6.87 2.79
C LYS A 59 2.95 5.60 3.60
N ASN A 60 3.78 4.60 3.47
CA ASN A 60 3.55 3.33 4.21
C ASN A 60 3.21 3.64 5.68
N THR A 61 3.68 4.73 6.20
CA THR A 61 3.39 5.06 7.63
C THR A 61 1.98 5.67 7.74
N GLU A 62 1.43 6.17 6.66
CA GLU A 62 0.07 6.76 6.73
C GLU A 62 -0.96 5.67 6.44
N PHE A 63 -0.54 4.59 5.83
CA PHE A 63 -1.50 3.50 5.52
C PHE A 63 -0.84 2.14 5.80
N ARG A 64 -1.63 1.13 6.04
CA ARG A 64 -1.06 -0.22 6.32
C ARG A 64 -1.68 -1.24 5.35
N LYS A 65 -0.92 -2.23 4.96
CA LYS A 65 -1.47 -3.26 4.02
C LYS A 65 -2.27 -4.28 4.81
N LEU A 66 -3.53 -4.46 4.49
CA LEU A 66 -4.36 -5.45 5.22
C LEU A 66 -4.03 -6.85 4.72
N GLY A 1 16.96 -12.91 4.90
CA GLY A 1 16.22 -13.07 3.62
C GLY A 1 16.97 -12.35 2.50
N ALA A 2 17.23 -11.07 2.67
CA ALA A 2 17.96 -10.31 1.61
C ALA A 2 19.35 -10.92 1.42
N MET A 3 19.96 -11.38 2.48
CA MET A 3 21.32 -11.97 2.35
C MET A 3 21.26 -13.16 1.39
N GLY A 4 20.18 -13.89 1.40
CA GLY A 4 20.07 -15.06 0.48
C GLY A 4 18.62 -15.20 0.01
N PRO A 5 18.43 -15.34 -1.32
CA PRO A 5 17.10 -15.48 -1.90
C PRO A 5 16.47 -16.85 -1.57
N LYS A 6 15.20 -16.87 -1.30
CA LYS A 6 14.54 -18.17 -0.97
C LYS A 6 13.37 -18.40 -1.92
N ASP A 7 13.06 -19.64 -2.21
CA ASP A 7 11.92 -19.93 -3.13
C ASP A 7 10.67 -19.18 -2.65
N ILE A 8 10.48 -19.10 -1.37
CA ILE A 8 9.28 -18.38 -0.84
C ILE A 8 9.70 -17.03 -0.23
N VAL A 9 8.90 -16.02 -0.40
CA VAL A 9 9.26 -14.69 0.17
C VAL A 9 8.14 -14.22 1.11
N ASP A 10 8.50 -13.81 2.29
CA ASP A 10 7.47 -13.34 3.27
C ASP A 10 6.80 -12.08 2.73
N PRO A 11 5.52 -11.88 3.08
CA PRO A 11 4.76 -10.70 2.63
C PRO A 11 5.14 -9.44 3.41
N ALA A 12 6.41 -9.22 3.62
CA ALA A 12 6.83 -8.00 4.37
C ALA A 12 6.65 -6.77 3.46
N THR A 13 7.03 -6.90 2.22
CA THR A 13 6.88 -5.74 1.29
C THR A 13 5.67 -5.99 0.38
N PRO A 14 4.68 -5.07 0.43
CA PRO A 14 3.47 -5.19 -0.39
C PRO A 14 3.74 -4.98 -1.88
N TYR A 15 2.99 -5.61 -2.72
CA TYR A 15 3.20 -5.44 -4.19
C TYR A 15 2.14 -4.49 -4.77
N PRO A 16 2.41 -3.94 -5.95
CA PRO A 16 1.48 -3.01 -6.62
C PRO A 16 0.21 -3.72 -7.07
N GLY A 17 -0.93 -3.11 -6.88
CA GLY A 17 -2.21 -3.74 -7.30
C GLY A 17 -2.77 -4.57 -6.13
N ASP A 18 -2.00 -4.74 -5.09
CA ASP A 18 -2.49 -5.54 -3.93
C ASP A 18 -3.50 -4.70 -3.14
N LYS A 19 -3.99 -5.23 -2.05
CA LYS A 19 -4.98 -4.47 -1.23
C LYS A 19 -4.26 -3.83 -0.04
N VAL A 20 -4.64 -2.63 0.31
CA VAL A 20 -3.99 -1.95 1.46
C VAL A 20 -5.04 -1.24 2.31
N ILE A 21 -4.74 -0.98 3.56
CA ILE A 21 -5.72 -0.30 4.44
C ILE A 21 -5.08 0.94 5.05
N ILE A 22 -5.81 2.01 5.20
CA ILE A 22 -5.24 3.25 5.79
C ILE A 22 -5.49 3.27 7.30
N THR A 23 -4.47 3.50 8.08
CA THR A 23 -4.66 3.53 9.55
C THR A 23 -4.62 4.97 10.04
N GLU A 24 -4.28 5.90 9.18
CA GLU A 24 -4.23 7.33 9.60
C GLU A 24 -4.88 8.19 8.52
N GLY A 25 -5.34 9.36 8.88
CA GLY A 25 -5.98 10.24 7.86
C GLY A 25 -7.49 10.02 7.88
N ALA A 26 -8.24 10.93 7.32
CA ALA A 26 -9.72 10.78 7.29
C ALA A 26 -10.09 9.55 6.45
N PHE A 27 -9.19 9.11 5.61
CA PHE A 27 -9.49 7.92 4.76
C PHE A 27 -9.14 6.64 5.53
N GLU A 28 -8.93 6.76 6.82
CA GLU A 28 -8.59 5.56 7.62
C GLU A 28 -9.77 4.58 7.61
N GLY A 29 -9.50 3.31 7.51
CA GLY A 29 -10.60 2.31 7.49
C GLY A 29 -11.04 2.06 6.04
N PHE A 30 -10.42 2.71 5.10
CA PHE A 30 -10.79 2.52 3.67
C PHE A 30 -9.73 1.67 2.98
N GLN A 31 -10.14 0.74 2.16
CA GLN A 31 -9.15 -0.13 1.46
C GLN A 31 -8.64 0.60 0.20
N ALA A 32 -7.41 0.35 -0.17
CA ALA A 32 -6.86 1.02 -1.38
C ALA A 32 -5.91 0.06 -2.10
N ILE A 33 -5.65 0.29 -3.36
CA ILE A 33 -4.75 -0.62 -4.12
C ILE A 33 -3.55 0.18 -4.63
N PHE A 34 -2.36 -0.33 -4.45
CA PHE A 34 -1.15 0.41 -4.93
C PHE A 34 -1.26 0.63 -6.45
N THR A 35 -1.34 1.86 -6.86
CA THR A 35 -1.46 2.14 -8.33
C THR A 35 -0.06 2.16 -8.95
N GLU A 36 0.94 2.52 -8.19
CA GLU A 36 2.32 2.56 -8.73
C GLU A 36 3.23 3.35 -7.80
N PRO A 37 3.78 2.68 -6.79
CA PRO A 37 4.68 3.32 -5.81
C PRO A 37 6.02 3.71 -6.42
N ASP A 38 6.44 4.93 -6.23
CA ASP A 38 7.74 5.37 -6.81
C ASP A 38 8.89 4.64 -6.10
N GLY A 39 8.69 4.23 -4.88
CA GLY A 39 9.77 3.52 -4.15
C GLY A 39 9.21 2.96 -2.84
N GLU A 40 10.03 2.26 -2.08
CA GLU A 40 9.55 1.69 -0.80
C GLU A 40 9.21 2.82 0.18
N ALA A 41 9.82 3.96 0.02
CA ALA A 41 9.53 5.09 0.93
C ALA A 41 8.09 5.58 0.70
N ARG A 42 7.81 6.09 -0.47
CA ARG A 42 6.43 6.57 -0.75
C ARG A 42 5.72 5.60 -1.69
N SER A 43 4.42 5.59 -1.68
CA SER A 43 3.67 4.66 -2.58
C SER A 43 2.35 5.29 -2.99
N MET A 44 1.83 4.94 -4.14
CA MET A 44 0.55 5.54 -4.60
C MET A 44 -0.60 4.55 -4.35
N LEU A 45 -1.58 4.93 -3.60
CA LEU A 45 -2.72 4.01 -3.32
C LEU A 45 -3.99 4.57 -3.95
N LEU A 46 -4.88 3.71 -4.39
CA LEU A 46 -6.14 4.19 -5.03
C LEU A 46 -7.29 4.06 -4.04
N LEU A 47 -8.00 5.14 -3.79
CA LEU A 47 -9.14 5.07 -2.84
C LEU A 47 -10.45 4.92 -3.63
N ASN A 48 -11.25 3.94 -3.29
CA ASN A 48 -12.53 3.76 -4.02
C ASN A 48 -13.69 4.23 -3.16
N LEU A 49 -14.36 5.28 -3.57
CA LEU A 49 -15.51 5.79 -2.77
C LEU A 49 -16.82 5.33 -3.40
N ILE A 50 -17.84 5.14 -2.61
CA ILE A 50 -19.15 4.69 -3.18
C ILE A 50 -19.70 5.77 -4.10
N ASN A 51 -19.11 6.94 -4.09
CA ASN A 51 -19.62 8.04 -4.96
C ASN A 51 -18.77 8.09 -6.24
N LYS A 52 -17.47 8.06 -6.11
CA LYS A 52 -16.61 8.12 -7.32
C LYS A 52 -15.23 7.55 -6.99
N GLU A 53 -14.44 7.27 -7.98
CA GLU A 53 -13.08 6.70 -7.73
C GLU A 53 -12.08 7.86 -7.60
N ILE A 54 -11.07 7.70 -6.78
CA ILE A 54 -10.07 8.80 -6.62
C ILE A 54 -8.67 8.21 -6.44
N LYS A 55 -7.66 8.93 -6.83
CA LYS A 55 -6.27 8.42 -6.66
C LYS A 55 -5.50 9.37 -5.74
N HIS A 56 -4.74 8.83 -4.82
CA HIS A 56 -3.98 9.71 -3.89
C HIS A 56 -2.67 9.01 -3.50
N SER A 57 -1.58 9.73 -3.51
CA SER A 57 -0.27 9.12 -3.13
C SER A 57 -0.09 9.22 -1.62
N VAL A 58 0.01 8.10 -0.94
CA VAL A 58 0.18 8.14 0.53
C VAL A 58 1.49 7.45 0.92
N LYS A 59 2.10 7.86 1.99
CA LYS A 59 3.38 7.22 2.42
C LYS A 59 3.08 5.88 3.08
N ASN A 60 4.02 4.97 3.03
CA ASN A 60 3.80 3.63 3.65
C ASN A 60 3.64 3.79 5.17
N THR A 61 4.02 4.92 5.69
CA THR A 61 3.90 5.15 7.16
C THR A 61 2.52 5.71 7.49
N GLU A 62 1.88 6.34 6.54
CA GLU A 62 0.53 6.92 6.80
C GLU A 62 -0.51 5.80 6.73
N PHE A 63 -0.21 4.72 6.05
CA PHE A 63 -1.18 3.61 5.95
C PHE A 63 -0.45 2.28 6.16
N ARG A 64 -1.18 1.19 6.23
CA ARG A 64 -0.52 -0.13 6.43
C ARG A 64 -1.20 -1.18 5.55
N LYS A 65 -0.57 -2.31 5.37
CA LYS A 65 -1.18 -3.37 4.52
C LYS A 65 -2.14 -4.22 5.37
N LEU A 66 -3.37 -4.37 4.94
CA LEU A 66 -4.34 -5.18 5.72
C LEU A 66 -3.99 -6.66 5.58
N GLY A 1 13.96 -19.04 -9.86
CA GLY A 1 12.77 -19.10 -8.97
C GLY A 1 13.15 -19.78 -7.65
N ALA A 2 13.81 -19.07 -6.77
CA ALA A 2 14.20 -19.68 -5.47
C ALA A 2 12.95 -20.01 -4.67
N MET A 3 12.96 -21.12 -3.98
CA MET A 3 11.76 -21.51 -3.17
C MET A 3 11.50 -20.44 -2.10
N GLY A 4 12.53 -19.84 -1.58
CA GLY A 4 12.33 -18.79 -0.54
C GLY A 4 12.71 -17.42 -1.11
N PRO A 5 12.47 -16.35 -0.34
CA PRO A 5 12.78 -14.98 -0.76
C PRO A 5 14.29 -14.73 -0.81
N LYS A 6 14.72 -13.82 -1.65
CA LYS A 6 16.18 -13.54 -1.75
C LYS A 6 16.58 -12.56 -0.63
N ASP A 7 17.77 -12.69 -0.11
CA ASP A 7 18.22 -11.77 0.97
C ASP A 7 18.24 -10.34 0.43
N ILE A 8 18.55 -10.18 -0.83
CA ILE A 8 18.59 -8.81 -1.42
C ILE A 8 17.31 -8.05 -1.04
N VAL A 9 16.17 -8.69 -1.18
CA VAL A 9 14.90 -8.00 -0.83
C VAL A 9 14.06 -8.90 0.08
N ASP A 10 13.38 -8.33 1.03
CA ASP A 10 12.55 -9.17 1.96
C ASP A 10 11.09 -9.14 1.49
N PRO A 11 10.27 -10.08 2.00
CA PRO A 11 8.85 -10.18 1.65
C PRO A 11 8.00 -9.17 2.42
N ALA A 12 8.53 -8.00 2.71
CA ALA A 12 7.75 -6.99 3.47
C ALA A 12 7.16 -5.96 2.49
N THR A 13 7.81 -5.77 1.37
CA THR A 13 7.30 -4.79 0.38
C THR A 13 5.97 -5.28 -0.19
N PRO A 14 4.97 -4.39 -0.23
CA PRO A 14 3.63 -4.73 -0.75
C PRO A 14 3.65 -4.94 -2.26
N TYR A 15 3.05 -6.00 -2.73
CA TYR A 15 3.03 -6.26 -4.20
C TYR A 15 1.93 -5.40 -4.84
N PRO A 16 2.04 -5.15 -6.15
CA PRO A 16 1.06 -4.35 -6.89
C PRO A 16 -0.27 -5.08 -7.05
N GLY A 17 -1.35 -4.43 -6.75
CA GLY A 17 -2.68 -5.10 -6.88
C GLY A 17 -3.16 -5.55 -5.50
N ASP A 18 -2.28 -5.59 -4.54
CA ASP A 18 -2.68 -6.02 -3.18
C ASP A 18 -3.65 -5.01 -2.58
N LYS A 19 -4.49 -5.42 -1.68
CA LYS A 19 -5.46 -4.48 -1.05
C LYS A 19 -4.77 -3.70 0.07
N VAL A 20 -5.06 -2.44 0.19
CA VAL A 20 -4.42 -1.63 1.27
C VAL A 20 -5.50 -0.94 2.10
N ILE A 21 -5.20 -0.67 3.35
CA ILE A 21 -6.22 -0.01 4.22
C ILE A 21 -5.63 1.30 4.77
N ILE A 22 -6.45 2.30 4.93
CA ILE A 22 -5.95 3.60 5.47
C ILE A 22 -6.07 3.60 7.00
N THR A 23 -5.02 3.92 7.69
CA THR A 23 -5.09 3.95 9.18
C THR A 23 -4.88 5.38 9.68
N GLU A 24 -4.53 6.28 8.79
CA GLU A 24 -4.31 7.69 9.22
C GLU A 24 -4.88 8.63 8.16
N GLY A 25 -5.28 9.81 8.55
CA GLY A 25 -5.85 10.77 7.57
C GLY A 25 -7.37 10.62 7.52
N ALA A 26 -8.06 11.55 6.90
CA ALA A 26 -9.54 11.46 6.82
C ALA A 26 -9.93 10.27 5.94
N PHE A 27 -8.99 9.72 5.22
CA PHE A 27 -9.32 8.55 4.35
C PHE A 27 -9.15 7.26 5.15
N GLU A 28 -9.05 7.36 6.45
CA GLU A 28 -8.89 6.14 7.29
C GLU A 28 -10.14 5.26 7.15
N GLY A 29 -9.96 3.99 6.93
CA GLY A 29 -11.14 3.08 6.80
C GLY A 29 -11.45 2.88 5.32
N PHE A 30 -10.69 3.46 4.44
CA PHE A 30 -10.96 3.30 2.99
C PHE A 30 -10.02 2.24 2.40
N GLN A 31 -10.54 1.37 1.59
CA GLN A 31 -9.67 0.31 0.99
C GLN A 31 -9.06 0.83 -0.31
N ALA A 32 -7.80 0.59 -0.52
CA ALA A 32 -7.15 1.08 -1.77
C ALA A 32 -6.22 -0.01 -2.33
N ILE A 33 -5.80 0.14 -3.55
CA ILE A 33 -4.90 -0.87 -4.16
C ILE A 33 -3.59 -0.20 -4.58
N PHE A 34 -2.49 -0.87 -4.42
CA PHE A 34 -1.19 -0.28 -4.82
C PHE A 34 -1.21 0.08 -6.30
N THR A 35 -1.35 1.34 -6.62
CA THR A 35 -1.39 1.74 -8.06
C THR A 35 0.04 1.75 -8.62
N GLU A 36 0.99 2.23 -7.86
CA GLU A 36 2.40 2.26 -8.35
C GLU A 36 3.26 3.03 -7.36
N PRO A 37 3.86 2.31 -6.40
CA PRO A 37 4.72 2.92 -5.37
C PRO A 37 6.04 3.42 -5.97
N ASP A 38 6.35 4.67 -5.78
CA ASP A 38 7.63 5.22 -6.33
C ASP A 38 8.81 4.73 -5.48
N GLY A 39 8.53 4.03 -4.41
CA GLY A 39 9.64 3.53 -3.55
C GLY A 39 9.05 2.85 -2.31
N GLU A 40 9.88 2.24 -1.51
CA GLU A 40 9.36 1.57 -0.28
C GLU A 40 8.90 2.63 0.72
N ALA A 41 9.51 3.78 0.72
CA ALA A 41 9.10 4.85 1.66
C ALA A 41 7.70 5.35 1.31
N ARG A 42 7.53 5.86 0.11
CA ARG A 42 6.19 6.36 -0.30
C ARG A 42 5.54 5.35 -1.24
N SER A 43 4.24 5.32 -1.28
CA SER A 43 3.55 4.35 -2.18
C SER A 43 2.27 4.99 -2.73
N MET A 44 1.86 4.61 -3.91
CA MET A 44 0.62 5.19 -4.49
C MET A 44 -0.56 4.25 -4.22
N LEU A 45 -1.60 4.77 -3.64
CA LEU A 45 -2.79 3.91 -3.35
C LEU A 45 -4.06 4.56 -3.89
N LEU A 46 -4.95 3.79 -4.44
CA LEU A 46 -6.21 4.38 -4.99
C LEU A 46 -7.34 4.19 -3.97
N LEU A 47 -7.91 5.27 -3.51
CA LEU A 47 -9.02 5.16 -2.52
C LEU A 47 -10.37 5.21 -3.24
N ASN A 48 -11.06 4.10 -3.31
CA ASN A 48 -12.38 4.09 -4.00
C ASN A 48 -13.48 4.44 -2.99
N LEU A 49 -14.30 5.41 -3.31
CA LEU A 49 -15.40 5.80 -2.38
C LEU A 49 -16.74 5.34 -2.95
N ILE A 50 -17.74 5.20 -2.11
CA ILE A 50 -19.07 4.76 -2.61
C ILE A 50 -19.66 5.83 -3.53
N ASN A 51 -19.06 6.99 -3.57
CA ASN A 51 -19.58 8.07 -4.45
C ASN A 51 -18.69 8.22 -5.67
N LYS A 52 -17.40 8.23 -5.48
CA LYS A 52 -16.47 8.37 -6.64
C LYS A 52 -15.08 7.84 -6.26
N GLU A 53 -14.37 7.29 -7.21
CA GLU A 53 -13.01 6.75 -6.89
C GLU A 53 -11.98 7.86 -7.04
N ILE A 54 -11.01 7.90 -6.16
CA ILE A 54 -9.97 8.97 -6.26
C ILE A 54 -8.58 8.34 -6.11
N LYS A 55 -7.56 9.05 -6.51
CA LYS A 55 -6.18 8.50 -6.39
C LYS A 55 -5.31 9.49 -5.61
N HIS A 56 -4.51 9.01 -4.70
CA HIS A 56 -3.65 9.93 -3.90
C HIS A 56 -2.38 9.20 -3.47
N SER A 57 -1.29 9.90 -3.35
CA SER A 57 -0.02 9.25 -2.93
C SER A 57 0.05 9.23 -1.40
N VAL A 58 0.19 8.07 -0.81
CA VAL A 58 0.26 7.98 0.66
C VAL A 58 1.53 7.23 1.08
N LYS A 59 2.08 7.57 2.21
CA LYS A 59 3.33 6.88 2.66
C LYS A 59 2.97 5.53 3.27
N ASN A 60 3.88 4.60 3.24
CA ASN A 60 3.59 3.25 3.82
C ASN A 60 3.34 3.39 5.32
N THR A 61 3.77 4.47 5.91
CA THR A 61 3.55 4.67 7.36
C THR A 61 2.15 5.21 7.60
N GLU A 62 1.57 5.84 6.61
CA GLU A 62 0.21 6.41 6.78
C GLU A 62 -0.83 5.29 6.59
N PHE A 63 -0.46 4.23 5.93
CA PHE A 63 -1.42 3.11 5.71
C PHE A 63 -0.69 1.78 5.89
N ARG A 64 -1.42 0.73 6.15
CA ARG A 64 -0.76 -0.61 6.33
C ARG A 64 -1.34 -1.60 5.33
N LYS A 65 -0.55 -2.54 4.90
CA LYS A 65 -1.05 -3.54 3.91
C LYS A 65 -1.93 -4.56 4.63
N LEU A 66 -3.05 -4.90 4.06
CA LEU A 66 -3.95 -5.89 4.71
C LEU A 66 -3.38 -7.30 4.52
N GLY A 1 12.79 -27.91 8.51
CA GLY A 1 11.57 -27.69 9.34
C GLY A 1 10.33 -28.06 8.52
N ALA A 2 9.69 -27.08 7.93
CA ALA A 2 8.47 -27.38 7.12
C ALA A 2 8.85 -28.27 5.94
N MET A 3 7.99 -29.18 5.57
CA MET A 3 8.30 -30.09 4.43
C MET A 3 8.56 -29.25 3.18
N GLY A 4 7.84 -28.18 3.00
CA GLY A 4 8.05 -27.32 1.80
C GLY A 4 9.28 -26.42 2.03
N PRO A 5 9.82 -25.84 0.94
CA PRO A 5 10.98 -24.96 1.01
C PRO A 5 10.64 -23.62 1.69
N LYS A 6 11.53 -23.12 2.50
CA LYS A 6 11.27 -21.84 3.19
C LYS A 6 12.14 -20.73 2.57
N ASP A 7 11.61 -19.55 2.44
CA ASP A 7 12.40 -18.44 1.84
C ASP A 7 13.30 -17.83 2.91
N ILE A 8 14.52 -17.52 2.55
CA ILE A 8 15.45 -16.92 3.55
C ILE A 8 14.91 -15.57 4.00
N VAL A 9 14.30 -14.83 3.12
CA VAL A 9 13.75 -13.50 3.50
C VAL A 9 12.25 -13.47 3.19
N ASP A 10 11.45 -13.06 4.14
CA ASP A 10 9.97 -13.00 3.90
C ASP A 10 9.64 -11.75 3.08
N PRO A 11 8.61 -11.85 2.23
CA PRO A 11 8.18 -10.72 1.39
C PRO A 11 7.51 -9.61 2.21
N ALA A 12 8.27 -8.98 3.07
CA ALA A 12 7.68 -7.89 3.90
C ALA A 12 7.11 -6.81 2.99
N THR A 13 7.76 -6.51 1.91
CA THR A 13 7.25 -5.46 0.97
C THR A 13 6.01 -5.99 0.25
N PRO A 14 4.93 -5.20 0.25
CA PRO A 14 3.67 -5.58 -0.41
C PRO A 14 3.80 -5.58 -1.93
N TYR A 15 3.02 -6.39 -2.60
CA TYR A 15 3.10 -6.44 -4.09
C TYR A 15 2.11 -5.43 -4.68
N PRO A 16 2.34 -5.03 -5.94
CA PRO A 16 1.47 -4.07 -6.63
C PRO A 16 0.10 -4.68 -6.97
N GLY A 17 -0.95 -3.97 -6.73
CA GLY A 17 -2.30 -4.51 -7.03
C GLY A 17 -2.90 -5.15 -5.78
N ASP A 18 -2.10 -5.34 -4.77
CA ASP A 18 -2.61 -5.97 -3.52
C ASP A 18 -3.61 -5.02 -2.84
N LYS A 19 -4.22 -5.44 -1.77
CA LYS A 19 -5.19 -4.56 -1.07
C LYS A 19 -4.50 -3.88 0.12
N VAL A 20 -4.78 -2.63 0.35
CA VAL A 20 -4.14 -1.91 1.48
C VAL A 20 -5.19 -1.09 2.23
N ILE A 21 -5.02 -0.90 3.51
CA ILE A 21 -6.01 -0.12 4.29
C ILE A 21 -5.31 1.09 4.93
N ILE A 22 -5.97 2.21 4.98
CA ILE A 22 -5.35 3.41 5.60
C ILE A 22 -5.71 3.49 7.08
N THR A 23 -4.74 3.66 7.94
CA THR A 23 -5.04 3.73 9.39
C THR A 23 -4.91 5.18 9.87
N GLU A 24 -4.40 6.04 9.03
CA GLU A 24 -4.25 7.47 9.44
C GLU A 24 -4.71 8.37 8.29
N GLY A 25 -5.07 9.59 8.59
CA GLY A 25 -5.52 10.51 7.52
C GLY A 25 -7.05 10.52 7.46
N ALA A 26 -7.63 11.48 6.79
CA ALA A 26 -9.11 11.53 6.70
C ALA A 26 -9.62 10.35 5.86
N PHE A 27 -8.77 9.78 5.06
CA PHE A 27 -9.20 8.62 4.22
C PHE A 27 -9.01 7.32 5.00
N GLU A 28 -8.82 7.42 6.30
CA GLU A 28 -8.62 6.20 7.12
C GLU A 28 -9.89 5.34 7.06
N GLY A 29 -9.74 4.05 6.91
CA GLY A 29 -10.94 3.16 6.85
C GLY A 29 -11.31 2.90 5.38
N PHE A 30 -10.56 3.44 4.47
CA PHE A 30 -10.86 3.21 3.03
C PHE A 30 -9.85 2.23 2.43
N GLN A 31 -10.33 1.19 1.79
CA GLN A 31 -9.40 0.19 1.19
C GLN A 31 -8.82 0.75 -0.10
N ALA A 32 -7.54 0.61 -0.30
CA ALA A 32 -6.92 1.14 -1.55
C ALA A 32 -6.01 0.07 -2.17
N ILE A 33 -5.63 0.23 -3.41
CA ILE A 33 -4.74 -0.77 -4.06
C ILE A 33 -3.48 -0.07 -4.57
N PHE A 34 -2.33 -0.68 -4.38
CA PHE A 34 -1.08 -0.05 -4.85
C PHE A 34 -1.14 0.18 -6.36
N THR A 35 -1.38 1.41 -6.77
CA THR A 35 -1.46 1.70 -8.22
C THR A 35 -0.05 1.80 -8.80
N GLU A 36 0.87 2.34 -8.04
CA GLU A 36 2.28 2.46 -8.54
C GLU A 36 3.08 3.33 -7.57
N PRO A 37 3.67 2.70 -6.55
CA PRO A 37 4.47 3.40 -5.53
C PRO A 37 5.79 3.91 -6.11
N ASP A 38 6.11 5.15 -5.86
CA ASP A 38 7.39 5.72 -6.40
C ASP A 38 8.58 5.01 -5.72
N GLY A 39 8.42 4.62 -4.49
CA GLY A 39 9.54 3.94 -3.79
C GLY A 39 9.00 3.23 -2.54
N GLU A 40 9.87 2.60 -1.78
CA GLU A 40 9.40 1.89 -0.56
C GLU A 40 8.97 2.91 0.50
N ALA A 41 9.57 4.08 0.48
CA ALA A 41 9.20 5.12 1.48
C ALA A 41 7.75 5.56 1.24
N ARG A 42 7.46 6.07 0.07
CA ARG A 42 6.07 6.52 -0.22
C ARG A 42 5.43 5.56 -1.23
N SER A 43 4.13 5.51 -1.28
CA SER A 43 3.45 4.61 -2.25
C SER A 43 2.15 5.24 -2.73
N MET A 44 1.68 4.84 -3.87
CA MET A 44 0.40 5.42 -4.40
C MET A 44 -0.75 4.46 -4.11
N LEU A 45 -1.80 4.95 -3.50
CA LEU A 45 -2.96 4.08 -3.19
C LEU A 45 -4.24 4.69 -3.75
N LEU A 46 -5.07 3.88 -4.38
CA LEU A 46 -6.33 4.42 -4.94
C LEU A 46 -7.45 4.27 -3.92
N LEU A 47 -8.11 5.34 -3.56
CA LEU A 47 -9.20 5.26 -2.57
C LEU A 47 -10.56 5.18 -3.28
N ASN A 48 -11.19 4.04 -3.25
CA ASN A 48 -12.51 3.90 -3.94
C ASN A 48 -13.62 4.40 -3.01
N LEU A 49 -14.42 5.32 -3.48
CA LEU A 49 -15.52 5.86 -2.63
C LEU A 49 -16.87 5.56 -3.30
N ILE A 50 -17.89 5.31 -2.53
CA ILE A 50 -19.22 5.02 -3.12
C ILE A 50 -19.61 6.15 -4.08
N ASN A 51 -19.32 7.37 -3.73
CA ASN A 51 -19.67 8.51 -4.61
C ASN A 51 -18.83 8.45 -5.89
N LYS A 52 -17.55 8.20 -5.77
CA LYS A 52 -16.69 8.14 -6.98
C LYS A 52 -15.33 7.54 -6.61
N GLU A 53 -14.50 7.28 -7.59
CA GLU A 53 -13.17 6.70 -7.29
C GLU A 53 -12.09 7.78 -7.41
N ILE A 54 -11.26 7.92 -6.41
CA ILE A 54 -10.20 8.97 -6.46
C ILE A 54 -8.83 8.32 -6.24
N LYS A 55 -7.77 8.99 -6.61
CA LYS A 55 -6.42 8.41 -6.41
C LYS A 55 -5.56 9.39 -5.62
N HIS A 56 -4.87 8.92 -4.62
CA HIS A 56 -4.01 9.82 -3.80
C HIS A 56 -2.76 9.06 -3.34
N SER A 57 -1.64 9.72 -3.32
CA SER A 57 -0.38 9.03 -2.87
C SER A 57 -0.39 8.91 -1.34
N VAL A 58 0.08 7.80 -0.83
CA VAL A 58 0.10 7.61 0.65
C VAL A 58 1.43 6.96 1.05
N LYS A 59 1.93 7.31 2.21
CA LYS A 59 3.22 6.72 2.66
C LYS A 59 2.95 5.45 3.48
N ASN A 60 3.82 4.48 3.38
CA ASN A 60 3.61 3.21 4.14
C ASN A 60 3.30 3.53 5.61
N THR A 61 3.80 4.63 6.11
CA THR A 61 3.53 4.97 7.53
C THR A 61 2.13 5.57 7.68
N GLU A 62 1.57 6.07 6.61
CA GLU A 62 0.21 6.66 6.71
C GLU A 62 -0.83 5.56 6.49
N PHE A 63 -0.44 4.48 5.89
CA PHE A 63 -1.40 3.36 5.65
C PHE A 63 -0.74 2.03 6.00
N ARG A 64 -1.52 0.98 6.10
CA ARG A 64 -0.94 -0.35 6.44
C ARG A 64 -1.46 -1.39 5.45
N LYS A 65 -0.59 -2.26 4.98
CA LYS A 65 -1.03 -3.30 4.01
C LYS A 65 -1.77 -4.41 4.76
N LEU A 66 -2.74 -5.02 4.14
CA LEU A 66 -3.49 -6.11 4.81
C LEU A 66 -2.77 -7.44 4.57
N GLY A 1 12.98 -6.75 9.82
CA GLY A 1 12.48 -6.51 8.43
C GLY A 1 13.67 -6.32 7.49
N ALA A 2 13.89 -5.12 7.03
CA ALA A 2 15.04 -4.87 6.11
C ALA A 2 16.34 -5.20 6.82
N MET A 3 16.41 -4.96 8.10
CA MET A 3 17.66 -5.26 8.86
C MET A 3 18.03 -6.73 8.66
N GLY A 4 17.05 -7.60 8.63
CA GLY A 4 17.35 -9.05 8.44
C GLY A 4 17.95 -9.27 7.06
N PRO A 5 18.87 -10.25 6.94
CA PRO A 5 19.52 -10.57 5.67
C PRO A 5 18.56 -11.23 4.68
N LYS A 6 18.87 -11.17 3.41
CA LYS A 6 17.96 -11.78 2.40
C LYS A 6 16.60 -11.10 2.45
N ASP A 7 16.57 -9.80 2.34
CA ASP A 7 15.26 -9.08 2.39
C ASP A 7 14.37 -9.56 1.25
N ILE A 8 14.95 -9.87 0.12
CA ILE A 8 14.14 -10.34 -1.04
C ILE A 8 13.47 -11.67 -0.68
N VAL A 9 14.11 -12.46 0.13
CA VAL A 9 13.52 -13.77 0.52
C VAL A 9 12.21 -13.52 1.30
N ASP A 10 12.21 -12.55 2.17
CA ASP A 10 10.97 -12.27 2.95
C ASP A 10 10.16 -11.18 2.25
N PRO A 11 9.00 -11.55 1.69
CA PRO A 11 8.12 -10.62 0.98
C PRO A 11 7.46 -9.63 1.94
N ALA A 12 8.22 -8.96 2.76
CA ALA A 12 7.63 -7.98 3.71
C ALA A 12 7.12 -6.76 2.95
N THR A 13 7.78 -6.40 1.88
CA THR A 13 7.34 -5.22 1.09
C THR A 13 6.06 -5.56 0.34
N PRO A 14 5.10 -4.62 0.30
CA PRO A 14 3.82 -4.81 -0.40
C PRO A 14 4.00 -4.82 -1.91
N TYR A 15 3.20 -5.59 -2.60
CA TYR A 15 3.32 -5.65 -4.09
C TYR A 15 2.12 -4.94 -4.72
N PRO A 16 2.25 -4.55 -6.00
CA PRO A 16 1.19 -3.87 -6.73
C PRO A 16 -0.01 -4.79 -7.01
N GLY A 17 -1.20 -4.30 -6.80
CA GLY A 17 -2.40 -5.15 -7.05
C GLY A 17 -2.91 -5.71 -5.71
N ASP A 18 -2.16 -5.53 -4.66
CA ASP A 18 -2.61 -6.05 -3.34
C ASP A 18 -3.52 -5.03 -2.66
N LYS A 19 -4.30 -5.45 -1.72
CA LYS A 19 -5.22 -4.49 -1.03
C LYS A 19 -4.49 -3.85 0.15
N VAL A 20 -4.77 -2.61 0.44
CA VAL A 20 -4.09 -1.93 1.57
C VAL A 20 -5.13 -1.20 2.42
N ILE A 21 -4.86 -1.02 3.69
CA ILE A 21 -5.83 -0.33 4.57
C ILE A 21 -5.16 0.90 5.21
N ILE A 22 -5.88 1.98 5.33
CA ILE A 22 -5.28 3.20 5.94
C ILE A 22 -5.58 3.21 7.44
N THR A 23 -4.59 3.47 8.26
CA THR A 23 -4.82 3.50 9.73
C THR A 23 -4.69 4.93 10.24
N GLU A 24 -4.41 5.86 9.37
CA GLU A 24 -4.27 7.28 9.81
C GLU A 24 -4.83 8.21 8.74
N GLY A 25 -5.23 9.39 9.12
CA GLY A 25 -5.80 10.34 8.12
C GLY A 25 -7.31 10.15 8.02
N ALA A 26 -8.00 11.08 7.44
CA ALA A 26 -9.48 10.95 7.30
C ALA A 26 -9.81 9.74 6.43
N PHE A 27 -8.86 9.30 5.65
CA PHE A 27 -9.12 8.12 4.76
C PHE A 27 -8.95 6.83 5.55
N GLU A 28 -8.79 6.93 6.85
CA GLU A 28 -8.62 5.71 7.68
C GLU A 28 -9.88 4.84 7.58
N GLY A 29 -9.71 3.55 7.47
CA GLY A 29 -10.91 2.66 7.37
C GLY A 29 -11.29 2.48 5.89
N PHE A 30 -10.56 3.10 5.01
CA PHE A 30 -10.89 2.97 3.56
C PHE A 30 -9.91 2.00 2.90
N GLN A 31 -10.39 1.14 2.05
CA GLN A 31 -9.48 0.16 1.38
C GLN A 31 -8.95 0.78 0.08
N ALA A 32 -7.73 0.52 -0.26
CA ALA A 32 -7.15 1.09 -1.51
C ALA A 32 -6.24 0.05 -2.17
N ILE A 33 -5.97 0.20 -3.44
CA ILE A 33 -5.09 -0.78 -4.13
C ILE A 33 -3.82 -0.06 -4.61
N PHE A 34 -2.67 -0.67 -4.44
CA PHE A 34 -1.41 -0.03 -4.89
C PHE A 34 -1.48 0.25 -6.39
N THR A 35 -1.64 1.49 -6.77
CA THR A 35 -1.72 1.83 -8.21
C THR A 35 -0.31 1.82 -8.79
N GLU A 36 0.67 2.21 -8.02
CA GLU A 36 2.07 2.22 -8.53
C GLU A 36 2.94 3.08 -7.61
N PRO A 37 3.63 2.45 -6.66
CA PRO A 37 4.50 3.14 -5.71
C PRO A 37 5.74 3.74 -6.39
N ASP A 38 5.96 5.01 -6.27
CA ASP A 38 7.14 5.64 -6.91
C ASP A 38 8.41 5.15 -6.22
N GLY A 39 8.35 4.89 -4.94
CA GLY A 39 9.55 4.41 -4.22
C GLY A 39 9.13 3.51 -3.05
N GLU A 40 10.08 2.92 -2.37
CA GLU A 40 9.73 2.04 -1.23
C GLU A 40 9.19 2.89 -0.08
N ALA A 41 9.63 4.12 0.02
CA ALA A 41 9.13 4.99 1.12
C ALA A 41 7.65 5.32 0.88
N ARG A 42 7.37 6.18 -0.07
CA ARG A 42 5.95 6.55 -0.35
C ARG A 42 5.37 5.59 -1.39
N SER A 43 4.07 5.47 -1.44
CA SER A 43 3.45 4.56 -2.44
C SER A 43 2.15 5.19 -2.96
N MET A 44 1.69 4.75 -4.10
CA MET A 44 0.44 5.31 -4.66
C MET A 44 -0.72 4.35 -4.40
N LEU A 45 -1.73 4.80 -3.69
CA LEU A 45 -2.89 3.90 -3.40
C LEU A 45 -4.15 4.49 -4.02
N LEU A 46 -5.07 3.66 -4.42
CA LEU A 46 -6.33 4.17 -5.02
C LEU A 46 -7.45 4.16 -3.97
N LEU A 47 -8.05 5.29 -3.73
CA LEU A 47 -9.15 5.35 -2.72
C LEU A 47 -10.50 5.26 -3.43
N ASN A 48 -11.21 4.17 -3.26
CA ASN A 48 -12.53 4.03 -3.92
C ASN A 48 -13.58 4.83 -3.13
N LEU A 49 -14.23 5.77 -3.77
CA LEU A 49 -15.26 6.57 -3.06
C LEU A 49 -16.64 6.24 -3.63
N ILE A 50 -17.64 6.19 -2.79
CA ILE A 50 -19.01 5.86 -3.26
C ILE A 50 -19.37 6.78 -4.44
N ASN A 51 -18.85 7.98 -4.45
CA ASN A 51 -19.15 8.92 -5.56
C ASN A 51 -18.36 8.52 -6.80
N LYS A 52 -17.07 8.42 -6.69
CA LYS A 52 -16.23 8.03 -7.86
C LYS A 52 -14.88 7.50 -7.38
N GLU A 53 -14.09 6.96 -8.27
CA GLU A 53 -12.77 6.42 -7.86
C GLU A 53 -11.73 7.53 -7.93
N ILE A 54 -10.96 7.71 -6.88
CA ILE A 54 -9.93 8.80 -6.89
C ILE A 54 -8.56 8.18 -6.60
N LYS A 55 -7.51 8.80 -7.09
CA LYS A 55 -6.14 8.26 -6.84
C LYS A 55 -5.40 9.20 -5.89
N HIS A 56 -4.85 8.66 -4.83
CA HIS A 56 -4.11 9.51 -3.86
C HIS A 56 -2.86 8.77 -3.37
N SER A 57 -1.74 9.44 -3.37
CA SER A 57 -0.49 8.77 -2.90
C SER A 57 -0.47 8.73 -1.37
N VAL A 58 -0.01 7.65 -0.79
CA VAL A 58 0.02 7.57 0.69
C VAL A 58 1.36 7.00 1.14
N LYS A 59 1.85 7.40 2.28
CA LYS A 59 3.15 6.89 2.77
C LYS A 59 2.93 5.64 3.63
N ASN A 60 3.76 4.65 3.49
CA ASN A 60 3.60 3.40 4.29
C ASN A 60 3.33 3.75 5.75
N THR A 61 3.81 4.88 6.21
CA THR A 61 3.57 5.26 7.63
C THR A 61 2.16 5.82 7.80
N GLU A 62 1.56 6.28 6.73
CA GLU A 62 0.18 6.83 6.84
C GLU A 62 -0.83 5.69 6.68
N PHE A 63 -0.41 4.60 6.09
CA PHE A 63 -1.35 3.46 5.91
C PHE A 63 -0.64 2.15 6.25
N ARG A 64 -1.38 1.08 6.37
CA ARG A 64 -0.75 -0.24 6.71
C ARG A 64 -1.28 -1.32 5.76
N LYS A 65 -0.57 -2.40 5.64
CA LYS A 65 -1.03 -3.49 4.73
C LYS A 65 -2.06 -4.36 5.46
N LEU A 66 -3.27 -4.41 4.96
CA LEU A 66 -4.32 -5.23 5.63
C LEU A 66 -4.07 -6.71 5.33
#